data_2LHN
#
_entry.id   2LHN
#
loop_
_entity.id
_entity.type
_entity.pdbx_description
1 polymer 'Nuclear polyadenylated RNA-binding protein NAB2'
2 non-polymer 'ZINC ION'
#
_entity_poly.entity_id   1
_entity_poly.type   'polypeptide(L)'
_entity_poly.pdbx_seq_one_letter_code
;GPLGSEKSLEQCKFGTHCTNKRCKYRHARSHIMCREGANCTRIDCLFGHPINEDCRFGVNCKNIYCLFRHPPGRVLPEKK
;
_entity_poly.pdbx_strand_id   A
#
# COMPACT_ATOMS: atom_id res chain seq x y z
N GLY A 1 15.26 -12.51 -11.26
CA GLY A 1 15.23 -13.96 -10.96
C GLY A 1 13.83 -14.47 -10.67
N PRO A 2 13.69 -15.71 -10.15
CA PRO A 2 12.39 -16.33 -9.86
C PRO A 2 11.53 -15.58 -8.82
N LEU A 3 10.21 -15.75 -8.91
CA LEU A 3 9.19 -15.17 -8.01
C LEU A 3 8.11 -16.21 -7.70
N GLY A 4 7.45 -16.06 -6.54
CA GLY A 4 6.33 -16.90 -6.10
C GLY A 4 4.98 -16.54 -6.75
N SER A 5 3.87 -16.74 -6.05
CA SER A 5 2.50 -16.58 -6.59
C SER A 5 1.97 -15.15 -6.64
N GLU A 6 2.74 -14.14 -6.20
CA GLU A 6 2.32 -12.75 -6.04
C GLU A 6 2.66 -11.84 -7.24
N LYS A 7 2.57 -12.36 -8.46
CA LYS A 7 3.08 -11.73 -9.68
C LYS A 7 2.20 -10.62 -10.24
N SER A 8 1.07 -10.36 -9.61
CA SER A 8 0.21 -9.25 -9.99
C SER A 8 0.78 -7.93 -9.46
N LEU A 9 1.00 -6.96 -10.34
CA LEU A 9 1.66 -5.70 -10.00
C LEU A 9 0.74 -4.68 -9.28
N GLU A 10 -0.57 -4.92 -9.33
CA GLU A 10 -1.56 -4.24 -8.50
C GLU A 10 -1.41 -4.67 -7.02
N GLN A 11 -2.03 -3.93 -6.10
CA GLN A 11 -1.99 -4.23 -4.66
C GLN A 11 -3.31 -4.78 -4.11
N CYS A 12 -3.15 -5.63 -3.10
CA CYS A 12 -4.19 -6.02 -2.15
C CYS A 12 -4.75 -4.82 -1.34
N LYS A 13 -6.00 -4.93 -0.90
CA LYS A 13 -6.68 -3.86 -0.14
C LYS A 13 -6.28 -3.81 1.33
N PHE A 14 -5.98 -4.95 1.96
CA PHE A 14 -5.91 -5.04 3.42
C PHE A 14 -4.49 -4.81 4.00
N GLY A 15 -3.47 -4.59 3.16
CA GLY A 15 -2.10 -4.26 3.58
C GLY A 15 -1.51 -5.26 4.58
N THR A 16 -1.18 -4.77 5.79
CA THR A 16 -0.64 -5.56 6.91
C THR A 16 -1.62 -6.63 7.42
N HIS A 17 -2.93 -6.44 7.19
CA HIS A 17 -4.01 -7.30 7.69
C HIS A 17 -4.42 -8.43 6.71
N CYS A 18 -3.87 -8.48 5.49
CA CYS A 18 -4.18 -9.57 4.56
C CYS A 18 -3.71 -10.93 5.12
N THR A 19 -4.60 -11.92 5.16
CA THR A 19 -4.43 -13.17 5.94
C THR A 19 -3.82 -14.34 5.16
N ASN A 20 -3.65 -14.22 3.84
CA ASN A 20 -3.14 -15.28 2.95
C ASN A 20 -1.68 -15.02 2.54
N LYS A 21 -0.81 -16.02 2.72
CA LYS A 21 0.65 -15.96 2.49
C LYS A 21 1.09 -16.21 1.04
N ARG A 22 0.17 -16.66 0.17
CA ARG A 22 0.39 -16.90 -1.28
C ARG A 22 -0.36 -15.90 -2.18
N CYS A 23 -1.03 -14.92 -1.56
CA CYS A 23 -2.01 -14.03 -2.18
C CYS A 23 -1.43 -13.21 -3.36
N LYS A 24 -2.25 -13.06 -4.42
CA LYS A 24 -1.80 -12.83 -5.80
C LYS A 24 -1.19 -11.45 -6.08
N TYR A 25 -1.44 -10.47 -5.20
CA TYR A 25 -1.17 -9.04 -5.39
C TYR A 25 0.01 -8.59 -4.52
N ARG A 26 0.48 -7.36 -4.74
CA ARG A 26 1.46 -6.74 -3.82
C ARG A 26 0.79 -6.31 -2.51
N HIS A 27 1.52 -6.44 -1.40
CA HIS A 27 1.04 -6.17 -0.04
C HIS A 27 1.94 -5.17 0.69
N ALA A 28 1.36 -4.11 1.29
CA ALA A 28 2.07 -3.20 2.19
C ALA A 28 2.23 -3.85 3.58
N ARG A 29 3.37 -4.51 3.83
CA ARG A 29 3.71 -5.16 5.11
C ARG A 29 4.66 -4.32 5.99
N SER A 30 5.33 -3.34 5.38
CA SER A 30 6.26 -2.39 6.00
C SER A 30 5.67 -0.98 6.11
N HIS A 31 6.26 -0.14 6.97
CA HIS A 31 5.86 1.26 7.19
C HIS A 31 6.43 2.25 6.14
N ILE A 32 7.25 1.77 5.22
CA ILE A 32 7.87 2.61 4.18
C ILE A 32 6.89 2.75 3.02
N MET A 33 6.56 3.96 2.56
CA MET A 33 5.84 4.18 1.30
C MET A 33 6.84 4.35 0.14
N CYS A 34 6.53 3.74 -1.00
CA CYS A 34 7.49 3.51 -2.06
C CYS A 34 7.84 4.78 -2.85
N ARG A 35 9.11 4.88 -3.29
CA ARG A 35 9.61 6.02 -4.09
C ARG A 35 9.01 6.12 -5.48
N GLU A 36 8.66 4.97 -6.07
CA GLU A 36 8.04 4.93 -7.39
C GLU A 36 6.50 4.89 -7.32
N GLY A 37 5.95 4.73 -6.11
CA GLY A 37 4.51 4.70 -5.83
C GLY A 37 3.80 3.59 -6.60
N ALA A 38 2.72 3.94 -7.29
CA ALA A 38 1.94 3.02 -8.13
C ALA A 38 2.58 2.74 -9.51
N ASN A 39 3.66 3.43 -9.89
CA ASN A 39 4.43 3.17 -11.11
C ASN A 39 5.57 2.16 -10.87
N CYS A 40 5.83 1.82 -9.61
CA CYS A 40 6.80 0.82 -9.17
C CYS A 40 6.59 -0.55 -9.86
N THR A 41 7.66 -1.13 -10.40
CA THR A 41 7.67 -2.46 -11.05
C THR A 41 8.09 -3.61 -10.12
N ARG A 42 8.37 -3.34 -8.83
CA ARG A 42 8.90 -4.33 -7.89
C ARG A 42 7.81 -5.21 -7.28
N ILE A 43 7.75 -6.49 -7.64
CA ILE A 43 6.90 -7.50 -6.97
C ILE A 43 7.40 -7.77 -5.53
N ASP A 44 8.70 -7.61 -5.30
CA ASP A 44 9.38 -7.85 -4.03
C ASP A 44 9.16 -6.74 -2.97
N CYS A 45 8.43 -5.64 -3.27
CA CYS A 45 8.24 -4.56 -2.35
C CYS A 45 7.25 -4.92 -1.24
N LEU A 46 7.69 -4.69 -0.01
CA LEU A 46 6.88 -4.75 1.21
C LEU A 46 6.28 -3.37 1.55
N PHE A 47 6.53 -2.36 0.72
CA PHE A 47 6.25 -0.96 0.97
C PHE A 47 4.79 -0.62 0.64
N GLY A 48 4.32 0.51 1.13
CA GLY A 48 3.06 1.12 0.69
C GLY A 48 3.12 1.50 -0.79
N HIS A 49 2.25 0.89 -1.59
CA HIS A 49 1.92 1.30 -2.96
C HIS A 49 0.39 1.57 -3.05
N PRO A 50 -0.08 2.63 -3.72
CA PRO A 50 -1.50 3.00 -3.74
C PRO A 50 -2.47 2.03 -4.46
N ILE A 51 -3.77 2.22 -4.17
CA ILE A 51 -4.94 1.56 -4.77
C ILE A 51 -6.00 2.62 -5.09
N ASN A 52 -6.76 2.44 -6.17
CA ASN A 52 -7.88 3.34 -6.55
C ASN A 52 -9.11 3.10 -5.65
N GLU A 53 -9.08 3.68 -4.45
CA GLU A 53 -10.11 3.56 -3.40
C GLU A 53 -10.13 4.83 -2.54
N ASP A 54 -11.26 5.16 -1.93
CA ASP A 54 -11.38 6.29 -0.99
C ASP A 54 -11.15 5.81 0.46
N CYS A 55 -10.16 6.41 1.13
CA CYS A 55 -9.83 6.10 2.54
C CYS A 55 -11.00 6.36 3.51
N ARG A 56 -11.10 5.50 4.53
CA ARG A 56 -12.10 5.54 5.60
C ARG A 56 -11.98 6.75 6.52
N PHE A 57 -10.85 7.46 6.49
CA PHE A 57 -10.53 8.58 7.39
C PHE A 57 -10.24 9.91 6.67
N GLY A 58 -9.77 9.90 5.41
CA GLY A 58 -9.54 11.10 4.60
C GLY A 58 -8.52 12.06 5.23
N VAL A 59 -9.01 13.22 5.66
CA VAL A 59 -8.21 14.26 6.35
C VAL A 59 -7.82 13.90 7.79
N ASN A 60 -8.54 12.96 8.40
CA ASN A 60 -8.32 12.48 9.77
C ASN A 60 -7.20 11.42 9.84
N CYS A 61 -6.91 10.77 8.71
CA CYS A 61 -5.88 9.76 8.53
C CYS A 61 -4.48 10.34 8.74
N LYS A 62 -3.62 9.64 9.50
CA LYS A 62 -2.22 10.01 9.76
C LYS A 62 -1.23 8.87 9.45
N ASN A 63 -1.70 7.82 8.78
CA ASN A 63 -0.88 6.71 8.31
C ASN A 63 -0.12 7.10 7.02
N ILE A 64 1.21 7.16 7.11
CA ILE A 64 2.11 7.64 6.04
C ILE A 64 2.11 6.74 4.79
N TYR A 65 1.83 5.45 4.98
CA TYR A 65 1.99 4.36 4.00
C TYR A 65 0.64 3.66 3.68
N CYS A 66 -0.46 4.40 3.79
CA CYS A 66 -1.82 3.91 3.74
C CYS A 66 -2.22 3.50 2.31
N LEU A 67 -3.13 2.52 2.24
CA LEU A 67 -3.46 1.77 1.02
C LEU A 67 -4.36 2.54 0.07
N PHE A 68 -5.18 3.44 0.60
CA PHE A 68 -6.25 4.14 -0.12
C PHE A 68 -5.92 5.63 -0.36
N ARG A 69 -6.64 6.26 -1.30
CA ARG A 69 -6.44 7.68 -1.66
C ARG A 69 -7.04 8.62 -0.62
N HIS A 70 -6.47 9.82 -0.50
CA HIS A 70 -6.86 10.85 0.46
C HIS A 70 -7.22 12.17 -0.28
N PRO A 71 -8.13 13.00 0.26
CA PRO A 71 -8.58 14.23 -0.39
C PRO A 71 -7.50 15.33 -0.43
N PRO A 72 -7.62 16.33 -1.33
CA PRO A 72 -6.73 17.49 -1.36
C PRO A 72 -6.80 18.31 -0.06
N GLY A 73 -5.68 18.90 0.35
CA GLY A 73 -5.56 19.69 1.59
C GLY A 73 -5.45 18.85 2.88
N ARG A 74 -5.19 17.53 2.77
CA ARG A 74 -4.91 16.65 3.90
C ARG A 74 -3.45 16.77 4.33
N VAL A 75 -3.20 16.72 5.63
CA VAL A 75 -1.85 16.82 6.23
C VAL A 75 -1.42 15.49 6.84
N LEU A 76 -0.12 15.20 6.76
CA LEU A 76 0.56 14.05 7.35
C LEU A 76 1.83 14.52 8.10
N PRO A 77 2.19 13.90 9.24
CA PRO A 77 3.37 14.29 10.02
C PRO A 77 4.69 13.87 9.34
N GLU A 78 5.77 14.59 9.65
CA GLU A 78 7.14 14.35 9.15
C GLU A 78 8.19 14.53 10.25
N LYS A 79 9.33 13.83 10.12
CA LYS A 79 10.57 14.06 10.89
C LYS A 79 11.74 14.14 9.90
N LYS A 80 12.23 15.36 9.63
CA LYS A 80 13.08 15.71 8.48
C LYS A 80 14.04 16.85 8.81
N GLY A 1 3.33 -20.21 2.75
CA GLY A 1 3.11 -18.91 2.10
C GLY A 1 2.43 -19.05 0.74
N PRO A 2 2.44 -18.00 -0.10
CA PRO A 2 1.77 -18.00 -1.40
C PRO A 2 2.45 -18.91 -2.43
N LEU A 3 1.67 -19.40 -3.40
CA LEU A 3 2.08 -20.36 -4.44
C LEU A 3 2.48 -19.61 -5.74
N GLY A 4 3.29 -18.56 -5.60
CA GLY A 4 3.49 -17.53 -6.64
C GLY A 4 2.27 -16.61 -6.81
N SER A 5 1.36 -16.59 -5.83
CA SER A 5 0.03 -15.97 -5.90
C SER A 5 0.01 -14.45 -6.07
N GLU A 6 1.12 -13.81 -5.70
CA GLU A 6 1.33 -12.34 -5.72
C GLU A 6 2.51 -11.91 -6.60
N LYS A 7 2.58 -12.48 -7.81
CA LYS A 7 3.37 -11.94 -8.94
C LYS A 7 2.61 -10.85 -9.71
N SER A 8 1.40 -10.54 -9.26
CA SER A 8 0.62 -9.39 -9.69
C SER A 8 1.18 -8.10 -9.08
N LEU A 9 1.30 -7.06 -9.91
CA LEU A 9 1.88 -5.76 -9.54
C LEU A 9 0.89 -4.86 -8.76
N GLU A 10 -0.40 -5.19 -8.76
CA GLU A 10 -1.42 -4.55 -7.91
C GLU A 10 -1.23 -4.93 -6.44
N GLN A 11 -1.61 -4.01 -5.54
CA GLN A 11 -1.47 -4.18 -4.08
C GLN A 11 -2.83 -4.40 -3.37
N CYS A 12 -2.83 -5.26 -2.35
CA CYS A 12 -3.99 -5.68 -1.59
C CYS A 12 -4.70 -4.56 -0.80
N LYS A 13 -5.98 -4.78 -0.50
CA LYS A 13 -6.87 -3.83 0.17
C LYS A 13 -6.53 -3.60 1.64
N PHE A 14 -5.92 -4.56 2.33
CA PHE A 14 -5.70 -4.52 3.78
C PHE A 14 -4.23 -4.35 4.21
N GLY A 15 -3.28 -4.21 3.27
CA GLY A 15 -1.87 -3.88 3.56
C GLY A 15 -1.22 -4.75 4.64
N THR A 16 -0.80 -4.12 5.75
CA THR A 16 -0.21 -4.79 6.93
C THR A 16 -1.19 -5.70 7.68
N HIS A 17 -2.49 -5.47 7.53
CA HIS A 17 -3.59 -6.18 8.21
C HIS A 17 -4.19 -7.33 7.37
N CYS A 18 -3.70 -7.57 6.14
CA CYS A 18 -4.13 -8.73 5.35
C CYS A 18 -3.63 -10.05 5.99
N THR A 19 -4.50 -11.07 6.05
CA THR A 19 -4.28 -12.33 6.79
C THR A 19 -4.28 -13.61 5.94
N ASN A 20 -4.68 -13.56 4.67
CA ASN A 20 -4.80 -14.73 3.80
C ASN A 20 -3.43 -15.24 3.29
N LYS A 21 -3.27 -16.58 3.17
CA LYS A 21 -1.97 -17.24 2.97
C LYS A 21 -1.52 -17.37 1.51
N ARG A 22 -2.48 -17.29 0.57
CA ARG A 22 -2.32 -17.43 -0.89
C ARG A 22 -2.85 -16.22 -1.66
N CYS A 23 -2.70 -15.04 -1.04
CA CYS A 23 -3.42 -13.85 -1.41
C CYS A 23 -2.86 -13.15 -2.67
N LYS A 24 -3.77 -12.59 -3.48
CA LYS A 24 -3.59 -12.44 -4.95
C LYS A 24 -2.87 -11.17 -5.41
N TYR A 25 -2.40 -10.35 -4.47
CA TYR A 25 -1.82 -9.03 -4.70
C TYR A 25 -0.59 -8.85 -3.82
N ARG A 26 0.27 -7.87 -4.12
CA ARG A 26 1.33 -7.48 -3.20
C ARG A 26 0.74 -7.00 -1.87
N HIS A 27 1.50 -7.09 -0.80
CA HIS A 27 1.11 -6.66 0.54
C HIS A 27 2.18 -5.73 1.15
N ALA A 28 1.78 -4.52 1.57
CA ALA A 28 2.67 -3.57 2.26
C ALA A 28 3.00 -4.10 3.67
N ARG A 29 4.29 -4.27 3.99
CA ARG A 29 4.80 -4.70 5.31
C ARG A 29 5.94 -3.81 5.86
N SER A 30 6.35 -2.80 5.10
CA SER A 30 7.29 -1.74 5.52
C SER A 30 6.62 -0.36 5.43
N HIS A 31 7.11 0.60 6.21
CA HIS A 31 6.49 1.92 6.41
C HIS A 31 6.73 2.93 5.26
N ILE A 32 7.54 2.57 4.25
CA ILE A 32 7.93 3.45 3.16
C ILE A 32 6.84 3.44 2.08
N MET A 33 6.32 4.60 1.68
CA MET A 33 5.61 4.78 0.40
C MET A 33 6.66 4.90 -0.72
N CYS A 34 6.49 4.10 -1.77
CA CYS A 34 7.54 3.81 -2.73
C CYS A 34 7.99 5.02 -3.58
N ARG A 35 9.28 5.05 -3.93
CA ARG A 35 9.91 6.14 -4.70
C ARG A 35 9.38 6.32 -6.12
N GLU A 36 8.90 5.24 -6.74
CA GLU A 36 8.34 5.32 -8.09
C GLU A 36 6.81 5.44 -8.07
N GLY A 37 6.20 5.28 -6.89
CA GLY A 37 4.75 5.17 -6.71
C GLY A 37 4.19 3.99 -7.49
N ALA A 38 3.15 4.24 -8.29
CA ALA A 38 2.55 3.24 -9.18
C ALA A 38 3.27 3.09 -10.53
N ASN A 39 4.39 3.82 -10.76
CA ASN A 39 5.31 3.59 -11.88
C ASN A 39 6.33 2.48 -11.55
N CYS A 40 6.37 2.05 -10.29
CA CYS A 40 7.18 0.94 -9.82
C CYS A 40 6.80 -0.38 -10.52
N THR A 41 7.78 -1.25 -10.78
CA THR A 41 7.58 -2.61 -11.34
C THR A 41 8.12 -3.71 -10.42
N ARG A 42 8.45 -3.40 -9.16
CA ARG A 42 9.12 -4.31 -8.23
C ARG A 42 8.13 -5.15 -7.43
N ILE A 43 8.07 -6.45 -7.72
CA ILE A 43 7.39 -7.45 -6.86
C ILE A 43 8.18 -7.69 -5.55
N ASP A 44 9.47 -7.35 -5.52
CA ASP A 44 10.32 -7.41 -4.33
C ASP A 44 10.08 -6.25 -3.34
N CYS A 45 9.22 -5.25 -3.64
CA CYS A 45 8.95 -4.14 -2.74
C CYS A 45 7.96 -4.53 -1.65
N LEU A 46 8.38 -4.30 -0.41
CA LEU A 46 7.55 -4.41 0.80
C LEU A 46 6.87 -3.07 1.14
N PHE A 47 7.02 -2.07 0.27
CA PHE A 47 6.64 -0.68 0.47
C PHE A 47 5.15 -0.50 0.13
N GLY A 48 4.58 0.61 0.58
CA GLY A 48 3.29 1.07 0.06
C GLY A 48 3.39 1.43 -1.42
N HIS A 49 2.49 0.90 -2.23
CA HIS A 49 2.27 1.21 -3.63
C HIS A 49 0.79 1.64 -3.82
N PRO A 50 0.48 2.65 -4.64
CA PRO A 50 -0.89 3.20 -4.74
C PRO A 50 -1.97 2.22 -5.23
N ILE A 51 -3.21 2.45 -4.80
CA ILE A 51 -4.45 1.82 -5.28
C ILE A 51 -5.43 2.93 -5.65
N ASN A 52 -6.07 2.84 -6.82
CA ASN A 52 -7.10 3.79 -7.26
C ASN A 52 -8.43 3.56 -6.51
N GLU A 53 -8.49 4.05 -5.27
CA GLU A 53 -9.58 3.85 -4.31
C GLU A 53 -9.65 5.01 -3.32
N ASP A 54 -10.82 5.28 -2.74
CA ASP A 54 -11.03 6.31 -1.71
C ASP A 54 -10.99 5.72 -0.29
N CYS A 55 -10.08 6.22 0.55
CA CYS A 55 -9.88 5.74 1.93
C CYS A 55 -11.15 5.84 2.81
N ARG A 56 -11.30 4.87 3.72
CA ARG A 56 -12.37 4.77 4.72
C ARG A 56 -12.29 5.85 5.81
N PHE A 57 -11.13 6.51 5.95
CA PHE A 57 -10.88 7.53 6.99
C PHE A 57 -10.53 8.91 6.42
N GLY A 58 -9.97 9.00 5.21
CA GLY A 58 -9.72 10.26 4.51
C GLY A 58 -8.77 11.19 5.27
N VAL A 59 -9.31 12.29 5.77
CA VAL A 59 -8.56 13.31 6.55
C VAL A 59 -8.33 12.91 8.02
N ASN A 60 -9.07 11.91 8.50
CA ASN A 60 -8.93 11.35 9.86
C ASN A 60 -7.80 10.32 9.94
N CYS A 61 -7.43 9.73 8.80
CA CYS A 61 -6.36 8.76 8.61
C CYS A 61 -4.99 9.38 8.91
N LYS A 62 -4.14 8.66 9.65
CA LYS A 62 -2.77 9.10 10.03
C LYS A 62 -1.68 8.08 9.66
N ASN A 63 -2.03 7.00 8.96
CA ASN A 63 -1.08 6.01 8.44
C ASN A 63 -0.48 6.51 7.11
N ILE A 64 0.84 6.69 7.09
CA ILE A 64 1.59 7.29 5.97
C ILE A 64 1.64 6.37 4.73
N TYR A 65 1.52 5.07 4.94
CA TYR A 65 1.69 3.97 3.97
C TYR A 65 0.40 3.15 3.82
N CYS A 66 -0.74 3.81 4.03
CA CYS A 66 -2.08 3.37 3.73
C CYS A 66 -2.32 3.50 2.21
N LEU A 67 -2.99 2.49 1.64
CA LEU A 67 -2.89 2.18 0.21
C LEU A 67 -3.99 2.82 -0.65
N PHE A 68 -5.07 3.28 -0.03
CA PHE A 68 -6.12 4.06 -0.70
C PHE A 68 -5.76 5.55 -0.71
N ARG A 69 -6.27 6.31 -1.69
CA ARG A 69 -6.02 7.75 -1.81
C ARG A 69 -6.78 8.54 -0.72
N HIS A 70 -6.25 9.72 -0.39
CA HIS A 70 -6.73 10.59 0.68
C HIS A 70 -7.06 12.00 0.14
N PRO A 71 -8.01 12.74 0.73
CA PRO A 71 -8.41 14.08 0.27
C PRO A 71 -7.29 15.13 0.33
N PRO A 72 -7.38 16.21 -0.48
CA PRO A 72 -6.53 17.39 -0.36
C PRO A 72 -6.86 18.20 0.91
N GLY A 73 -5.90 18.97 1.41
CA GLY A 73 -6.04 19.77 2.64
C GLY A 73 -6.00 18.96 3.94
N ARG A 74 -5.53 17.71 3.88
CA ARG A 74 -5.28 16.82 5.02
C ARG A 74 -4.01 17.21 5.80
N VAL A 75 -3.72 16.48 6.87
CA VAL A 75 -2.45 16.59 7.62
C VAL A 75 -1.91 15.21 8.02
N LEU A 76 -0.60 15.05 7.92
CA LEU A 76 0.18 13.86 8.31
C LEU A 76 1.50 14.31 8.98
N PRO A 77 2.05 13.56 9.95
CA PRO A 77 3.35 13.86 10.55
C PRO A 77 4.52 13.67 9.57
N GLU A 78 5.65 14.32 9.85
CA GLU A 78 6.83 14.38 8.97
C GLU A 78 8.16 14.21 9.74
N LYS A 79 9.22 13.81 9.02
CA LYS A 79 10.59 13.60 9.53
C LYS A 79 11.64 14.00 8.47
N LYS A 80 12.78 14.54 8.92
CA LYS A 80 14.03 14.68 8.14
C LYS A 80 15.21 14.17 8.97
N GLY A 1 11.09 -18.41 -3.15
CA GLY A 1 10.02 -17.48 -3.54
C GLY A 1 8.79 -17.58 -2.65
N PRO A 2 7.77 -16.73 -2.85
CA PRO A 2 6.52 -16.75 -2.09
C PRO A 2 5.65 -17.98 -2.39
N LEU A 3 4.73 -18.31 -1.47
CA LEU A 3 3.72 -19.36 -1.66
C LEU A 3 2.64 -18.87 -2.66
N GLY A 4 2.18 -19.77 -3.55
CA GLY A 4 1.30 -19.40 -4.66
C GLY A 4 2.02 -18.49 -5.67
N SER A 5 1.42 -17.34 -5.99
CA SER A 5 2.06 -16.28 -6.78
C SER A 5 1.52 -14.89 -6.40
N GLU A 6 2.41 -13.90 -6.34
CA GLU A 6 2.08 -12.47 -6.21
C GLU A 6 2.86 -11.62 -7.22
N LYS A 7 2.95 -12.11 -8.47
CA LYS A 7 3.62 -11.44 -9.59
C LYS A 7 2.71 -10.42 -10.29
N SER A 8 1.50 -10.26 -9.77
CA SER A 8 0.63 -9.12 -10.10
C SER A 8 1.18 -7.85 -9.46
N LEU A 9 1.31 -6.78 -10.25
CA LEU A 9 1.91 -5.51 -9.82
C LEU A 9 0.96 -4.64 -8.97
N GLU A 10 -0.32 -5.01 -8.88
CA GLU A 10 -1.28 -4.39 -7.96
C GLU A 10 -1.04 -4.82 -6.49
N GLN A 11 -1.49 -3.97 -5.55
CA GLN A 11 -1.39 -4.22 -4.11
C GLN A 11 -2.75 -4.52 -3.48
N CYS A 12 -2.74 -5.47 -2.53
CA CYS A 12 -3.88 -5.93 -1.76
C CYS A 12 -4.49 -4.85 -0.85
N LYS A 13 -5.82 -4.84 -0.74
CA LYS A 13 -6.58 -3.91 0.10
C LYS A 13 -6.31 -4.06 1.60
N PHE A 14 -5.92 -5.27 2.06
CA PHE A 14 -5.71 -5.57 3.48
C PHE A 14 -4.25 -5.40 3.93
N GLY A 15 -3.31 -5.12 3.00
CA GLY A 15 -1.95 -4.68 3.32
C GLY A 15 -1.21 -5.58 4.33
N THR A 16 -0.79 -4.98 5.46
CA THR A 16 -0.10 -5.64 6.57
C THR A 16 -0.96 -6.65 7.35
N HIS A 17 -2.29 -6.59 7.24
CA HIS A 17 -3.26 -7.43 7.96
C HIS A 17 -4.08 -8.37 7.04
N CYS A 18 -3.60 -8.62 5.82
CA CYS A 18 -4.16 -9.63 4.93
C CYS A 18 -4.02 -11.06 5.54
N THR A 19 -5.06 -11.87 5.42
CA THR A 19 -5.22 -13.14 6.17
C THR A 19 -4.88 -14.40 5.37
N ASN A 20 -4.68 -14.31 4.05
CA ASN A 20 -4.40 -15.44 3.16
C ASN A 20 -2.89 -15.53 2.82
N LYS A 21 -2.28 -16.70 3.07
CA LYS A 21 -0.82 -16.95 2.94
C LYS A 21 -0.32 -17.17 1.50
N ARG A 22 -1.21 -17.28 0.51
CA ARG A 22 -0.91 -17.47 -0.93
C ARG A 22 -1.52 -16.39 -1.85
N CYS A 23 -1.88 -15.26 -1.24
CA CYS A 23 -2.71 -14.21 -1.83
C CYS A 23 -2.06 -13.48 -3.04
N LYS A 24 -2.91 -13.07 -3.98
CA LYS A 24 -2.58 -12.85 -5.41
C LYS A 24 -1.87 -11.54 -5.74
N TYR A 25 -1.79 -10.60 -4.78
CA TYR A 25 -1.32 -9.24 -4.98
C TYR A 25 -0.11 -8.95 -4.09
N ARG A 26 0.58 -7.83 -4.31
CA ARG A 26 1.58 -7.34 -3.37
C ARG A 26 0.92 -7.04 -2.02
N HIS A 27 1.69 -7.09 -0.95
CA HIS A 27 1.25 -6.74 0.41
C HIS A 27 2.25 -5.77 1.07
N ALA A 28 1.80 -4.60 1.54
CA ALA A 28 2.64 -3.67 2.30
C ALA A 28 3.18 -4.34 3.58
N ARG A 29 4.41 -3.99 3.99
CA ARG A 29 5.12 -4.60 5.14
C ARG A 29 6.06 -3.63 5.87
N SER A 30 6.67 -2.69 5.13
CA SER A 30 7.34 -1.50 5.65
C SER A 30 6.32 -0.37 5.81
N HIS A 31 6.62 0.62 6.67
CA HIS A 31 5.72 1.71 7.01
C HIS A 31 5.72 2.87 5.99
N ILE A 32 6.50 2.79 4.91
CA ILE A 32 6.74 3.92 4.00
C ILE A 32 5.95 3.72 2.70
N MET A 33 5.50 4.83 2.08
CA MET A 33 4.88 4.83 0.76
C MET A 33 5.93 5.05 -0.33
N CYS A 34 5.75 4.36 -1.46
CA CYS A 34 6.83 4.13 -2.42
C CYS A 34 7.30 5.39 -3.18
N ARG A 35 8.60 5.41 -3.49
CA ARG A 35 9.27 6.47 -4.27
C ARG A 35 8.76 6.62 -5.69
N GLU A 36 8.28 5.52 -6.29
CA GLU A 36 7.75 5.50 -7.66
C GLU A 36 6.21 5.34 -7.68
N GLY A 37 5.60 5.13 -6.52
CA GLY A 37 4.15 4.99 -6.35
C GLY A 37 3.60 3.81 -7.16
N ALA A 38 2.66 4.11 -8.07
CA ALA A 38 2.10 3.14 -9.01
C ALA A 38 2.87 3.05 -10.36
N ASN A 39 3.89 3.88 -10.57
CA ASN A 39 4.83 3.76 -11.70
C ASN A 39 5.90 2.69 -11.42
N CYS A 40 6.09 2.37 -10.13
CA CYS A 40 6.99 1.35 -9.61
C CYS A 40 6.71 -0.02 -10.25
N THR A 41 7.76 -0.78 -10.59
CA THR A 41 7.66 -2.13 -11.17
C THR A 41 8.11 -3.26 -10.23
N ARG A 42 8.44 -2.94 -8.96
CA ARG A 42 9.04 -3.90 -8.02
C ARG A 42 7.99 -4.77 -7.32
N ILE A 43 8.01 -6.09 -7.57
CA ILE A 43 7.27 -7.09 -6.78
C ILE A 43 7.93 -7.31 -5.39
N ASP A 44 9.23 -7.02 -5.26
CA ASP A 44 9.97 -7.10 -4.00
C ASP A 44 9.77 -5.86 -3.08
N CYS A 45 8.96 -4.86 -3.44
CA CYS A 45 8.78 -3.66 -2.64
C CYS A 45 7.93 -3.96 -1.42
N LEU A 46 8.43 -3.55 -0.26
CA LEU A 46 7.73 -3.69 1.02
C LEU A 46 6.88 -2.46 1.34
N PHE A 47 6.82 -1.47 0.43
CA PHE A 47 6.22 -0.17 0.68
C PHE A 47 4.71 -0.22 0.39
N GLY A 48 4.00 0.77 0.91
CA GLY A 48 2.69 1.16 0.39
C GLY A 48 2.77 1.52 -1.10
N HIS A 49 1.98 0.83 -1.92
CA HIS A 49 1.75 1.11 -3.34
C HIS A 49 0.25 1.46 -3.54
N PRO A 50 -0.12 2.40 -4.45
CA PRO A 50 -1.50 2.88 -4.58
C PRO A 50 -2.55 1.82 -4.97
N ILE A 51 -3.79 2.06 -4.56
CA ILE A 51 -4.99 1.29 -4.91
C ILE A 51 -6.10 2.29 -5.29
N ASN A 52 -6.86 2.01 -6.35
CA ASN A 52 -8.02 2.80 -6.77
C ASN A 52 -9.22 2.57 -5.82
N GLU A 53 -9.16 3.19 -4.64
CA GLU A 53 -10.12 3.06 -3.54
C GLU A 53 -10.17 4.37 -2.73
N ASP A 54 -11.27 4.64 -2.01
CA ASP A 54 -11.45 5.85 -1.19
C ASP A 54 -11.33 5.56 0.31
N CYS A 55 -10.37 6.20 0.99
CA CYS A 55 -10.17 6.03 2.44
C CYS A 55 -11.37 6.48 3.29
N ARG A 56 -11.62 5.73 4.38
CA ARG A 56 -12.71 5.97 5.35
C ARG A 56 -12.51 7.22 6.21
N PHE A 57 -11.32 7.83 6.22
CA PHE A 57 -10.97 8.98 7.07
C PHE A 57 -10.44 10.20 6.28
N GLY A 58 -9.91 10.03 5.07
CA GLY A 58 -9.48 11.11 4.19
C GLY A 58 -8.38 11.98 4.79
N VAL A 59 -8.72 13.22 5.13
CA VAL A 59 -7.81 14.20 5.76
C VAL A 59 -7.62 14.01 7.27
N ASN A 60 -8.50 13.23 7.90
CA ASN A 60 -8.45 12.89 9.33
C ASN A 60 -7.48 11.72 9.61
N CYS A 61 -7.23 10.90 8.59
CA CYS A 61 -6.29 9.77 8.58
C CYS A 61 -4.84 10.24 8.86
N LYS A 62 -4.12 9.54 9.74
CA LYS A 62 -2.72 9.84 10.12
C LYS A 62 -1.77 8.64 9.94
N ASN A 63 -2.24 7.54 9.36
CA ASN A 63 -1.40 6.42 8.93
C ASN A 63 -0.61 6.80 7.65
N ILE A 64 0.56 6.19 7.44
CA ILE A 64 1.55 6.58 6.41
C ILE A 64 1.54 5.62 5.22
N TYR A 65 1.22 4.35 5.48
CA TYR A 65 1.19 3.21 4.55
C TYR A 65 -0.23 2.70 4.33
N CYS A 66 -1.19 3.65 4.30
CA CYS A 66 -2.61 3.43 4.14
C CYS A 66 -2.94 3.47 2.64
N LEU A 67 -3.56 2.41 2.15
CA LEU A 67 -3.48 2.03 0.74
C LEU A 67 -4.62 2.59 -0.12
N PHE A 68 -5.66 3.14 0.51
CA PHE A 68 -6.75 3.82 -0.19
C PHE A 68 -6.39 5.32 -0.33
N ARG A 69 -6.89 5.99 -1.38
CA ARG A 69 -6.55 7.39 -1.69
C ARG A 69 -7.10 8.36 -0.65
N HIS A 70 -6.42 9.50 -0.51
CA HIS A 70 -6.69 10.57 0.43
C HIS A 70 -6.81 11.93 -0.31
N PRO A 71 -7.63 12.88 0.16
CA PRO A 71 -7.77 14.21 -0.47
C PRO A 71 -6.47 15.05 -0.44
N PRO A 72 -6.34 16.06 -1.33
CA PRO A 72 -5.28 17.06 -1.26
C PRO A 72 -5.48 18.02 -0.07
N GLY A 73 -4.40 18.71 0.32
CA GLY A 73 -4.40 19.65 1.46
C GLY A 73 -4.41 18.96 2.85
N ARG A 74 -4.06 17.67 2.89
CA ARG A 74 -3.90 16.86 4.12
C ARG A 74 -2.55 17.10 4.80
N VAL A 75 -2.34 16.48 5.95
CA VAL A 75 -1.06 16.45 6.67
C VAL A 75 -0.82 15.09 7.34
N LEU A 76 0.45 14.67 7.38
CA LEU A 76 0.94 13.46 8.04
C LEU A 76 2.19 13.77 8.89
N PRO A 77 2.48 13.03 9.97
CA PRO A 77 3.68 13.22 10.78
C PRO A 77 4.96 12.84 10.03
N GLU A 78 6.10 13.40 10.46
CA GLU A 78 7.42 13.23 9.84
C GLU A 78 8.48 12.76 10.86
N LYS A 79 9.63 12.26 10.36
CA LYS A 79 10.74 11.69 11.15
C LYS A 79 10.28 10.58 12.11
N LYS A 80 9.72 9.51 11.54
CA LYS A 80 9.20 8.31 12.22
C LYS A 80 9.69 7.03 11.51
N GLY A 1 -2.85 -19.25 -13.79
CA GLY A 1 -2.64 -18.30 -12.67
C GLY A 1 -1.24 -17.69 -12.69
N PRO A 2 -0.90 -16.81 -11.73
CA PRO A 2 0.41 -16.17 -11.63
C PRO A 2 1.52 -17.18 -11.27
N LEU A 3 2.76 -16.87 -11.67
CA LEU A 3 3.94 -17.72 -11.46
C LEU A 3 4.54 -17.53 -10.04
N GLY A 4 3.71 -17.72 -9.02
CA GLY A 4 4.03 -17.52 -7.60
C GLY A 4 3.22 -16.40 -6.94
N SER A 5 3.42 -16.22 -5.63
CA SER A 5 2.68 -15.25 -4.79
C SER A 5 2.84 -13.80 -5.25
N GLU A 6 1.75 -13.03 -5.22
CA GLU A 6 1.66 -11.60 -5.47
C GLU A 6 2.46 -11.03 -6.65
N LYS A 7 2.47 -11.76 -7.77
CA LYS A 7 3.23 -11.40 -8.99
C LYS A 7 2.49 -10.42 -9.90
N SER A 8 1.27 -10.06 -9.50
CA SER A 8 0.53 -8.97 -10.09
C SER A 8 0.95 -7.63 -9.46
N LEU A 9 1.10 -6.58 -10.26
CA LEU A 9 1.57 -5.26 -9.79
C LEU A 9 0.50 -4.43 -9.06
N GLU A 10 -0.77 -4.81 -9.14
CA GLU A 10 -1.84 -4.23 -8.32
C GLU A 10 -1.70 -4.64 -6.84
N GLN A 11 -2.34 -3.89 -5.94
CA GLN A 11 -2.23 -4.09 -4.48
C GLN A 11 -3.52 -4.59 -3.82
N CYS A 12 -3.33 -5.44 -2.82
CA CYS A 12 -4.38 -5.96 -1.95
C CYS A 12 -4.99 -4.88 -1.02
N LYS A 13 -6.28 -4.97 -0.77
CA LYS A 13 -7.05 -3.98 0.01
C LYS A 13 -6.57 -3.86 1.45
N PHE A 14 -6.15 -4.96 2.08
CA PHE A 14 -5.94 -5.03 3.53
C PHE A 14 -4.47 -4.85 3.95
N GLY A 15 -3.51 -4.78 3.02
CA GLY A 15 -2.09 -4.59 3.31
C GLY A 15 -1.53 -5.59 4.34
N THR A 16 -1.01 -5.09 5.46
CA THR A 16 -0.50 -5.88 6.59
C THR A 16 -1.57 -6.74 7.30
N HIS A 17 -2.86 -6.41 7.12
CA HIS A 17 -4.00 -7.12 7.70
C HIS A 17 -4.54 -8.25 6.81
N CYS A 18 -3.99 -8.45 5.60
CA CYS A 18 -4.35 -9.58 4.73
C CYS A 18 -4.01 -10.93 5.40
N THR A 19 -4.83 -11.96 5.17
CA THR A 19 -4.86 -13.21 5.95
C THR A 19 -4.24 -14.43 5.25
N ASN A 20 -3.81 -14.31 3.99
CA ASN A 20 -3.31 -15.42 3.17
C ASN A 20 -1.88 -15.14 2.64
N LYS A 21 -0.96 -16.11 2.82
CA LYS A 21 0.46 -16.03 2.45
C LYS A 21 0.78 -16.38 0.98
N ARG A 22 -0.23 -16.82 0.20
CA ARG A 22 -0.15 -17.11 -1.24
C ARG A 22 -0.92 -16.09 -2.12
N CYS A 23 -1.42 -15.03 -1.49
CA CYS A 23 -2.35 -14.06 -2.06
C CYS A 23 -1.74 -13.27 -3.25
N LYS A 24 -2.62 -12.83 -4.15
CA LYS A 24 -2.32 -12.61 -5.59
C LYS A 24 -1.93 -11.17 -5.96
N TYR A 25 -1.93 -10.26 -5.00
CA TYR A 25 -1.75 -8.81 -5.16
C TYR A 25 -0.65 -8.34 -4.22
N ARG A 26 0.11 -7.30 -4.57
CA ARG A 26 1.18 -6.80 -3.68
C ARG A 26 0.59 -6.32 -2.34
N HIS A 27 1.33 -6.55 -1.27
CA HIS A 27 0.95 -6.24 0.12
C HIS A 27 2.03 -5.34 0.75
N ALA A 28 1.62 -4.21 1.37
CA ALA A 28 2.53 -3.39 2.18
C ALA A 28 2.95 -4.14 3.46
N ARG A 29 4.20 -3.95 3.91
CA ARG A 29 4.84 -4.66 5.05
C ARG A 29 5.71 -3.74 5.92
N SER A 30 5.86 -2.46 5.55
CA SER A 30 6.78 -1.47 6.12
C SER A 30 6.22 -0.04 6.04
N HIS A 31 6.90 0.89 6.71
CA HIS A 31 6.54 2.29 6.92
C HIS A 31 6.56 3.17 5.66
N ILE A 32 7.40 2.84 4.66
CA ILE A 32 7.75 3.80 3.60
C ILE A 32 6.70 3.75 2.47
N MET A 33 6.23 4.89 1.96
CA MET A 33 5.53 4.97 0.67
C MET A 33 6.57 5.05 -0.48
N CYS A 34 6.36 4.25 -1.52
CA CYS A 34 7.41 3.93 -2.48
C CYS A 34 7.83 5.08 -3.41
N ARG A 35 9.10 5.05 -3.84
CA ARG A 35 9.73 6.06 -4.72
C ARG A 35 9.06 6.22 -6.08
N GLU A 36 8.49 5.14 -6.59
CA GLU A 36 7.80 5.09 -7.88
C GLU A 36 6.27 5.01 -7.74
N GLY A 37 5.77 4.87 -6.51
CA GLY A 37 4.35 4.69 -6.20
C GLY A 37 3.77 3.47 -6.90
N ALA A 38 2.72 3.68 -7.70
CA ALA A 38 2.08 2.63 -8.50
C ALA A 38 2.77 2.35 -9.85
N ASN A 39 3.80 3.12 -10.21
CA ASN A 39 4.65 2.87 -11.39
C ASN A 39 5.74 1.83 -11.07
N CYS A 40 5.96 1.54 -9.78
CA CYS A 40 6.94 0.60 -9.28
C CYS A 40 6.70 -0.81 -9.81
N THR A 41 7.72 -1.42 -10.41
CA THR A 41 7.68 -2.78 -10.97
C THR A 41 8.15 -3.87 -9.99
N ARG A 42 8.42 -3.52 -8.72
CA ARG A 42 9.01 -4.43 -7.73
C ARG A 42 7.96 -5.29 -7.02
N ILE A 43 7.99 -6.61 -7.27
CA ILE A 43 7.20 -7.60 -6.50
C ILE A 43 7.77 -7.75 -5.07
N ASP A 44 9.07 -7.53 -4.91
CA ASP A 44 9.82 -7.65 -3.66
C ASP A 44 9.62 -6.47 -2.68
N CYS A 45 8.85 -5.43 -3.01
CA CYS A 45 8.72 -4.26 -2.16
C CYS A 45 7.90 -4.55 -0.89
N LEU A 46 8.38 -3.96 0.20
CA LEU A 46 7.71 -3.93 1.50
C LEU A 46 6.95 -2.61 1.71
N PHE A 47 7.05 -1.68 0.76
CA PHE A 47 6.60 -0.31 0.89
C PHE A 47 5.11 -0.21 0.57
N GLY A 48 4.48 0.89 1.01
CA GLY A 48 3.18 1.30 0.52
C GLY A 48 3.24 1.55 -1.00
N HIS A 49 2.30 0.95 -1.73
CA HIS A 49 2.02 1.22 -3.13
C HIS A 49 0.50 1.51 -3.28
N PRO A 50 0.08 2.54 -4.05
CA PRO A 50 -1.33 2.98 -4.13
C PRO A 50 -2.37 1.95 -4.62
N ILE A 51 -3.63 2.20 -4.27
CA ILE A 51 -4.86 1.58 -4.79
C ILE A 51 -5.84 2.71 -5.15
N ASN A 52 -6.57 2.57 -6.25
CA ASN A 52 -7.67 3.46 -6.61
C ASN A 52 -8.92 3.14 -5.77
N GLU A 53 -8.97 3.68 -4.54
CA GLU A 53 -10.02 3.48 -3.54
C GLU A 53 -10.14 4.75 -2.66
N ASP A 54 -11.29 4.99 -2.04
CA ASP A 54 -11.52 6.12 -1.13
C ASP A 54 -11.34 5.71 0.35
N CYS A 55 -10.38 6.32 1.05
CA CYS A 55 -10.10 6.04 2.45
C CYS A 55 -11.30 6.32 3.39
N ARG A 56 -11.40 5.50 4.45
CA ARG A 56 -12.40 5.61 5.52
C ARG A 56 -12.22 6.85 6.42
N PHE A 57 -11.08 7.53 6.32
CA PHE A 57 -10.74 8.71 7.13
C PHE A 57 -10.35 9.95 6.29
N GLY A 58 -9.84 9.76 5.07
CA GLY A 58 -9.48 10.85 4.16
C GLY A 58 -8.42 11.79 4.75
N VAL A 59 -8.81 13.04 4.97
CA VAL A 59 -7.94 14.09 5.56
C VAL A 59 -7.75 13.94 7.08
N ASN A 60 -8.49 13.03 7.74
CA ASN A 60 -8.41 12.76 9.17
C ASN A 60 -7.43 11.62 9.52
N CYS A 61 -6.96 10.89 8.51
CA CYS A 61 -6.13 9.68 8.59
C CYS A 61 -4.68 9.98 9.04
N LYS A 62 -4.13 9.17 9.96
CA LYS A 62 -2.77 9.30 10.50
C LYS A 62 -1.74 8.43 9.79
N ASN A 63 -2.17 7.40 9.05
CA ASN A 63 -1.29 6.39 8.48
C ASN A 63 -0.76 6.80 7.09
N ILE A 64 0.56 6.97 6.98
CA ILE A 64 1.28 7.41 5.77
C ILE A 64 1.22 6.37 4.65
N TYR A 65 1.34 5.09 5.02
CA TYR A 65 1.47 3.92 4.16
C TYR A 65 0.12 3.16 4.05
N CYS A 66 -0.95 3.92 4.27
CA CYS A 66 -2.33 3.54 4.05
C CYS A 66 -2.62 3.51 2.55
N LEU A 67 -3.28 2.44 2.09
CA LEU A 67 -3.32 2.06 0.68
C LEU A 67 -4.47 2.69 -0.11
N PHE A 68 -5.45 3.28 0.56
CA PHE A 68 -6.56 3.99 -0.08
C PHE A 68 -6.23 5.49 -0.21
N ARG A 69 -6.79 6.14 -1.24
CA ARG A 69 -6.51 7.55 -1.57
C ARG A 69 -7.09 8.51 -0.54
N HIS A 70 -6.45 9.68 -0.40
CA HIS A 70 -6.75 10.71 0.58
C HIS A 70 -6.97 12.06 -0.14
N PRO A 71 -7.99 12.88 0.21
CA PRO A 71 -8.21 14.18 -0.42
C PRO A 71 -7.03 15.16 -0.23
N PRO A 72 -6.92 16.21 -1.07
CA PRO A 72 -5.90 17.25 -0.92
C PRO A 72 -6.13 18.11 0.34
N GLY A 73 -5.07 18.80 0.80
CA GLY A 73 -5.10 19.61 2.03
C GLY A 73 -5.03 18.81 3.33
N ARG A 74 -4.60 17.54 3.27
CA ARG A 74 -4.37 16.63 4.41
C ARG A 74 -3.11 17.02 5.19
N VAL A 75 -2.88 16.33 6.31
CA VAL A 75 -1.57 16.29 6.99
C VAL A 75 -1.24 14.87 7.47
N LEU A 76 0.03 14.47 7.31
CA LEU A 76 0.55 13.15 7.65
C LEU A 76 1.92 13.24 8.36
N PRO A 77 2.33 12.23 9.15
CA PRO A 77 3.65 12.17 9.79
C PRO A 77 4.82 12.19 8.79
N GLU A 78 5.96 12.74 9.22
CA GLU A 78 7.24 12.73 8.49
C GLU A 78 8.41 12.48 9.46
N LYS A 79 9.40 11.68 9.04
CA LYS A 79 10.60 11.33 9.82
C LYS A 79 11.76 12.31 9.55
N LYS A 80 11.49 13.59 9.78
CA LYS A 80 12.35 14.75 9.46
C LYS A 80 12.63 15.62 10.69
N GLY A 1 -2.40 -29.28 0.63
CA GLY A 1 -2.95 -27.93 0.92
C GLY A 1 -2.99 -27.05 -0.33
N PRO A 2 -3.73 -25.93 -0.29
CA PRO A 2 -3.85 -24.99 -1.41
C PRO A 2 -2.56 -24.21 -1.68
N LEU A 3 -2.43 -23.69 -2.91
CA LEU A 3 -1.28 -22.92 -3.40
C LEU A 3 -1.73 -21.60 -4.06
N GLY A 4 -0.82 -20.64 -4.21
CA GLY A 4 -1.06 -19.34 -4.85
C GLY A 4 0.23 -18.59 -5.20
N SER A 5 0.08 -17.46 -5.88
CA SER A 5 1.20 -16.64 -6.41
C SER A 5 0.82 -15.16 -6.51
N GLU A 6 1.82 -14.27 -6.47
CA GLU A 6 1.64 -12.81 -6.32
C GLU A 6 2.32 -11.97 -7.43
N LYS A 7 2.30 -12.48 -8.67
CA LYS A 7 3.02 -11.87 -9.80
C LYS A 7 2.23 -10.74 -10.48
N SER A 8 1.04 -10.46 -9.96
CA SER A 8 0.27 -9.29 -10.30
C SER A 8 0.94 -8.04 -9.72
N LEU A 9 1.15 -7.02 -10.54
CA LEU A 9 1.87 -5.79 -10.16
C LEU A 9 1.01 -4.82 -9.32
N GLU A 10 -0.30 -5.09 -9.21
CA GLU A 10 -1.18 -4.38 -8.29
C GLU A 10 -0.88 -4.74 -6.82
N GLN A 11 -1.22 -3.81 -5.91
CA GLN A 11 -1.12 -3.99 -4.46
C GLN A 11 -2.48 -4.23 -3.81
N CYS A 12 -2.48 -5.06 -2.77
CA CYS A 12 -3.60 -5.32 -1.88
C CYS A 12 -4.15 -4.07 -1.15
N LYS A 13 -5.27 -4.26 -0.46
CA LYS A 13 -6.01 -3.20 0.25
C LYS A 13 -5.72 -3.15 1.76
N PHE A 14 -5.09 -4.20 2.33
CA PHE A 14 -4.95 -4.37 3.78
C PHE A 14 -3.51 -4.55 4.30
N GLY A 15 -2.51 -4.76 3.43
CA GLY A 15 -1.08 -4.75 3.81
C GLY A 15 -0.71 -5.69 4.96
N THR A 16 -0.23 -5.12 6.08
CA THR A 16 0.09 -5.83 7.34
C THR A 16 -1.13 -6.53 7.96
N HIS A 17 -2.33 -6.01 7.71
CA HIS A 17 -3.62 -6.53 8.20
C HIS A 17 -4.27 -7.54 7.23
N CYS A 18 -3.66 -7.81 6.06
CA CYS A 18 -4.20 -8.81 5.12
C CYS A 18 -4.20 -10.22 5.76
N THR A 19 -5.35 -10.90 5.68
CA THR A 19 -5.65 -12.16 6.39
C THR A 19 -5.49 -13.42 5.51
N ASN A 20 -5.31 -13.27 4.20
CA ASN A 20 -5.20 -14.38 3.25
C ASN A 20 -3.73 -14.83 3.07
N LYS A 21 -3.47 -16.13 3.22
CA LYS A 21 -2.13 -16.75 3.16
C LYS A 21 -1.56 -16.88 1.74
N ARG A 22 -2.43 -16.88 0.73
CA ARG A 22 -2.16 -17.15 -0.70
C ARG A 22 -2.50 -15.98 -1.63
N CYS A 23 -2.39 -14.76 -1.11
CA CYS A 23 -3.01 -13.56 -1.65
C CYS A 23 -2.31 -12.99 -2.90
N LYS A 24 -3.13 -12.54 -3.85
CA LYS A 24 -2.81 -12.39 -5.29
C LYS A 24 -1.95 -11.17 -5.66
N TYR A 25 -1.76 -10.23 -4.73
CA TYR A 25 -1.21 -8.91 -4.99
C TYR A 25 0.07 -8.65 -4.17
N ARG A 26 0.76 -7.54 -4.45
CA ARG A 26 1.79 -7.02 -3.55
C ARG A 26 1.14 -6.65 -2.20
N HIS A 27 1.90 -6.61 -1.10
CA HIS A 27 1.42 -6.23 0.23
C HIS A 27 2.38 -5.23 0.90
N ALA A 28 1.87 -4.07 1.36
CA ALA A 28 2.66 -3.10 2.12
C ALA A 28 2.89 -3.58 3.56
N ARG A 29 4.15 -3.93 3.88
CA ARG A 29 4.60 -4.38 5.21
C ARG A 29 5.89 -3.67 5.69
N SER A 30 6.39 -2.71 4.91
CA SER A 30 7.35 -1.66 5.29
C SER A 30 6.62 -0.33 5.51
N HIS A 31 7.11 0.51 6.42
CA HIS A 31 6.43 1.71 6.93
C HIS A 31 6.57 2.96 6.03
N ILE A 32 6.65 2.77 4.71
CA ILE A 32 7.01 3.84 3.76
C ILE A 32 6.31 3.66 2.40
N MET A 33 5.98 4.77 1.75
CA MET A 33 5.42 4.82 0.40
C MET A 33 6.56 4.87 -0.64
N CYS A 34 6.40 4.16 -1.75
CA CYS A 34 7.51 3.87 -2.67
C CYS A 34 7.90 5.04 -3.58
N ARG A 35 9.20 5.10 -3.95
CA ARG A 35 9.79 6.20 -4.74
C ARG A 35 9.29 6.29 -6.17
N GLU A 36 8.92 5.15 -6.75
CA GLU A 36 8.34 5.11 -8.11
C GLU A 36 6.80 5.14 -8.09
N GLY A 37 6.19 5.07 -6.90
CA GLY A 37 4.75 4.87 -6.71
C GLY A 37 4.29 3.55 -7.33
N ALA A 38 3.16 3.60 -8.02
CA ALA A 38 2.60 2.47 -8.76
C ALA A 38 3.36 2.11 -10.06
N ASN A 39 4.40 2.88 -10.42
CA ASN A 39 5.29 2.59 -11.54
C ASN A 39 6.42 1.63 -11.14
N CYS A 40 6.58 1.36 -9.83
CA CYS A 40 7.54 0.41 -9.30
C CYS A 40 7.25 -1.00 -9.85
N THR A 41 8.22 -1.63 -10.51
CA THR A 41 8.06 -2.93 -11.20
C THR A 41 8.36 -4.14 -10.31
N ARG A 42 8.60 -3.94 -9.01
CA ARG A 42 9.12 -4.97 -8.10
C ARG A 42 8.01 -5.69 -7.32
N ILE A 43 7.88 -7.00 -7.55
CA ILE A 43 6.96 -7.88 -6.79
C ILE A 43 7.42 -8.10 -5.35
N ASP A 44 8.73 -8.09 -5.11
CA ASP A 44 9.34 -8.27 -3.78
C ASP A 44 9.36 -6.99 -2.91
N CYS A 45 8.77 -5.87 -3.37
CA CYS A 45 8.91 -4.57 -2.72
C CYS A 45 7.70 -4.32 -1.81
N LEU A 46 7.99 -4.19 -0.52
CA LEU A 46 7.00 -4.23 0.57
C LEU A 46 6.63 -2.83 1.08
N PHE A 47 7.02 -1.80 0.34
CA PHE A 47 6.55 -0.43 0.48
C PHE A 47 5.05 -0.34 0.10
N GLY A 48 4.44 0.77 0.49
CA GLY A 48 3.17 1.21 -0.06
C GLY A 48 3.32 1.58 -1.55
N HIS A 49 2.73 0.76 -2.41
CA HIS A 49 2.56 0.98 -3.84
C HIS A 49 1.07 1.38 -4.05
N PRO A 50 0.76 2.65 -4.38
CA PRO A 50 -0.59 3.22 -4.28
C PRO A 50 -1.68 2.54 -5.13
N ILE A 51 -2.95 2.75 -4.75
CA ILE A 51 -4.14 2.09 -5.29
C ILE A 51 -5.22 3.14 -5.58
N ASN A 52 -5.99 2.99 -6.65
CA ASN A 52 -7.09 3.90 -7.00
C ASN A 52 -8.35 3.53 -6.18
N GLU A 53 -8.39 3.99 -4.93
CA GLU A 53 -9.41 3.68 -3.92
C GLU A 53 -9.59 4.86 -2.96
N ASP A 54 -10.75 5.02 -2.32
CA ASP A 54 -11.03 6.12 -1.37
C ASP A 54 -10.98 5.67 0.10
N CYS A 55 -10.13 6.32 0.91
CA CYS A 55 -9.86 5.92 2.29
C CYS A 55 -11.11 5.88 3.20
N ARG A 56 -11.13 4.90 4.10
CA ARG A 56 -12.13 4.72 5.17
C ARG A 56 -12.00 5.74 6.31
N PHE A 57 -10.86 6.44 6.40
CA PHE A 57 -10.61 7.50 7.39
C PHE A 57 -10.42 8.90 6.78
N GLY A 58 -9.91 9.02 5.56
CA GLY A 58 -9.81 10.28 4.82
C GLY A 58 -8.96 11.33 5.53
N VAL A 59 -9.60 12.37 6.05
CA VAL A 59 -8.96 13.47 6.81
C VAL A 59 -8.57 13.08 8.25
N ASN A 60 -9.19 12.04 8.79
CA ASN A 60 -8.94 11.52 10.15
C ASN A 60 -7.72 10.59 10.18
N CYS A 61 -7.37 10.01 9.03
CA CYS A 61 -6.26 9.10 8.79
C CYS A 61 -4.90 9.76 9.08
N LYS A 62 -4.02 9.08 9.82
CA LYS A 62 -2.64 9.51 10.13
C LYS A 62 -1.58 8.45 9.79
N ASN A 63 -1.96 7.40 9.05
CA ASN A 63 -1.03 6.43 8.47
C ASN A 63 -0.26 7.06 7.28
N ILE A 64 1.03 6.75 7.14
CA ILE A 64 1.94 7.38 6.17
C ILE A 64 1.97 6.62 4.83
N TYR A 65 1.70 5.32 4.88
CA TYR A 65 1.86 4.34 3.79
C TYR A 65 0.52 3.61 3.47
N CYS A 66 -0.59 4.35 3.57
CA CYS A 66 -1.95 3.85 3.56
C CYS A 66 -2.41 3.47 2.14
N LEU A 67 -3.25 2.43 2.06
CA LEU A 67 -3.57 1.69 0.83
C LEU A 67 -4.80 2.23 0.11
N PHE A 68 -4.92 3.56 0.15
CA PHE A 68 -6.04 4.36 -0.32
C PHE A 68 -5.58 5.80 -0.65
N ARG A 69 -6.31 6.47 -1.53
CA ARG A 69 -6.23 7.93 -1.76
C ARG A 69 -7.02 8.70 -0.68
N HIS A 70 -6.63 9.94 -0.43
CA HIS A 70 -7.17 10.79 0.64
C HIS A 70 -7.69 12.15 0.11
N PRO A 71 -8.63 12.81 0.80
CA PRO A 71 -9.15 14.13 0.41
C PRO A 71 -8.08 15.24 0.37
N PRO A 72 -8.29 16.31 -0.43
CA PRO A 72 -7.39 17.46 -0.46
C PRO A 72 -7.38 18.22 0.88
N GLY A 73 -6.23 18.81 1.22
CA GLY A 73 -6.05 19.59 2.46
C GLY A 73 -5.93 18.77 3.75
N ARG A 74 -5.77 17.44 3.66
CA ARG A 74 -5.53 16.54 4.80
C ARG A 74 -4.06 16.61 5.21
N VAL A 75 -3.80 16.55 6.51
CA VAL A 75 -2.46 16.59 7.10
C VAL A 75 -1.99 15.21 7.54
N LEU A 76 -0.70 14.95 7.37
CA LEU A 76 0.03 13.76 7.81
C LEU A 76 1.37 14.15 8.48
N PRO A 77 1.94 13.31 9.36
CA PRO A 77 3.29 13.49 9.90
C PRO A 77 4.37 13.61 8.81
N GLU A 78 5.36 14.47 9.03
CA GLU A 78 6.50 14.70 8.12
C GLU A 78 7.75 15.14 8.91
N LYS A 79 8.92 14.61 8.55
CA LYS A 79 10.25 14.92 9.13
C LYS A 79 10.30 14.80 10.67
N LYS A 80 9.60 13.80 11.22
CA LYS A 80 9.49 13.46 12.64
C LYS A 80 9.61 11.94 12.87
N GLY A 1 11.97 -16.87 -10.08
CA GLY A 1 10.87 -16.00 -9.62
C GLY A 1 10.44 -16.31 -8.19
N PRO A 2 9.69 -15.40 -7.52
CA PRO A 2 9.24 -15.57 -6.14
C PRO A 2 8.15 -16.64 -5.99
N LEU A 3 8.06 -17.26 -4.82
CA LEU A 3 7.08 -18.32 -4.51
C LEU A 3 5.68 -17.78 -4.14
N GLY A 4 5.59 -16.49 -3.81
CA GLY A 4 4.36 -15.79 -3.45
C GLY A 4 3.40 -15.54 -4.62
N SER A 5 2.11 -15.47 -4.34
CA SER A 5 1.04 -15.31 -5.36
C SER A 5 0.81 -13.87 -5.83
N GLU A 6 1.50 -12.90 -5.24
CA GLU A 6 1.33 -11.46 -5.44
C GLU A 6 2.11 -10.92 -6.64
N LYS A 7 2.02 -11.64 -7.77
CA LYS A 7 2.70 -11.34 -9.03
C LYS A 7 1.99 -10.29 -9.88
N SER A 8 0.89 -9.74 -9.36
CA SER A 8 0.26 -8.54 -9.89
C SER A 8 1.00 -7.29 -9.42
N LEU A 9 1.06 -6.27 -10.28
CA LEU A 9 1.61 -4.94 -9.91
C LEU A 9 0.63 -4.10 -9.10
N GLU A 10 -0.66 -4.46 -9.07
CA GLU A 10 -1.64 -3.86 -8.16
C GLU A 10 -1.40 -4.29 -6.70
N GLN A 11 -1.91 -3.49 -5.77
CA GLN A 11 -1.77 -3.69 -4.32
C GLN A 11 -3.10 -4.04 -3.64
N CYS A 12 -2.99 -4.89 -2.62
CA CYS A 12 -4.00 -5.10 -1.60
C CYS A 12 -4.20 -3.88 -0.69
N LYS A 13 -5.35 -3.83 -0.01
CA LYS A 13 -5.73 -2.74 0.91
C LYS A 13 -5.50 -3.04 2.40
N PHE A 14 -5.19 -4.30 2.77
CA PHE A 14 -5.03 -4.74 4.16
C PHE A 14 -3.57 -4.91 4.61
N GLY A 15 -2.59 -4.95 3.69
CA GLY A 15 -1.16 -5.07 4.02
C GLY A 15 -0.85 -6.30 4.88
N THR A 16 -0.15 -6.11 6.00
CA THR A 16 0.14 -7.17 7.00
C THR A 16 -1.10 -7.74 7.71
N HIS A 17 -2.24 -7.04 7.66
CA HIS A 17 -3.53 -7.50 8.22
C HIS A 17 -4.34 -8.36 7.24
N CYS A 18 -3.85 -8.58 6.01
CA CYS A 18 -4.52 -9.40 5.00
C CYS A 18 -4.65 -10.88 5.46
N THR A 19 -5.78 -11.50 5.18
CA THR A 19 -6.22 -12.76 5.81
C THR A 19 -5.94 -14.03 4.99
N ASN A 20 -5.32 -13.93 3.81
CA ASN A 20 -4.95 -15.06 2.94
C ASN A 20 -3.45 -15.05 2.58
N LYS A 21 -2.80 -16.23 2.66
CA LYS A 21 -1.38 -16.46 2.31
C LYS A 21 -1.13 -16.75 0.82
N ARG A 22 -2.19 -16.75 0.00
CA ARG A 22 -2.18 -16.90 -1.48
C ARG A 22 -2.83 -15.72 -2.21
N CYS A 23 -2.80 -14.55 -1.58
CA CYS A 23 -3.43 -13.34 -2.05
C CYS A 23 -2.64 -12.67 -3.18
N LYS A 24 -3.36 -12.22 -4.22
CA LYS A 24 -2.83 -12.04 -5.60
C LYS A 24 -2.27 -10.65 -5.91
N TYR A 25 -2.19 -9.78 -4.91
CA TYR A 25 -1.85 -8.37 -5.01
C TYR A 25 -0.71 -8.05 -4.05
N ARG A 26 0.16 -7.08 -4.36
CA ARG A 26 1.26 -6.71 -3.46
C ARG A 26 0.72 -6.31 -2.07
N HIS A 27 1.47 -6.58 -1.01
CA HIS A 27 1.10 -6.21 0.36
C HIS A 27 2.19 -5.32 0.99
N ALA A 28 1.81 -4.15 1.53
CA ALA A 28 2.75 -3.25 2.23
C ALA A 28 3.14 -3.86 3.60
N ARG A 29 4.45 -4.09 3.80
CA ARG A 29 5.03 -4.71 5.01
C ARG A 29 6.10 -3.82 5.68
N SER A 30 6.70 -2.91 4.94
CA SER A 30 7.75 -1.98 5.40
C SER A 30 7.20 -0.58 5.72
N HIS A 31 7.90 0.16 6.57
CA HIS A 31 7.50 1.46 7.14
C HIS A 31 7.73 2.66 6.19
N ILE A 32 7.56 2.46 4.88
CA ILE A 32 7.79 3.50 3.87
C ILE A 32 6.89 3.34 2.64
N MET A 33 6.57 4.44 1.97
CA MET A 33 5.98 4.50 0.62
C MET A 33 7.10 4.52 -0.43
N CYS A 34 6.88 3.84 -1.56
CA CYS A 34 7.96 3.61 -2.54
C CYS A 34 8.29 4.82 -3.42
N ARG A 35 9.54 4.88 -3.91
CA ARG A 35 10.06 5.97 -4.75
C ARG A 35 9.46 6.02 -6.15
N GLU A 36 9.12 4.85 -6.70
CA GLU A 36 8.47 4.75 -8.01
C GLU A 36 6.93 4.68 -7.88
N GLY A 37 6.41 4.57 -6.66
CA GLY A 37 4.99 4.45 -6.36
C GLY A 37 4.37 3.22 -7.03
N ALA A 38 3.21 3.40 -7.65
CA ALA A 38 2.50 2.35 -8.38
C ALA A 38 3.12 2.00 -9.76
N ASN A 39 4.14 2.76 -10.21
CA ASN A 39 4.92 2.46 -11.41
C ASN A 39 6.14 1.57 -11.11
N CYS A 40 6.40 1.29 -9.83
CA CYS A 40 7.41 0.34 -9.37
C CYS A 40 7.12 -1.06 -9.94
N THR A 41 8.02 -1.62 -10.74
CA THR A 41 7.84 -2.91 -11.43
C THR A 41 8.21 -4.13 -10.58
N ARG A 42 8.52 -3.92 -9.30
CA ARG A 42 9.15 -4.91 -8.42
C ARG A 42 8.14 -5.69 -7.57
N ILE A 43 7.95 -6.97 -7.90
CA ILE A 43 7.11 -7.89 -7.10
C ILE A 43 7.71 -8.16 -5.72
N ASP A 44 9.04 -8.10 -5.60
CA ASP A 44 9.78 -8.29 -4.35
C ASP A 44 9.79 -7.06 -3.41
N CYS A 45 9.08 -5.96 -3.73
CA CYS A 45 9.23 -4.69 -3.05
C CYS A 45 8.08 -4.46 -2.06
N LEU A 46 8.45 -4.20 -0.81
CA LEU A 46 7.60 -4.39 0.37
C LEU A 46 7.15 -3.05 1.02
N PHE A 47 7.55 -1.94 0.42
CA PHE A 47 7.03 -0.60 0.68
C PHE A 47 5.56 -0.49 0.23
N GLY A 48 4.90 0.57 0.66
CA GLY A 48 3.60 0.96 0.11
C GLY A 48 3.72 1.37 -1.36
N HIS A 49 3.10 0.59 -2.24
CA HIS A 49 2.86 0.91 -3.64
C HIS A 49 1.36 1.26 -3.79
N PRO A 50 0.97 2.52 -4.04
CA PRO A 50 -0.41 3.02 -3.84
C PRO A 50 -1.50 2.34 -4.70
N ILE A 51 -2.76 2.46 -4.25
CA ILE A 51 -3.96 1.76 -4.75
C ILE A 51 -4.97 2.80 -5.27
N ASN A 52 -5.69 2.50 -6.35
CA ASN A 52 -6.87 3.28 -6.76
C ASN A 52 -8.09 2.94 -5.86
N GLU A 53 -8.14 3.56 -4.67
CA GLU A 53 -9.17 3.32 -3.63
C GLU A 53 -9.41 4.58 -2.79
N ASP A 54 -10.47 4.60 -1.98
CA ASP A 54 -10.86 5.76 -1.14
C ASP A 54 -10.88 5.42 0.36
N CYS A 55 -10.09 6.15 1.16
CA CYS A 55 -9.82 5.79 2.56
C CYS A 55 -11.05 5.81 3.47
N ARG A 56 -11.06 4.88 4.44
CA ARG A 56 -12.06 4.74 5.51
C ARG A 56 -12.10 5.94 6.46
N PHE A 57 -11.04 6.74 6.53
CA PHE A 57 -10.92 7.91 7.40
C PHE A 57 -10.80 9.24 6.63
N GLY A 58 -10.31 9.22 5.39
CA GLY A 58 -10.19 10.41 4.53
C GLY A 58 -9.23 11.43 5.12
N VAL A 59 -9.76 12.59 5.50
CA VAL A 59 -9.01 13.70 6.14
C VAL A 59 -8.68 13.46 7.62
N ASN A 60 -9.28 12.44 8.23
CA ASN A 60 -9.06 12.07 9.64
C ASN A 60 -7.89 11.09 9.82
N CYS A 61 -7.41 10.47 8.73
CA CYS A 61 -6.31 9.51 8.69
C CYS A 61 -4.98 10.15 9.08
N LYS A 62 -4.22 9.51 9.99
CA LYS A 62 -2.92 9.98 10.49
C LYS A 62 -1.73 9.17 9.96
N ASN A 63 -1.94 7.97 9.41
CA ASN A 63 -0.88 7.16 8.82
C ASN A 63 -0.70 7.50 7.32
N ILE A 64 0.56 7.64 6.90
CA ILE A 64 0.93 8.17 5.58
C ILE A 64 1.26 7.06 4.58
N TYR A 65 1.46 5.84 5.08
CA TYR A 65 1.91 4.66 4.35
C TYR A 65 0.70 3.76 3.98
N CYS A 66 -0.47 4.40 3.90
CA CYS A 66 -1.81 3.83 3.94
C CYS A 66 -2.30 3.45 2.53
N LEU A 67 -3.16 2.43 2.46
CA LEU A 67 -3.42 1.62 1.26
C LEU A 67 -4.70 2.04 0.53
N PHE A 68 -4.92 3.35 0.52
CA PHE A 68 -6.06 4.07 -0.04
C PHE A 68 -5.63 5.51 -0.38
N ARG A 69 -6.32 6.16 -1.34
CA ARG A 69 -6.19 7.61 -1.59
C ARG A 69 -6.98 8.42 -0.55
N HIS A 70 -6.56 9.67 -0.36
CA HIS A 70 -7.11 10.60 0.63
C HIS A 70 -7.52 11.93 -0.03
N PRO A 71 -8.52 12.67 0.51
CA PRO A 71 -8.99 13.93 -0.08
C PRO A 71 -7.93 15.05 -0.10
N PRO A 72 -8.10 16.07 -0.98
CA PRO A 72 -7.27 17.28 -0.96
C PRO A 72 -7.57 18.17 0.26
N GLY A 73 -6.60 19.02 0.64
CA GLY A 73 -6.71 19.92 1.81
C GLY A 73 -6.57 19.20 3.17
N ARG A 74 -5.99 18.00 3.17
CA ARG A 74 -5.69 17.18 4.37
C ARG A 74 -4.40 17.63 5.07
N VAL A 75 -4.09 16.99 6.19
CA VAL A 75 -2.79 17.10 6.89
C VAL A 75 -2.30 15.71 7.28
N LEU A 76 -1.00 15.46 7.10
CA LEU A 76 -0.30 14.23 7.46
C LEU A 76 1.03 14.55 8.20
N PRO A 77 1.54 13.67 9.08
CA PRO A 77 2.79 13.90 9.81
C PRO A 77 4.03 14.02 8.91
N GLU A 78 5.04 14.75 9.40
CA GLU A 78 6.36 14.91 8.76
C GLU A 78 7.46 15.04 9.83
N LYS A 79 8.65 14.50 9.53
CA LYS A 79 9.88 14.63 10.34
C LYS A 79 11.06 15.13 9.48
N LYS A 80 11.95 15.92 10.07
CA LYS A 80 12.97 16.74 9.37
C LYS A 80 14.34 16.67 10.03
N GLY A 1 12.32 -13.43 -14.02
CA GLY A 1 11.30 -12.60 -13.35
C GLY A 1 10.66 -13.30 -12.16
N PRO A 2 9.63 -12.69 -11.53
CA PRO A 2 8.98 -13.23 -10.33
C PRO A 2 8.30 -14.59 -10.57
N LEU A 3 8.39 -15.49 -9.58
CA LEU A 3 7.81 -16.85 -9.62
C LEU A 3 6.68 -17.08 -8.59
N GLY A 4 6.37 -16.08 -7.76
CA GLY A 4 5.28 -16.10 -6.78
C GLY A 4 3.90 -15.81 -7.39
N SER A 5 2.83 -16.08 -6.63
CA SER A 5 1.43 -15.84 -7.03
C SER A 5 0.95 -14.39 -6.82
N GLU A 6 1.75 -13.57 -6.14
CA GLU A 6 1.52 -12.14 -5.88
C GLU A 6 1.97 -11.23 -7.04
N LYS A 7 1.79 -11.70 -8.27
CA LYS A 7 2.42 -11.15 -9.48
C LYS A 7 1.63 -10.01 -10.10
N SER A 8 0.50 -9.66 -9.49
CA SER A 8 -0.17 -8.42 -9.81
C SER A 8 0.59 -7.24 -9.21
N LEU A 9 0.85 -6.21 -10.04
CA LEU A 9 1.61 -5.03 -9.61
C LEU A 9 0.78 -4.04 -8.77
N GLU A 10 -0.54 -4.24 -8.72
CA GLU A 10 -1.45 -3.60 -7.76
C GLU A 10 -1.20 -4.12 -6.33
N GLN A 11 -1.73 -3.41 -5.33
CA GLN A 11 -1.58 -3.71 -3.91
C GLN A 11 -2.93 -3.98 -3.23
N CYS A 12 -2.90 -4.91 -2.27
CA CYS A 12 -4.00 -5.31 -1.40
C CYS A 12 -4.54 -4.18 -0.50
N LYS A 13 -5.67 -4.47 0.17
CA LYS A 13 -6.37 -3.59 1.12
C LYS A 13 -6.05 -3.85 2.59
N PHE A 14 -5.43 -4.99 2.94
CA PHE A 14 -5.23 -5.43 4.33
C PHE A 14 -3.77 -5.56 4.77
N GLY A 15 -2.79 -5.52 3.86
CA GLY A 15 -1.36 -5.38 4.19
C GLY A 15 -0.80 -6.42 5.16
N THR A 16 -0.40 -5.97 6.35
CA THR A 16 0.07 -6.80 7.49
C THR A 16 -1.00 -7.72 8.07
N HIS A 17 -2.29 -7.39 7.87
CA HIS A 17 -3.45 -8.12 8.40
C HIS A 17 -4.12 -9.04 7.35
N CYS A 18 -3.62 -9.08 6.11
CA CYS A 18 -4.21 -9.91 5.05
C CYS A 18 -4.15 -11.41 5.40
N THR A 19 -5.26 -12.11 5.21
CA THR A 19 -5.52 -13.44 5.80
C THR A 19 -5.19 -14.63 4.89
N ASN A 20 -4.84 -14.42 3.62
CA ASN A 20 -4.57 -15.47 2.62
C ASN A 20 -3.10 -15.46 2.18
N LYS A 21 -2.42 -16.62 2.26
CA LYS A 21 -0.99 -16.82 1.92
C LYS A 21 -0.68 -16.84 0.41
N ARG A 22 -1.71 -16.95 -0.43
CA ARG A 22 -1.64 -16.98 -1.91
C ARG A 22 -2.24 -15.74 -2.59
N CYS A 23 -2.45 -14.66 -1.82
CA CYS A 23 -3.17 -13.48 -2.24
C CYS A 23 -2.40 -12.68 -3.31
N LYS A 24 -3.11 -12.27 -4.37
CA LYS A 24 -2.55 -12.04 -5.72
C LYS A 24 -1.82 -10.71 -5.93
N TYR A 25 -1.83 -9.84 -4.93
CA TYR A 25 -1.41 -8.45 -4.99
C TYR A 25 -0.18 -8.23 -4.13
N ARG A 26 0.49 -7.08 -4.27
CA ARG A 26 1.47 -6.64 -3.27
C ARG A 26 0.78 -6.47 -1.92
N HIS A 27 1.53 -6.66 -0.83
CA HIS A 27 1.09 -6.39 0.54
C HIS A 27 2.10 -5.47 1.24
N ALA A 28 1.66 -4.31 1.76
CA ALA A 28 2.56 -3.38 2.47
C ALA A 28 2.94 -3.97 3.84
N ARG A 29 4.25 -4.12 4.08
CA ARG A 29 4.85 -4.69 5.30
C ARG A 29 5.93 -3.79 5.93
N SER A 30 6.38 -2.76 5.23
CA SER A 30 7.32 -1.73 5.71
C SER A 30 6.60 -0.39 5.95
N HIS A 31 7.12 0.41 6.88
CA HIS A 31 6.52 1.65 7.40
C HIS A 31 6.72 2.89 6.49
N ILE A 32 6.73 2.68 5.16
CA ILE A 32 7.04 3.74 4.18
C ILE A 32 6.27 3.53 2.88
N MET A 33 5.98 4.63 2.18
CA MET A 33 5.39 4.63 0.84
C MET A 33 6.49 4.78 -0.22
N CYS A 34 6.33 4.10 -1.36
CA CYS A 34 7.43 3.82 -2.27
C CYS A 34 7.95 5.05 -3.04
N ARG A 35 9.25 5.01 -3.39
CA ARG A 35 9.95 6.05 -4.16
C ARG A 35 9.41 6.25 -5.57
N GLU A 36 8.94 5.16 -6.18
CA GLU A 36 8.39 5.15 -7.54
C GLU A 36 6.87 4.95 -7.55
N GLY A 37 6.25 4.74 -6.38
CA GLY A 37 4.80 4.61 -6.20
C GLY A 37 4.21 3.48 -7.04
N ALA A 38 3.21 3.79 -7.86
CA ALA A 38 2.60 2.85 -8.81
C ALA A 38 3.35 2.74 -10.16
N ASN A 39 4.44 3.50 -10.36
CA ASN A 39 5.37 3.33 -11.48
C ASN A 39 6.54 2.39 -11.10
N CYS A 40 6.68 2.07 -9.81
CA CYS A 40 7.54 0.99 -9.31
C CYS A 40 7.10 -0.35 -9.94
N THR A 41 8.04 -1.14 -10.45
CA THR A 41 7.76 -2.43 -11.12
C THR A 41 8.07 -3.66 -10.26
N ARG A 42 8.37 -3.48 -8.97
CA ARG A 42 8.95 -4.52 -8.11
C ARG A 42 7.89 -5.31 -7.34
N ILE A 43 7.73 -6.60 -7.68
CA ILE A 43 6.81 -7.54 -7.01
C ILE A 43 7.28 -7.96 -5.60
N ASP A 44 8.55 -7.73 -5.26
CA ASP A 44 9.10 -7.98 -3.93
C ASP A 44 8.95 -6.81 -2.93
N CYS A 45 8.50 -5.62 -3.37
CA CYS A 45 8.78 -4.35 -2.71
C CYS A 45 7.75 -4.00 -1.62
N LEU A 46 8.23 -3.90 -0.38
CA LEU A 46 7.46 -4.05 0.87
C LEU A 46 6.74 -2.77 1.32
N PHE A 47 6.90 -1.68 0.56
CA PHE A 47 6.34 -0.37 0.83
C PHE A 47 4.86 -0.29 0.44
N GLY A 48 4.23 0.81 0.84
CA GLY A 48 2.97 1.27 0.26
C GLY A 48 3.16 1.58 -1.23
N HIS A 49 2.45 0.85 -2.09
CA HIS A 49 2.32 1.07 -3.53
C HIS A 49 0.84 1.40 -3.80
N PRO A 50 0.47 2.63 -4.21
CA PRO A 50 -0.91 3.13 -4.13
C PRO A 50 -1.95 2.31 -4.92
N ILE A 51 -3.20 2.35 -4.44
CA ILE A 51 -4.36 1.56 -4.89
C ILE A 51 -5.41 2.52 -5.44
N ASN A 52 -6.15 2.16 -6.49
CA ASN A 52 -7.33 2.92 -6.93
C ASN A 52 -8.54 2.68 -5.98
N GLU A 53 -8.49 3.26 -4.77
CA GLU A 53 -9.48 3.12 -3.70
C GLU A 53 -9.55 4.37 -2.82
N ASP A 54 -10.61 4.50 -2.02
CA ASP A 54 -10.93 5.71 -1.22
C ASP A 54 -10.98 5.44 0.30
N CYS A 55 -10.22 6.21 1.09
CA CYS A 55 -9.94 5.91 2.49
C CYS A 55 -11.15 5.98 3.43
N ARG A 56 -11.13 5.07 4.42
CA ARG A 56 -12.05 4.99 5.57
C ARG A 56 -11.97 6.21 6.49
N PHE A 57 -10.87 6.98 6.45
CA PHE A 57 -10.61 8.13 7.31
C PHE A 57 -10.41 9.45 6.53
N GLY A 58 -9.97 9.41 5.27
CA GLY A 58 -9.82 10.58 4.40
C GLY A 58 -8.82 11.59 4.95
N VAL A 59 -9.31 12.76 5.33
CA VAL A 59 -8.50 13.86 5.91
C VAL A 59 -8.15 13.68 7.39
N ASN A 60 -8.81 12.73 8.07
CA ASN A 60 -8.57 12.38 9.47
C ASN A 60 -7.39 11.39 9.63
N CYS A 61 -7.05 10.69 8.55
CA CYS A 61 -6.03 9.65 8.47
C CYS A 61 -4.61 10.19 8.71
N LYS A 62 -3.78 9.43 9.43
CA LYS A 62 -2.38 9.77 9.76
C LYS A 62 -1.35 8.74 9.25
N ASN A 63 -1.80 7.65 8.62
CA ASN A 63 -0.92 6.59 8.11
C ASN A 63 -0.29 7.00 6.76
N ILE A 64 1.05 7.09 6.74
CA ILE A 64 1.84 7.57 5.58
C ILE A 64 1.77 6.63 4.37
N TYR A 65 1.59 5.33 4.60
CA TYR A 65 1.71 4.22 3.64
C TYR A 65 0.40 3.42 3.52
N CYS A 66 -0.73 4.12 3.70
CA CYS A 66 -2.09 3.60 3.80
C CYS A 66 -2.60 3.04 2.46
N LEU A 67 -3.48 2.04 2.55
CA LEU A 67 -3.91 1.19 1.43
C LEU A 67 -5.14 1.75 0.67
N PHE A 68 -5.23 3.08 0.65
CA PHE A 68 -6.30 3.88 0.06
C PHE A 68 -5.78 5.29 -0.30
N ARG A 69 -6.44 5.97 -1.24
CA ARG A 69 -6.21 7.40 -1.57
C ARG A 69 -7.02 8.33 -0.68
N HIS A 70 -6.62 9.59 -0.62
CA HIS A 70 -7.10 10.59 0.35
C HIS A 70 -7.48 11.92 -0.35
N PRO A 71 -8.40 12.73 0.22
CA PRO A 71 -8.79 14.02 -0.35
C PRO A 71 -7.64 15.06 -0.38
N PRO A 72 -7.75 16.10 -1.23
CA PRO A 72 -6.82 17.25 -1.22
C PRO A 72 -7.02 18.14 0.03
N GLY A 73 -6.01 18.93 0.37
CA GLY A 73 -6.01 19.82 1.55
C GLY A 73 -5.85 19.09 2.89
N ARG A 74 -5.32 17.85 2.87
CA ARG A 74 -4.98 17.03 4.04
C ARG A 74 -3.62 17.41 4.64
N VAL A 75 -3.28 16.80 5.76
CA VAL A 75 -1.95 16.92 6.41
C VAL A 75 -1.47 15.55 6.89
N LEU A 76 -0.18 15.27 6.68
CA LEU A 76 0.56 14.12 7.20
C LEU A 76 1.90 14.60 7.80
N PRO A 77 2.40 13.97 8.89
CA PRO A 77 3.66 14.38 9.52
C PRO A 77 4.86 14.11 8.59
N GLU A 78 5.76 15.10 8.49
CA GLU A 78 6.86 15.12 7.51
C GLU A 78 7.89 13.99 7.68
N LYS A 79 8.58 13.66 6.57
CA LYS A 79 9.75 12.77 6.50
C LYS A 79 10.86 13.47 5.71
N LYS A 80 12.05 13.60 6.30
CA LYS A 80 13.14 14.49 5.83
C LYS A 80 14.35 13.72 5.29
N GLY A 1 12.40 -15.47 -8.11
CA GLY A 1 10.98 -15.05 -8.11
C GLY A 1 10.15 -15.79 -7.07
N PRO A 2 8.93 -15.32 -6.75
CA PRO A 2 8.07 -15.93 -5.73
C PRO A 2 7.53 -17.30 -6.15
N LEU A 3 7.37 -18.20 -5.16
CA LEU A 3 6.82 -19.55 -5.32
C LEU A 3 5.26 -19.53 -5.32
N GLY A 4 4.69 -18.70 -6.19
CA GLY A 4 3.25 -18.46 -6.30
C GLY A 4 2.89 -17.46 -7.39
N SER A 5 1.58 -17.21 -7.57
CA SER A 5 1.01 -16.37 -8.63
C SER A 5 1.06 -14.86 -8.36
N GLU A 6 1.74 -14.41 -7.29
CA GLU A 6 1.88 -12.99 -6.92
C GLU A 6 2.94 -12.24 -7.74
N LYS A 7 2.94 -12.45 -9.05
CA LYS A 7 3.80 -11.76 -10.02
C LYS A 7 3.12 -10.52 -10.65
N SER A 8 1.99 -10.14 -10.08
CA SER A 8 1.23 -8.93 -10.38
C SER A 8 1.78 -7.72 -9.64
N LEU A 9 2.06 -6.62 -10.34
CA LEU A 9 2.65 -5.38 -9.78
C LEU A 9 1.72 -4.59 -8.85
N GLU A 10 0.42 -4.87 -8.87
CA GLU A 10 -0.61 -4.20 -8.07
C GLU A 10 -0.55 -4.60 -6.58
N GLN A 11 -1.27 -3.85 -5.74
CA GLN A 11 -1.31 -4.01 -4.28
C GLN A 11 -2.70 -4.38 -3.75
N CYS A 12 -2.72 -5.23 -2.72
CA CYS A 12 -3.85 -5.52 -1.85
C CYS A 12 -4.20 -4.33 -0.93
N LYS A 13 -5.42 -4.31 -0.37
CA LYS A 13 -5.87 -3.26 0.56
C LYS A 13 -5.88 -3.61 2.05
N PHE A 14 -5.51 -4.84 2.43
CA PHE A 14 -5.45 -5.28 3.83
C PHE A 14 -4.02 -5.42 4.39
N GLY A 15 -2.98 -5.38 3.55
CA GLY A 15 -1.57 -5.39 3.98
C GLY A 15 -1.22 -6.64 4.79
N THR A 16 -0.53 -6.45 5.93
CA THR A 16 -0.20 -7.53 6.89
C THR A 16 -1.44 -8.15 7.58
N HIS A 17 -2.61 -7.49 7.51
CA HIS A 17 -3.90 -8.00 7.99
C HIS A 17 -4.69 -8.78 6.92
N CYS A 18 -4.14 -8.95 5.71
CA CYS A 18 -4.71 -9.81 4.68
C CYS A 18 -4.69 -11.29 5.14
N THR A 19 -5.72 -12.06 4.80
CA THR A 19 -6.00 -13.37 5.40
C THR A 19 -5.60 -14.58 4.54
N ASN A 20 -5.41 -14.40 3.24
CA ASN A 20 -4.99 -15.46 2.29
C ASN A 20 -3.45 -15.55 2.20
N LYS A 21 -2.90 -16.75 2.38
CA LYS A 21 -1.45 -17.00 2.51
C LYS A 21 -0.67 -17.05 1.18
N ARG A 22 -1.37 -17.00 0.04
CA ARG A 22 -0.82 -16.99 -1.34
C ARG A 22 -1.39 -15.87 -2.23
N CYS A 23 -1.89 -14.80 -1.59
CA CYS A 23 -2.69 -13.75 -2.18
C CYS A 23 -1.99 -12.97 -3.32
N LYS A 24 -2.79 -12.56 -4.31
CA LYS A 24 -2.38 -12.25 -5.71
C LYS A 24 -1.48 -11.04 -5.89
N TYR A 25 -1.44 -10.14 -4.92
CA TYR A 25 -0.90 -8.78 -5.03
C TYR A 25 0.20 -8.54 -4.01
N ARG A 26 0.82 -7.34 -4.06
CA ARG A 26 1.70 -6.89 -2.96
C ARG A 26 0.87 -6.69 -1.69
N HIS A 27 1.55 -6.71 -0.54
CA HIS A 27 0.98 -6.42 0.78
C HIS A 27 1.94 -5.50 1.56
N ALA A 28 1.54 -4.26 1.88
CA ALA A 28 2.41 -3.29 2.57
C ALA A 28 2.80 -3.77 3.98
N ARG A 29 4.11 -3.93 4.21
CA ARG A 29 4.72 -4.36 5.49
C ARG A 29 5.79 -3.38 6.00
N SER A 30 6.29 -2.47 5.15
CA SER A 30 7.23 -1.40 5.54
C SER A 30 6.49 -0.09 5.82
N HIS A 31 7.02 0.73 6.73
CA HIS A 31 6.43 2.00 7.19
C HIS A 31 6.64 3.19 6.23
N ILE A 32 6.67 2.90 4.92
CA ILE A 32 7.08 3.87 3.88
C ILE A 32 6.30 3.66 2.59
N MET A 33 5.95 4.75 1.92
CA MET A 33 5.26 4.75 0.62
C MET A 33 6.26 4.95 -0.53
N CYS A 34 6.07 4.22 -1.64
CA CYS A 34 7.12 4.00 -2.62
C CYS A 34 7.36 5.18 -3.59
N ARG A 35 8.62 5.36 -4.01
CA ARG A 35 9.06 6.48 -4.86
C ARG A 35 8.48 6.46 -6.27
N GLU A 36 8.20 5.28 -6.82
CA GLU A 36 7.64 5.16 -8.16
C GLU A 36 6.10 5.13 -8.16
N GLY A 37 5.50 5.01 -6.97
CA GLY A 37 4.08 4.73 -6.80
C GLY A 37 3.71 3.38 -7.42
N ALA A 38 2.58 3.33 -8.12
CA ALA A 38 2.12 2.14 -8.86
C ALA A 38 2.86 1.91 -10.20
N ASN A 39 3.89 2.71 -10.51
CA ASN A 39 4.82 2.48 -11.64
C ASN A 39 5.99 1.57 -11.24
N CYS A 40 6.17 1.29 -9.94
CA CYS A 40 7.20 0.40 -9.41
C CYS A 40 7.09 -1.01 -10.04
N THR A 41 8.19 -1.52 -10.57
CA THR A 41 8.25 -2.84 -11.23
C THR A 41 8.70 -3.97 -10.29
N ARG A 42 8.80 -3.70 -8.98
CA ARG A 42 9.36 -4.63 -7.99
C ARG A 42 8.29 -5.43 -7.25
N ILE A 43 8.30 -6.75 -7.46
CA ILE A 43 7.39 -7.70 -6.80
C ILE A 43 7.73 -7.88 -5.32
N ASP A 44 9.02 -7.84 -4.97
CA ASP A 44 9.51 -7.99 -3.59
C ASP A 44 9.43 -6.69 -2.75
N CYS A 45 8.82 -5.60 -3.25
CA CYS A 45 8.87 -4.28 -2.63
C CYS A 45 7.65 -4.10 -1.72
N LEU A 46 7.90 -4.02 -0.41
CA LEU A 46 6.88 -4.14 0.64
C LEU A 46 6.48 -2.76 1.23
N PHE A 47 6.86 -1.70 0.52
CA PHE A 47 6.38 -0.34 0.73
C PHE A 47 4.87 -0.27 0.40
N GLY A 48 4.24 0.82 0.80
CA GLY A 48 2.95 1.22 0.26
C GLY A 48 3.06 1.54 -1.23
N HIS A 49 2.58 0.62 -2.08
CA HIS A 49 2.28 0.85 -3.48
C HIS A 49 0.77 1.20 -3.59
N PRO A 50 0.37 2.35 -4.17
CA PRO A 50 -0.99 2.88 -4.04
C PRO A 50 -2.07 2.03 -4.75
N ILE A 51 -3.32 2.22 -4.31
CA ILE A 51 -4.52 1.46 -4.72
C ILE A 51 -5.61 2.47 -5.09
N ASN A 52 -6.43 2.17 -6.10
CA ASN A 52 -7.53 3.05 -6.53
C ASN A 52 -8.75 2.87 -5.60
N GLU A 53 -8.67 3.40 -4.38
CA GLU A 53 -9.64 3.22 -3.29
C GLU A 53 -9.75 4.49 -2.41
N ASP A 54 -10.83 4.58 -1.65
CA ASP A 54 -11.20 5.78 -0.85
C ASP A 54 -11.11 5.53 0.68
N CYS A 55 -10.35 6.37 1.40
CA CYS A 55 -10.06 6.16 2.82
C CYS A 55 -11.24 6.43 3.78
N ARG A 56 -11.14 5.82 4.95
CA ARG A 56 -12.11 5.84 6.06
C ARG A 56 -12.06 7.11 6.92
N PHE A 57 -11.01 7.93 6.80
CA PHE A 57 -10.82 9.15 7.62
C PHE A 57 -10.58 10.44 6.80
N GLY A 58 -10.25 10.34 5.50
CA GLY A 58 -10.03 11.47 4.59
C GLY A 58 -8.90 12.39 5.07
N VAL A 59 -9.27 13.62 5.44
CA VAL A 59 -8.35 14.65 5.97
C VAL A 59 -7.87 14.39 7.41
N ASN A 60 -8.43 13.40 8.09
CA ASN A 60 -8.15 13.06 9.49
C ASN A 60 -7.16 11.88 9.65
N CYS A 61 -6.86 11.16 8.55
CA CYS A 61 -5.94 10.03 8.52
C CYS A 61 -4.50 10.45 8.87
N LYS A 62 -3.77 9.56 9.57
CA LYS A 62 -2.36 9.75 9.96
C LYS A 62 -1.39 8.73 9.35
N ASN A 63 -1.88 7.78 8.56
CA ASN A 63 -1.04 6.76 7.92
C ASN A 63 -0.47 7.31 6.58
N ILE A 64 0.86 7.35 6.47
CA ILE A 64 1.60 7.90 5.33
C ILE A 64 1.58 6.94 4.12
N TYR A 65 1.59 5.64 4.40
CA TYR A 65 1.73 4.51 3.48
C TYR A 65 0.43 3.67 3.43
N CYS A 66 -0.67 4.35 3.73
CA CYS A 66 -2.04 3.86 3.81
C CYS A 66 -2.51 3.20 2.51
N LEU A 67 -3.45 2.25 2.65
CA LEU A 67 -3.95 1.42 1.56
C LEU A 67 -5.24 1.96 0.92
N PHE A 68 -5.45 3.27 1.08
CA PHE A 68 -6.59 4.02 0.53
C PHE A 68 -6.14 5.46 0.26
N ARG A 69 -6.68 6.12 -0.77
CA ARG A 69 -6.34 7.49 -1.16
C ARG A 69 -7.13 8.53 -0.36
N HIS A 70 -6.60 9.74 -0.32
CA HIS A 70 -7.04 10.83 0.55
C HIS A 70 -7.29 12.14 -0.24
N PRO A 71 -8.22 13.01 0.20
CA PRO A 71 -8.52 14.28 -0.47
C PRO A 71 -7.42 15.35 -0.23
N PRO A 72 -7.45 16.46 -1.00
CA PRO A 72 -6.58 17.62 -0.79
C PRO A 72 -6.84 18.34 0.55
N GLY A 73 -5.83 19.08 1.04
CA GLY A 73 -5.92 19.89 2.27
C GLY A 73 -5.83 19.10 3.58
N ARG A 74 -5.30 17.87 3.52
CA ARG A 74 -5.04 16.96 4.66
C ARG A 74 -3.73 17.32 5.38
N VAL A 75 -3.41 16.57 6.43
CA VAL A 75 -2.11 16.59 7.13
C VAL A 75 -1.62 15.16 7.37
N LEU A 76 -0.32 14.93 7.21
CA LEU A 76 0.36 13.64 7.45
C LEU A 76 1.68 13.83 8.23
N PRO A 77 2.19 12.80 8.94
CA PRO A 77 3.46 12.85 9.67
C PRO A 77 4.68 13.20 8.78
N GLU A 78 5.66 13.88 9.38
CA GLU A 78 6.95 14.22 8.76
C GLU A 78 8.10 13.48 9.47
N LYS A 79 8.18 12.16 9.24
CA LYS A 79 9.21 11.26 9.83
C LYS A 79 10.56 11.35 9.09
N LYS A 80 11.04 12.60 8.91
CA LYS A 80 12.23 13.00 8.17
C LYS A 80 13.53 12.82 8.98
N GLY A 1 5.63 -28.92 -1.18
CA GLY A 1 6.67 -27.89 -1.37
C GLY A 1 6.11 -26.48 -1.28
N PRO A 2 6.98 -25.44 -1.34
CA PRO A 2 6.57 -24.03 -1.27
C PRO A 2 5.81 -23.58 -2.54
N LEU A 3 4.99 -22.52 -2.38
CA LEU A 3 4.15 -21.94 -3.44
C LEU A 3 3.98 -20.43 -3.24
N GLY A 4 3.84 -19.68 -4.35
CA GLY A 4 3.52 -18.26 -4.36
C GLY A 4 3.12 -17.76 -5.76
N SER A 5 2.06 -16.96 -5.83
CA SER A 5 1.46 -16.46 -7.08
C SER A 5 1.48 -14.92 -7.16
N GLU A 6 2.40 -14.28 -6.44
CA GLU A 6 2.40 -12.84 -6.10
C GLU A 6 2.87 -11.89 -7.20
N LYS A 7 2.75 -12.33 -8.45
CA LYS A 7 3.49 -11.82 -9.61
C LYS A 7 2.80 -10.67 -10.33
N SER A 8 1.68 -10.20 -9.77
CA SER A 8 0.92 -9.07 -10.28
C SER A 8 1.43 -7.74 -9.71
N LEU A 9 1.37 -6.68 -10.52
CA LEU A 9 1.74 -5.30 -10.14
C LEU A 9 0.59 -4.51 -9.47
N GLU A 10 -0.57 -5.12 -9.30
CA GLU A 10 -1.56 -4.65 -8.32
C GLU A 10 -1.07 -4.83 -6.87
N GLN A 11 -1.77 -4.19 -5.93
CA GLN A 11 -1.56 -4.38 -4.48
C GLN A 11 -2.85 -4.88 -3.80
N CYS A 12 -2.68 -5.78 -2.84
CA CYS A 12 -3.71 -6.23 -1.92
C CYS A 12 -4.15 -5.12 -0.95
N LYS A 13 -5.46 -5.01 -0.70
CA LYS A 13 -6.04 -3.94 0.12
C LYS A 13 -5.94 -4.16 1.64
N PHE A 14 -5.56 -5.35 2.10
CA PHE A 14 -5.49 -5.68 3.53
C PHE A 14 -4.09 -5.48 4.14
N GLY A 15 -3.03 -5.34 3.33
CA GLY A 15 -1.67 -5.04 3.80
C GLY A 15 -1.14 -6.04 4.85
N THR A 16 -0.88 -5.55 6.06
CA THR A 16 -0.48 -6.35 7.23
C THR A 16 -1.54 -7.37 7.67
N HIS A 17 -2.82 -7.11 7.39
CA HIS A 17 -3.97 -7.91 7.79
C HIS A 17 -4.38 -9.00 6.76
N CYS A 18 -3.71 -9.08 5.60
CA CYS A 18 -3.99 -10.14 4.62
C CYS A 18 -3.74 -11.55 5.23
N THR A 19 -4.59 -12.51 4.89
CA THR A 19 -4.71 -13.81 5.57
C THR A 19 -4.07 -15.00 4.84
N ASN A 20 -3.50 -14.80 3.65
CA ASN A 20 -2.91 -15.85 2.81
C ASN A 20 -1.44 -15.56 2.44
N LYS A 21 -0.56 -16.56 2.58
CA LYS A 21 0.90 -16.48 2.36
C LYS A 21 1.33 -16.64 0.89
N ARG A 22 0.40 -17.05 0.01
CA ARG A 22 0.61 -17.29 -1.45
C ARG A 22 0.12 -16.13 -2.33
N CYS A 23 -0.47 -15.11 -1.71
CA CYS A 23 -1.46 -14.20 -2.27
C CYS A 23 -0.95 -13.31 -3.41
N LYS A 24 -1.84 -13.01 -4.37
CA LYS A 24 -1.52 -12.75 -5.78
C LYS A 24 -0.86 -11.39 -6.10
N TYR A 25 -0.73 -10.52 -5.11
CA TYR A 25 -0.37 -9.12 -5.28
C TYR A 25 0.84 -8.71 -4.42
N ARG A 26 1.28 -7.46 -4.55
CA ARG A 26 2.07 -6.83 -3.47
C ARG A 26 1.22 -6.67 -2.21
N HIS A 27 1.84 -6.49 -1.05
CA HIS A 27 1.23 -6.31 0.27
C HIS A 27 2.05 -5.26 1.07
N ALA A 28 1.43 -4.15 1.47
CA ALA A 28 2.08 -3.16 2.34
C ALA A 28 2.21 -3.68 3.78
N ARG A 29 3.45 -3.95 4.21
CA ARG A 29 3.79 -4.43 5.57
C ARG A 29 4.86 -3.59 6.28
N SER A 30 5.45 -2.62 5.58
CA SER A 30 6.37 -1.59 6.10
C SER A 30 5.69 -0.22 6.19
N HIS A 31 6.21 0.64 7.08
CA HIS A 31 5.64 1.94 7.46
C HIS A 31 5.88 3.09 6.45
N ILE A 32 6.05 2.76 5.18
CA ILE A 32 6.51 3.69 4.11
C ILE A 32 5.71 3.49 2.82
N MET A 33 5.38 4.60 2.16
CA MET A 33 4.80 4.63 0.81
C MET A 33 5.92 4.78 -0.25
N CYS A 34 5.77 4.02 -1.33
CA CYS A 34 6.83 3.79 -2.30
C CYS A 34 7.08 5.01 -3.23
N ARG A 35 8.33 5.16 -3.69
CA ARG A 35 8.77 6.30 -4.53
C ARG A 35 8.08 6.40 -5.89
N GLU A 36 7.68 5.26 -6.45
CA GLU A 36 6.97 5.20 -7.73
C GLU A 36 5.44 5.15 -7.57
N GLY A 37 4.96 4.97 -6.34
CA GLY A 37 3.55 4.73 -6.02
C GLY A 37 3.06 3.44 -6.65
N ALA A 38 1.88 3.49 -7.29
CA ALA A 38 1.29 2.38 -8.02
C ALA A 38 1.94 2.10 -9.40
N ASN A 39 2.92 2.91 -9.82
CA ASN A 39 3.69 2.70 -11.05
C ASN A 39 4.88 1.73 -10.84
N CYS A 40 5.20 1.43 -9.58
CA CYS A 40 6.29 0.58 -9.16
C CYS A 40 6.23 -0.82 -9.78
N THR A 41 7.32 -1.29 -10.38
CA THR A 41 7.42 -2.61 -11.03
C THR A 41 7.96 -3.72 -10.12
N ARG A 42 8.16 -3.43 -8.82
CA ARG A 42 8.81 -4.35 -7.87
C ARG A 42 7.81 -5.30 -7.20
N ILE A 43 7.90 -6.60 -7.47
CA ILE A 43 7.12 -7.63 -6.75
C ILE A 43 7.60 -7.76 -5.30
N ASP A 44 8.88 -7.51 -5.05
CA ASP A 44 9.53 -7.66 -3.74
C ASP A 44 9.19 -6.54 -2.73
N CYS A 45 8.41 -5.52 -3.11
CA CYS A 45 8.12 -4.40 -2.23
C CYS A 45 7.19 -4.77 -1.06
N LEU A 46 7.46 -4.12 0.08
CA LEU A 46 6.68 -4.17 1.31
C LEU A 46 6.04 -2.81 1.63
N PHE A 47 6.10 -1.86 0.71
CA PHE A 47 5.66 -0.49 0.91
C PHE A 47 4.22 -0.30 0.46
N GLY A 48 3.61 0.81 0.88
CA GLY A 48 2.36 1.31 0.32
C GLY A 48 2.49 1.58 -1.18
N HIS A 49 1.83 0.74 -1.99
CA HIS A 49 1.50 0.98 -3.39
C HIS A 49 -0.04 1.16 -3.47
N PRO A 50 -0.56 2.38 -3.65
CA PRO A 50 -1.97 2.70 -3.43
C PRO A 50 -2.95 1.98 -4.38
N ILE A 51 -4.20 1.84 -3.94
CA ILE A 51 -5.30 1.17 -4.64
C ILE A 51 -6.32 2.21 -5.09
N ASN A 52 -7.04 1.98 -6.19
CA ASN A 52 -8.05 2.89 -6.75
C ASN A 52 -9.36 2.89 -5.92
N GLU A 53 -9.27 3.41 -4.69
CA GLU A 53 -10.36 3.57 -3.72
C GLU A 53 -10.20 4.90 -2.95
N ASP A 54 -11.31 5.48 -2.51
CA ASP A 54 -11.33 6.70 -1.68
C ASP A 54 -11.23 6.37 -0.18
N CYS A 55 -10.37 7.07 0.56
CA CYS A 55 -10.16 6.81 1.99
C CYS A 55 -11.36 7.24 2.87
N ARG A 56 -11.47 6.53 4.00
CA ARG A 56 -12.54 6.62 5.01
C ARG A 56 -12.31 7.75 6.02
N PHE A 57 -11.13 8.37 5.96
CA PHE A 57 -10.64 9.42 6.86
C PHE A 57 -10.19 10.70 6.12
N GLY A 58 -9.72 10.59 4.87
CA GLY A 58 -9.36 11.72 4.01
C GLY A 58 -8.25 12.59 4.61
N VAL A 59 -8.59 13.84 4.93
CA VAL A 59 -7.69 14.82 5.56
C VAL A 59 -7.36 14.52 7.02
N ASN A 60 -8.11 13.63 7.66
CA ASN A 60 -7.92 13.21 9.06
C ASN A 60 -6.94 12.04 9.21
N CYS A 61 -6.71 11.29 8.12
CA CYS A 61 -5.88 10.10 8.04
C CYS A 61 -4.39 10.41 8.35
N LYS A 62 -3.78 9.61 9.23
CA LYS A 62 -2.50 9.96 9.90
C LYS A 62 -1.29 9.10 9.53
N ASN A 63 -1.48 7.86 9.09
CA ASN A 63 -0.37 6.96 8.73
C ASN A 63 0.09 7.14 7.26
N ILE A 64 1.41 7.11 7.04
CA ILE A 64 2.07 7.52 5.79
C ILE A 64 1.79 6.59 4.60
N TYR A 65 1.42 5.34 4.90
CA TYR A 65 1.50 4.16 4.05
C TYR A 65 0.13 3.51 3.78
N CYS A 66 -0.93 4.30 3.96
CA CYS A 66 -2.31 3.90 3.80
C CYS A 66 -2.66 3.64 2.32
N LEU A 67 -3.66 2.79 2.11
CA LEU A 67 -3.88 2.08 0.84
C LEU A 67 -5.04 2.63 0.00
N PHE A 68 -5.91 3.41 0.61
CA PHE A 68 -6.94 4.19 -0.08
C PHE A 68 -6.41 5.61 -0.31
N ARG A 69 -6.76 6.21 -1.44
CA ARG A 69 -6.22 7.51 -1.90
C ARG A 69 -6.90 8.67 -1.17
N HIS A 70 -6.22 9.81 -1.08
CA HIS A 70 -6.56 10.91 -0.15
C HIS A 70 -6.72 12.26 -0.88
N PRO A 71 -7.58 13.17 -0.38
CA PRO A 71 -7.67 14.55 -0.85
C PRO A 71 -6.41 15.36 -0.49
N PRO A 72 -6.19 16.54 -1.10
CA PRO A 72 -5.15 17.49 -0.70
C PRO A 72 -5.46 18.15 0.66
N GLY A 73 -4.44 18.74 1.29
CA GLY A 73 -4.58 19.50 2.55
C GLY A 73 -4.69 18.64 3.82
N ARG A 74 -4.26 17.37 3.77
CA ARG A 74 -4.14 16.45 4.92
C ARG A 74 -2.92 16.80 5.79
N VAL A 75 -2.79 16.14 6.93
CA VAL A 75 -1.61 16.25 7.81
C VAL A 75 -1.03 14.87 8.12
N LEU A 76 0.29 14.73 7.96
CA LEU A 76 1.07 13.50 8.16
C LEU A 76 2.34 13.78 9.01
N PRO A 77 2.74 12.85 9.91
CA PRO A 77 3.92 13.03 10.78
C PRO A 77 5.23 13.15 10.00
N GLU A 78 6.00 14.20 10.30
CA GLU A 78 7.33 14.50 9.75
C GLU A 78 7.43 14.43 8.21
N LYS A 79 6.37 14.89 7.54
CA LYS A 79 6.24 14.92 6.08
C LYS A 79 6.98 16.12 5.49
N LYS A 80 7.75 15.87 4.43
CA LYS A 80 8.58 16.85 3.69
C LYS A 80 8.12 17.04 2.24
N GLY A 1 -5.10 -7.46 -12.59
CA GLY A 1 -3.64 -7.64 -12.71
C GLY A 1 -3.24 -9.09 -13.02
N PRO A 2 -1.94 -9.35 -13.26
CA PRO A 2 -1.40 -10.66 -13.63
C PRO A 2 -1.73 -11.84 -12.70
N LEU A 3 -1.48 -13.06 -13.19
CA LEU A 3 -1.69 -14.32 -12.48
C LEU A 3 -0.41 -14.83 -11.78
N GLY A 4 -0.58 -15.74 -10.82
CA GLY A 4 0.49 -16.35 -10.02
C GLY A 4 0.66 -15.72 -8.63
N SER A 5 0.97 -16.55 -7.63
CA SER A 5 1.05 -16.19 -6.20
C SER A 5 2.00 -15.01 -5.97
N GLU A 6 1.45 -13.87 -5.53
CA GLU A 6 2.08 -12.55 -5.50
C GLU A 6 3.00 -12.23 -6.69
N LYS A 7 2.44 -12.30 -7.91
CA LYS A 7 3.07 -11.81 -9.16
C LYS A 7 2.24 -10.76 -9.90
N SER A 8 1.09 -10.39 -9.36
CA SER A 8 0.34 -9.21 -9.80
C SER A 8 1.01 -7.93 -9.28
N LEU A 9 1.15 -6.94 -10.16
CA LEU A 9 1.78 -5.65 -9.84
C LEU A 9 0.84 -4.67 -9.09
N GLU A 10 -0.45 -4.98 -9.07
CA GLU A 10 -1.39 -4.36 -8.14
C GLU A 10 -1.08 -4.74 -6.68
N GLN A 11 -1.42 -3.85 -5.75
CA GLN A 11 -1.27 -4.08 -4.31
C GLN A 11 -2.61 -4.43 -3.65
N CYS A 12 -2.57 -5.35 -2.69
CA CYS A 12 -3.66 -5.72 -1.79
C CYS A 12 -4.17 -4.53 -0.94
N LYS A 13 -5.42 -4.62 -0.47
CA LYS A 13 -6.06 -3.59 0.37
C LYS A 13 -5.86 -3.78 1.88
N PHE A 14 -5.28 -4.91 2.31
CA PHE A 14 -5.13 -5.28 3.73
C PHE A 14 -3.69 -5.30 4.25
N GLY A 15 -2.66 -5.36 3.38
CA GLY A 15 -1.25 -5.33 3.80
C GLY A 15 -0.89 -6.43 4.80
N THR A 16 -0.35 -6.04 5.96
CA THR A 16 -0.04 -6.95 7.10
C THR A 16 -1.27 -7.66 7.68
N HIS A 17 -2.47 -7.10 7.49
CA HIS A 17 -3.76 -7.66 7.94
C HIS A 17 -4.37 -8.66 6.93
N CYS A 18 -3.72 -8.90 5.78
CA CYS A 18 -4.23 -9.82 4.77
C CYS A 18 -4.31 -11.26 5.31
N THR A 19 -5.44 -11.92 5.07
CA THR A 19 -5.82 -13.20 5.72
C THR A 19 -5.43 -14.46 4.93
N ASN A 20 -4.77 -14.31 3.77
CA ASN A 20 -4.33 -15.41 2.90
C ASN A 20 -2.81 -15.35 2.65
N LYS A 21 -2.10 -16.48 2.84
CA LYS A 21 -0.63 -16.60 2.72
C LYS A 21 -0.13 -16.87 1.28
N ARG A 22 -1.04 -17.12 0.33
CA ARG A 22 -0.78 -17.36 -1.11
C ARG A 22 -1.31 -16.24 -2.01
N CYS A 23 -1.68 -15.11 -1.41
CA CYS A 23 -2.44 -14.03 -2.01
C CYS A 23 -1.70 -13.32 -3.17
N LYS A 24 -2.46 -12.87 -4.17
CA LYS A 24 -1.97 -12.69 -5.55
C LYS A 24 -1.31 -11.34 -5.85
N TYR A 25 -1.35 -10.41 -4.90
CA TYR A 25 -0.99 -9.01 -5.06
C TYR A 25 0.28 -8.69 -4.26
N ARG A 26 0.84 -7.49 -4.47
CA ARG A 26 1.83 -6.93 -3.55
C ARG A 26 1.17 -6.70 -2.18
N HIS A 27 1.93 -6.77 -1.08
CA HIS A 27 1.43 -6.53 0.28
C HIS A 27 2.37 -5.55 1.04
N ALA A 28 1.84 -4.43 1.55
CA ALA A 28 2.62 -3.46 2.33
C ALA A 28 2.93 -3.98 3.74
N ARG A 29 4.21 -4.00 4.12
CA ARG A 29 4.73 -4.47 5.41
C ARG A 29 5.59 -3.43 6.15
N SER A 30 6.12 -2.44 5.45
CA SER A 30 7.00 -1.38 5.99
C SER A 30 6.29 -0.02 6.08
N HIS A 31 6.80 0.85 6.95
CA HIS A 31 6.19 2.11 7.39
C HIS A 31 6.32 3.29 6.38
N ILE A 32 6.43 2.99 5.09
CA ILE A 32 6.80 3.95 4.03
C ILE A 32 6.00 3.68 2.76
N MET A 33 5.56 4.75 2.08
CA MET A 33 4.97 4.70 0.75
C MET A 33 6.05 4.97 -0.32
N CYS A 34 5.97 4.24 -1.42
CA CYS A 34 7.06 4.05 -2.37
C CYS A 34 7.36 5.29 -3.23
N ARG A 35 8.62 5.44 -3.65
CA ARG A 35 9.10 6.57 -4.49
C ARG A 35 8.46 6.63 -5.87
N GLU A 36 8.09 5.49 -6.42
CA GLU A 36 7.45 5.42 -7.74
C GLU A 36 5.91 5.39 -7.64
N GLY A 37 5.38 5.21 -6.43
CA GLY A 37 3.97 5.03 -6.14
C GLY A 37 3.42 3.77 -6.81
N ALA A 38 2.29 3.91 -7.50
CA ALA A 38 1.68 2.83 -8.28
C ALA A 38 2.35 2.58 -9.65
N ASN A 39 3.35 3.40 -10.03
CA ASN A 39 4.17 3.19 -11.23
C ASN A 39 5.33 2.20 -10.96
N CYS A 40 5.56 1.86 -9.69
CA CYS A 40 6.58 0.93 -9.24
C CYS A 40 6.45 -0.45 -9.90
N THR A 41 7.57 -1.00 -10.39
CA THR A 41 7.66 -2.32 -11.02
C THR A 41 8.16 -3.43 -10.10
N ARG A 42 8.39 -3.14 -8.81
CA ARG A 42 8.96 -4.12 -7.85
C ARG A 42 7.87 -4.99 -7.21
N ILE A 43 7.80 -6.27 -7.58
CA ILE A 43 6.99 -7.28 -6.87
C ILE A 43 7.51 -7.51 -5.44
N ASP A 44 8.82 -7.37 -5.24
CA ASP A 44 9.52 -7.57 -3.97
C ASP A 44 9.48 -6.34 -3.02
N CYS A 45 8.76 -5.25 -3.33
CA CYS A 45 8.66 -4.10 -2.45
C CYS A 45 7.85 -4.44 -1.18
N LEU A 46 8.24 -3.79 -0.08
CA LEU A 46 7.57 -3.89 1.22
C LEU A 46 6.76 -2.63 1.55
N PHE A 47 6.74 -1.65 0.65
CA PHE A 47 6.16 -0.33 0.88
C PHE A 47 4.68 -0.30 0.52
N GLY A 48 4.00 0.76 0.99
CA GLY A 48 2.73 1.19 0.42
C GLY A 48 2.90 1.55 -1.05
N HIS A 49 2.05 0.99 -1.89
CA HIS A 49 1.85 1.33 -3.30
C HIS A 49 0.36 1.73 -3.42
N PRO A 50 0.02 3.00 -3.71
CA PRO A 50 -1.33 3.54 -3.52
C PRO A 50 -2.41 2.82 -4.36
N ILE A 51 -3.64 2.83 -3.85
CA ILE A 51 -4.78 2.04 -4.37
C ILE A 51 -5.84 2.98 -4.93
N ASN A 52 -6.46 2.62 -6.05
CA ASN A 52 -7.44 3.44 -6.76
C ASN A 52 -8.80 3.39 -6.03
N GLU A 53 -8.85 3.98 -4.83
CA GLU A 53 -9.94 3.92 -3.86
C GLU A 53 -9.90 5.15 -2.95
N ASP A 54 -11.04 5.57 -2.40
CA ASP A 54 -11.14 6.66 -1.43
C ASP A 54 -11.05 6.15 0.02
N CYS A 55 -10.11 6.69 0.80
CA CYS A 55 -9.90 6.34 2.21
C CYS A 55 -11.15 6.55 3.09
N ARG A 56 -11.27 5.69 4.11
CA ARG A 56 -12.30 5.73 5.16
C ARG A 56 -12.03 6.79 6.25
N PHE A 57 -10.91 7.49 6.18
CA PHE A 57 -10.57 8.65 7.03
C PHE A 57 -10.20 9.91 6.22
N GLY A 58 -9.66 9.77 5.00
CA GLY A 58 -9.38 10.88 4.09
C GLY A 58 -8.36 11.86 4.65
N VAL A 59 -8.80 13.09 4.93
CA VAL A 59 -7.97 14.17 5.51
C VAL A 59 -7.77 14.06 7.03
N ASN A 60 -8.50 13.14 7.69
CA ASN A 60 -8.36 12.83 9.13
C ASN A 60 -7.29 11.76 9.39
N CYS A 61 -6.98 10.95 8.36
CA CYS A 61 -6.04 9.84 8.34
C CYS A 61 -4.59 10.28 8.62
N LYS A 62 -3.86 9.45 9.37
CA LYS A 62 -2.49 9.72 9.86
C LYS A 62 -1.46 8.68 9.39
N ASN A 63 -1.89 7.68 8.61
CA ASN A 63 -1.04 6.61 8.08
C ASN A 63 -0.58 6.94 6.65
N ILE A 64 0.75 7.05 6.45
CA ILE A 64 1.38 7.44 5.19
C ILE A 64 1.24 6.35 4.11
N TYR A 65 1.37 5.09 4.53
CA TYR A 65 1.48 3.88 3.72
C TYR A 65 0.15 3.11 3.65
N CYS A 66 -0.93 3.85 3.95
CA CYS A 66 -2.31 3.43 3.94
C CYS A 66 -2.78 3.04 2.52
N LEU A 67 -3.69 2.06 2.46
CA LEU A 67 -4.02 1.28 1.25
C LEU A 67 -5.29 1.79 0.55
N PHE A 68 -5.46 3.11 0.58
CA PHE A 68 -6.46 3.91 -0.12
C PHE A 68 -5.86 5.31 -0.37
N ARG A 69 -6.25 6.00 -1.46
CA ARG A 69 -5.86 7.40 -1.74
C ARG A 69 -6.64 8.41 -0.87
N HIS A 70 -6.11 9.62 -0.74
CA HIS A 70 -6.56 10.63 0.22
C HIS A 70 -6.85 11.99 -0.48
N PRO A 71 -7.87 12.76 -0.06
CA PRO A 71 -8.13 14.09 -0.60
C PRO A 71 -6.99 15.08 -0.33
N PRO A 72 -6.90 16.20 -1.09
CA PRO A 72 -5.93 17.27 -0.84
C PRO A 72 -6.22 18.03 0.47
N GLY A 73 -5.20 18.72 1.01
CA GLY A 73 -5.29 19.44 2.28
C GLY A 73 -5.23 18.55 3.54
N ARG A 74 -4.71 17.33 3.40
CA ARG A 74 -4.46 16.38 4.50
C ARG A 74 -3.23 16.78 5.34
N VAL A 75 -3.00 16.06 6.43
CA VAL A 75 -1.74 16.11 7.19
C VAL A 75 -1.25 14.69 7.48
N LEU A 76 0.04 14.44 7.26
CA LEU A 76 0.72 13.15 7.46
C LEU A 76 2.11 13.33 8.12
N PRO A 77 2.59 12.37 8.92
CA PRO A 77 3.92 12.40 9.52
C PRO A 77 5.03 12.16 8.48
N GLU A 78 6.26 12.55 8.84
CA GLU A 78 7.46 12.43 7.99
C GLU A 78 8.72 12.18 8.85
N LYS A 79 9.71 11.47 8.30
CA LYS A 79 11.02 11.16 8.92
C LYS A 79 12.18 11.56 7.99
N LYS A 80 13.28 12.05 8.57
CA LYS A 80 14.51 12.50 7.89
C LYS A 80 15.76 12.06 8.66
N GLY A 1 -1.92 -12.59 4.13
CA GLY A 1 -1.32 -12.23 2.82
C GLY A 1 0.06 -12.86 2.67
N PRO A 2 0.24 -13.83 1.76
CA PRO A 2 1.51 -14.57 1.59
C PRO A 2 2.64 -13.65 1.10
N LEU A 3 3.88 -13.94 1.47
CA LEU A 3 5.06 -13.13 1.13
C LEU A 3 5.79 -13.68 -0.12
N GLY A 4 6.17 -12.78 -1.04
CA GLY A 4 6.98 -13.08 -2.24
C GLY A 4 6.19 -13.70 -3.41
N SER A 5 5.16 -14.50 -3.12
CA SER A 5 4.19 -15.05 -4.09
C SER A 5 3.16 -14.00 -4.55
N GLU A 6 3.64 -12.80 -4.88
CA GLU A 6 2.86 -11.56 -5.00
C GLU A 6 3.15 -10.86 -6.34
N LYS A 7 3.04 -11.61 -7.44
CA LYS A 7 3.66 -11.29 -8.74
C LYS A 7 2.84 -10.38 -9.62
N SER A 8 1.70 -9.93 -9.09
CA SER A 8 0.92 -8.84 -9.69
C SER A 8 1.46 -7.48 -9.25
N LEU A 9 1.42 -6.50 -10.16
CA LEU A 9 1.89 -5.13 -9.90
C LEU A 9 0.88 -4.27 -9.11
N GLU A 10 -0.28 -4.83 -8.80
CA GLU A 10 -1.28 -4.29 -7.86
C GLU A 10 -0.90 -4.55 -6.38
N GLN A 11 -1.70 -4.00 -5.45
CA GLN A 11 -1.60 -4.25 -4.00
C GLN A 11 -2.94 -4.63 -3.36
N CYS A 12 -2.84 -5.48 -2.33
CA CYS A 12 -3.94 -5.92 -1.47
C CYS A 12 -4.14 -4.97 -0.29
N LYS A 13 -5.33 -4.36 -0.18
CA LYS A 13 -5.62 -3.18 0.66
C LYS A 13 -5.57 -3.39 2.18
N PHE A 14 -5.37 -4.63 2.65
CA PHE A 14 -5.28 -4.94 4.09
C PHE A 14 -3.84 -5.13 4.61
N GLY A 15 -2.82 -5.17 3.74
CA GLY A 15 -1.40 -5.15 4.13
C GLY A 15 -0.99 -6.29 5.07
N THR A 16 -0.27 -5.98 6.16
CA THR A 16 0.10 -6.95 7.21
C THR A 16 -1.10 -7.50 8.00
N HIS A 17 -2.24 -6.81 7.99
CA HIS A 17 -3.50 -7.24 8.61
C HIS A 17 -4.35 -8.14 7.68
N CYS A 18 -3.88 -8.41 6.45
CA CYS A 18 -4.60 -9.21 5.47
C CYS A 18 -4.79 -10.68 5.90
N THR A 19 -5.97 -11.23 5.64
CA THR A 19 -6.42 -12.54 6.10
C THR A 19 -6.45 -13.64 5.03
N ASN A 20 -6.26 -13.36 3.73
CA ASN A 20 -6.27 -14.41 2.72
C ASN A 20 -4.87 -15.01 2.51
N LYS A 21 -4.80 -16.32 2.22
CA LYS A 21 -3.56 -17.11 2.20
C LYS A 21 -2.88 -17.19 0.84
N ARG A 22 -3.52 -16.70 -0.23
CA ARG A 22 -3.10 -16.86 -1.64
C ARG A 22 -3.14 -15.56 -2.47
N CYS A 23 -3.24 -14.38 -1.83
CA CYS A 23 -3.37 -13.12 -2.55
C CYS A 23 -2.04 -12.69 -3.21
N LYS A 24 -2.08 -12.58 -4.54
CA LYS A 24 -0.91 -12.43 -5.43
C LYS A 24 -0.56 -10.99 -5.77
N TYR A 25 -0.91 -10.07 -4.88
CA TYR A 25 -0.74 -8.64 -4.98
C TYR A 25 0.21 -8.25 -3.84
N ARG A 26 1.02 -7.20 -3.99
CA ARG A 26 1.96 -6.89 -2.90
C ARG A 26 1.18 -6.40 -1.68
N HIS A 27 1.55 -6.90 -0.52
CA HIS A 27 1.06 -6.42 0.76
C HIS A 27 2.17 -5.58 1.40
N ALA A 28 1.93 -4.30 1.67
CA ALA A 28 2.91 -3.43 2.31
C ALA A 28 3.33 -3.96 3.69
N ARG A 29 4.60 -4.35 3.83
CA ARG A 29 5.24 -4.81 5.08
C ARG A 29 6.02 -3.72 5.80
N SER A 30 6.40 -2.66 5.07
CA SER A 30 7.29 -1.58 5.52
C SER A 30 6.52 -0.27 5.80
N HIS A 31 7.06 0.56 6.70
CA HIS A 31 6.42 1.76 7.25
C HIS A 31 6.54 3.01 6.35
N ILE A 32 6.53 2.82 5.02
CA ILE A 32 6.74 3.91 4.05
C ILE A 32 5.97 3.66 2.75
N MET A 33 5.59 4.74 2.06
CA MET A 33 5.06 4.73 0.69
C MET A 33 6.18 5.03 -0.32
N CYS A 34 6.11 4.38 -1.49
CA CYS A 34 7.23 4.25 -2.41
C CYS A 34 7.53 5.52 -3.24
N ARG A 35 8.81 5.65 -3.64
CA ARG A 35 9.34 6.78 -4.44
C ARG A 35 8.68 6.97 -5.80
N GLU A 36 8.23 5.86 -6.39
CA GLU A 36 7.55 5.86 -7.70
C GLU A 36 6.04 5.64 -7.57
N GLY A 37 5.54 5.42 -6.35
CA GLY A 37 4.14 5.12 -6.06
C GLY A 37 3.68 3.85 -6.79
N ALA A 38 2.56 3.96 -7.51
CA ALA A 38 2.03 2.88 -8.35
C ALA A 38 2.73 2.74 -9.73
N ASN A 39 3.71 3.59 -10.04
CA ASN A 39 4.54 3.49 -11.25
C ASN A 39 5.75 2.55 -11.02
N CYS A 40 6.07 2.25 -9.75
CA CYS A 40 7.14 1.35 -9.35
C CYS A 40 6.93 -0.04 -9.98
N THR A 41 7.93 -0.54 -10.72
CA THR A 41 7.86 -1.82 -11.46
C THR A 41 8.31 -3.04 -10.63
N ARG A 42 8.62 -2.85 -9.35
CA ARG A 42 9.24 -3.87 -8.49
C ARG A 42 8.20 -4.74 -7.79
N ILE A 43 8.31 -6.05 -7.97
CA ILE A 43 7.51 -7.08 -7.26
C ILE A 43 8.04 -7.32 -5.83
N ASP A 44 9.35 -7.18 -5.64
CA ASP A 44 10.06 -7.38 -4.38
C ASP A 44 9.94 -6.20 -3.38
N CYS A 45 9.12 -5.17 -3.68
CA CYS A 45 9.15 -3.88 -3.00
C CYS A 45 7.94 -3.77 -2.04
N LEU A 46 8.27 -3.62 -0.75
CA LEU A 46 7.37 -3.92 0.38
C LEU A 46 6.82 -2.65 1.07
N PHE A 47 7.00 -1.52 0.41
CA PHE A 47 6.36 -0.24 0.71
C PHE A 47 4.88 -0.26 0.31
N GLY A 48 4.17 0.79 0.71
CA GLY A 48 2.91 1.17 0.07
C GLY A 48 3.14 1.51 -1.40
N HIS A 49 2.46 0.78 -2.29
CA HIS A 49 2.30 1.09 -3.71
C HIS A 49 0.79 1.30 -3.95
N PRO A 50 0.29 2.56 -4.03
CA PRO A 50 -1.12 2.92 -3.79
C PRO A 50 -2.17 2.20 -4.65
N ILE A 51 -3.41 2.17 -4.13
CA ILE A 51 -4.56 1.40 -4.62
C ILE A 51 -5.63 2.37 -5.13
N ASN A 52 -6.37 2.01 -6.18
CA ASN A 52 -7.57 2.73 -6.61
C ASN A 52 -8.76 2.44 -5.68
N GLU A 53 -8.73 3.02 -4.47
CA GLU A 53 -9.75 2.89 -3.41
C GLU A 53 -9.81 4.18 -2.58
N ASP A 54 -10.97 4.52 -2.02
CA ASP A 54 -11.15 5.69 -1.16
C ASP A 54 -11.03 5.32 0.34
N CYS A 55 -10.12 5.99 1.07
CA CYS A 55 -9.85 5.73 2.48
C CYS A 55 -11.08 5.91 3.39
N ARG A 56 -11.13 5.06 4.41
CA ARG A 56 -12.13 5.05 5.51
C ARG A 56 -11.90 6.14 6.57
N PHE A 57 -10.78 6.88 6.50
CA PHE A 57 -10.52 8.07 7.33
C PHE A 57 -10.16 9.32 6.52
N GLY A 58 -9.64 9.21 5.29
CA GLY A 58 -9.44 10.33 4.36
C GLY A 58 -8.40 11.33 4.88
N VAL A 59 -8.85 12.54 5.19
CA VAL A 59 -8.00 13.63 5.76
C VAL A 59 -7.79 13.51 7.27
N ASN A 60 -8.58 12.65 7.94
CA ASN A 60 -8.41 12.32 9.37
C ASN A 60 -7.31 11.26 9.58
N CYS A 61 -6.97 10.52 8.52
CA CYS A 61 -5.97 9.46 8.48
C CYS A 61 -4.55 10.03 8.65
N LYS A 62 -3.69 9.33 9.41
CA LYS A 62 -2.30 9.73 9.69
C LYS A 62 -1.26 8.62 9.40
N ASN A 63 -1.71 7.50 8.81
CA ASN A 63 -0.83 6.40 8.38
C ASN A 63 -0.18 6.72 7.02
N ILE A 64 1.14 6.85 7.01
CA ILE A 64 1.96 7.27 5.85
C ILE A 64 1.91 6.26 4.68
N TYR A 65 1.69 4.99 5.00
CA TYR A 65 1.80 3.82 4.12
C TYR A 65 0.46 3.07 4.01
N CYS A 66 -0.64 3.80 4.16
CA CYS A 66 -2.01 3.33 4.09
C CYS A 66 -2.39 2.94 2.65
N LEU A 67 -3.18 1.89 2.52
CA LEU A 67 -3.43 1.18 1.25
C LEU A 67 -4.76 1.59 0.59
N PHE A 68 -4.98 2.90 0.65
CA PHE A 68 -6.16 3.63 0.18
C PHE A 68 -5.72 5.04 -0.25
N ARG A 69 -6.35 5.63 -1.27
CA ARG A 69 -6.16 7.03 -1.67
C ARG A 69 -6.88 8.00 -0.72
N HIS A 70 -6.36 9.22 -0.62
CA HIS A 70 -6.81 10.24 0.33
C HIS A 70 -7.17 11.55 -0.40
N PRO A 71 -8.16 12.33 0.08
CA PRO A 71 -8.54 13.61 -0.54
C PRO A 71 -7.39 14.63 -0.60
N PRO A 72 -7.45 15.64 -1.49
CA PRO A 72 -6.48 16.74 -1.55
C PRO A 72 -6.57 17.65 -0.32
N GLY A 73 -5.49 18.41 -0.05
CA GLY A 73 -5.42 19.31 1.12
C GLY A 73 -5.29 18.58 2.47
N ARG A 74 -4.74 17.36 2.46
CA ARG A 74 -4.50 16.50 3.64
C ARG A 74 -3.27 16.96 4.42
N VAL A 75 -3.09 16.37 5.60
CA VAL A 75 -1.86 16.49 6.41
C VAL A 75 -1.43 15.11 6.91
N LEU A 76 -0.12 14.84 6.87
CA LEU A 76 0.53 13.63 7.37
C LEU A 76 1.81 14.01 8.14
N PRO A 77 2.15 13.31 9.25
CA PRO A 77 3.34 13.65 10.04
C PRO A 77 4.65 13.31 9.31
N GLU A 78 5.62 14.21 9.36
CA GLU A 78 6.93 14.09 8.70
C GLU A 78 7.93 13.31 9.57
N LYS A 79 7.58 12.07 9.92
CA LYS A 79 8.37 11.17 10.79
C LYS A 79 9.72 10.82 10.17
N LYS A 80 10.76 10.88 10.99
CA LYS A 80 12.18 10.57 10.67
C LYS A 80 12.86 9.79 11.79
N GLY A 1 -3.79 -21.33 -14.45
CA GLY A 1 -2.73 -22.30 -14.10
C GLY A 1 -2.45 -22.31 -12.60
N PRO A 2 -1.27 -22.80 -12.16
CA PRO A 2 -0.87 -22.86 -10.75
C PRO A 2 -0.79 -21.50 -10.04
N LEU A 3 -0.86 -21.51 -8.71
CA LEU A 3 -0.74 -20.32 -7.87
C LEU A 3 0.69 -19.74 -7.91
N GLY A 4 0.82 -18.48 -8.34
CA GLY A 4 2.08 -17.73 -8.32
C GLY A 4 2.44 -17.17 -6.95
N SER A 5 3.73 -16.99 -6.69
CA SER A 5 4.28 -16.42 -5.44
C SER A 5 4.11 -14.90 -5.37
N GLU A 6 2.88 -14.45 -5.14
CA GLU A 6 2.45 -13.04 -5.05
C GLU A 6 2.88 -12.19 -6.25
N LYS A 7 2.73 -12.75 -7.46
CA LYS A 7 3.44 -12.32 -8.67
C LYS A 7 2.68 -11.28 -9.50
N SER A 8 1.50 -10.91 -9.05
CA SER A 8 0.70 -9.86 -9.64
C SER A 8 1.22 -8.48 -9.22
N LEU A 9 1.35 -7.57 -10.18
CA LEU A 9 1.99 -6.25 -9.98
C LEU A 9 1.07 -5.20 -9.35
N GLU A 10 -0.24 -5.48 -9.29
CA GLU A 10 -1.17 -4.76 -8.43
C GLU A 10 -0.85 -4.98 -6.93
N GLN A 11 -1.37 -4.11 -6.06
CA GLN A 11 -1.19 -4.18 -4.60
C GLN A 11 -2.51 -4.47 -3.89
N CYS A 12 -2.45 -5.37 -2.92
CA CYS A 12 -3.55 -5.80 -2.07
C CYS A 12 -4.14 -4.66 -1.23
N LYS A 13 -5.44 -4.74 -0.93
CA LYS A 13 -6.25 -3.63 -0.39
C LYS A 13 -5.78 -3.11 0.98
N PHE A 14 -5.30 -4.00 1.85
CA PHE A 14 -5.07 -3.70 3.28
C PHE A 14 -3.61 -3.85 3.76
N GLY A 15 -2.66 -4.15 2.86
CA GLY A 15 -1.21 -4.08 3.13
C GLY A 15 -0.74 -4.84 4.38
N THR A 16 -0.21 -4.11 5.36
CA THR A 16 0.26 -4.63 6.66
C THR A 16 -0.86 -5.24 7.52
N HIS A 17 -2.11 -4.85 7.28
CA HIS A 17 -3.32 -5.32 7.98
C HIS A 17 -4.08 -6.41 7.20
N CYS A 18 -3.50 -6.95 6.11
CA CYS A 18 -4.18 -7.88 5.21
C CYS A 18 -4.59 -9.21 5.88
N THR A 19 -5.77 -9.71 5.51
CA THR A 19 -6.50 -10.78 6.20
C THR A 19 -6.48 -12.16 5.51
N ASN A 20 -6.02 -12.28 4.25
CA ASN A 20 -5.78 -13.59 3.63
C ASN A 20 -4.27 -13.90 3.56
N LYS A 21 -3.91 -15.18 3.76
CA LYS A 21 -2.52 -15.61 4.04
C LYS A 21 -1.63 -15.78 2.81
N ARG A 22 -2.18 -15.67 1.59
CA ARG A 22 -1.50 -16.02 0.31
C ARG A 22 -1.78 -15.10 -0.89
N CYS A 23 -2.51 -13.99 -0.69
CA CYS A 23 -3.08 -13.22 -1.80
C CYS A 23 -2.05 -12.77 -2.85
N LYS A 24 -2.44 -12.82 -4.14
CA LYS A 24 -1.54 -12.83 -5.30
C LYS A 24 -0.83 -11.50 -5.59
N TYR A 25 -1.03 -10.49 -4.76
CA TYR A 25 -0.71 -9.09 -5.04
C TYR A 25 0.44 -8.63 -4.15
N ARG A 26 1.03 -7.48 -4.47
CA ARG A 26 1.99 -6.82 -3.59
C ARG A 26 1.33 -6.48 -2.25
N HIS A 27 2.07 -6.59 -1.14
CA HIS A 27 1.61 -6.28 0.22
C HIS A 27 2.62 -5.36 0.91
N ALA A 28 2.16 -4.26 1.51
CA ALA A 28 3.02 -3.33 2.27
C ALA A 28 3.63 -4.01 3.52
N ARG A 29 4.84 -3.56 3.90
CA ARG A 29 5.61 -4.03 5.08
C ARG A 29 6.46 -2.92 5.72
N SER A 30 6.85 -1.92 4.93
CA SER A 30 7.46 -0.64 5.34
C SER A 30 6.49 0.52 5.06
N HIS A 31 6.65 1.61 5.80
CA HIS A 31 5.73 2.76 5.80
C HIS A 31 5.91 3.71 4.60
N ILE A 32 6.99 3.55 3.81
CA ILE A 32 7.38 4.54 2.80
C ILE A 32 6.60 4.31 1.51
N MET A 33 6.15 5.38 0.85
CA MET A 33 5.51 5.32 -0.46
C MET A 33 6.55 5.32 -1.58
N CYS A 34 6.38 4.43 -2.54
CA CYS A 34 7.44 4.05 -3.47
C CYS A 34 7.83 5.14 -4.49
N ARG A 35 9.09 5.12 -4.92
CA ARG A 35 9.70 6.07 -5.88
C ARG A 35 9.01 6.13 -7.23
N GLU A 36 8.43 5.01 -7.64
CA GLU A 36 7.72 4.87 -8.92
C GLU A 36 6.19 4.76 -8.76
N GLY A 37 5.71 4.70 -7.52
CA GLY A 37 4.30 4.51 -7.18
C GLY A 37 3.76 3.20 -7.75
N ALA A 38 2.66 3.28 -8.49
CA ALA A 38 2.05 2.14 -9.19
C ALA A 38 2.72 1.81 -10.55
N ASN A 39 3.71 2.60 -11.00
CA ASN A 39 4.52 2.30 -12.19
C ASN A 39 5.67 1.32 -11.86
N CYS A 40 5.95 1.16 -10.56
CA CYS A 40 6.98 0.28 -10.00
C CYS A 40 6.81 -1.16 -10.49
N THR A 41 7.88 -1.79 -10.96
CA THR A 41 7.92 -3.18 -11.43
C THR A 41 8.37 -4.19 -10.37
N ARG A 42 8.61 -3.75 -9.13
CA ARG A 42 9.19 -4.58 -8.06
C ARG A 42 8.13 -5.34 -7.26
N ILE A 43 8.06 -6.66 -7.41
CA ILE A 43 7.28 -7.55 -6.52
C ILE A 43 7.92 -7.63 -5.12
N ASP A 44 9.24 -7.47 -5.05
CA ASP A 44 10.06 -7.52 -3.83
C ASP A 44 9.89 -6.28 -2.92
N CYS A 45 9.14 -5.24 -3.31
CA CYS A 45 9.03 -4.01 -2.55
C CYS A 45 8.26 -4.20 -1.24
N LEU A 46 8.75 -3.54 -0.20
CA LEU A 46 8.12 -3.43 1.11
C LEU A 46 7.20 -2.19 1.20
N PHE A 47 7.25 -1.33 0.18
CA PHE A 47 6.72 0.02 0.24
C PHE A 47 5.21 0.03 -0.02
N GLY A 48 4.57 1.13 0.37
CA GLY A 48 3.24 1.48 -0.09
C GLY A 48 3.26 1.76 -1.60
N HIS A 49 2.51 0.95 -2.35
CA HIS A 49 2.21 1.14 -3.76
C HIS A 49 0.71 1.49 -3.88
N PRO A 50 0.32 2.62 -4.51
CA PRO A 50 -1.04 3.15 -4.43
C PRO A 50 -2.08 2.30 -5.20
N ILE A 51 -3.36 2.56 -4.89
CA ILE A 51 -4.55 1.89 -5.42
C ILE A 51 -5.59 2.98 -5.75
N ASN A 52 -6.31 2.82 -6.87
CA ASN A 52 -7.45 3.66 -7.25
C ASN A 52 -8.70 3.32 -6.41
N GLU A 53 -8.72 3.81 -5.16
CA GLU A 53 -9.74 3.53 -4.14
C GLU A 53 -9.91 4.74 -3.21
N ASP A 54 -10.99 4.80 -2.44
CA ASP A 54 -11.35 5.97 -1.62
C ASP A 54 -11.34 5.66 -0.12
N CYS A 55 -10.44 6.30 0.65
CA CYS A 55 -10.27 5.96 2.06
C CYS A 55 -11.52 6.19 2.90
N ARG A 56 -11.73 5.29 3.85
CA ARG A 56 -12.87 5.22 4.79
C ARG A 56 -12.76 6.29 5.88
N PHE A 57 -11.56 6.84 6.05
CA PHE A 57 -11.22 7.87 7.03
C PHE A 57 -10.81 9.20 6.38
N GLY A 58 -10.17 9.19 5.20
CA GLY A 58 -9.85 10.38 4.42
C GLY A 58 -8.91 11.33 5.17
N VAL A 59 -9.43 12.49 5.58
CA VAL A 59 -8.68 13.51 6.36
C VAL A 59 -8.54 13.17 7.85
N ASN A 60 -9.25 12.15 8.34
CA ASN A 60 -9.19 11.68 9.73
C ASN A 60 -8.11 10.59 9.93
N CYS A 61 -7.68 9.96 8.83
CA CYS A 61 -6.78 8.81 8.78
C CYS A 61 -5.37 9.16 9.33
N LYS A 62 -4.93 8.43 10.36
CA LYS A 62 -3.62 8.60 11.03
C LYS A 62 -2.57 7.55 10.62
N ASN A 63 -2.96 6.55 9.82
CA ASN A 63 -2.07 5.48 9.37
C ASN A 63 -1.12 5.96 8.25
N ILE A 64 0.14 5.51 8.28
CA ILE A 64 1.20 5.98 7.37
C ILE A 64 1.24 5.18 6.05
N TYR A 65 0.85 3.91 6.11
CA TYR A 65 1.00 2.89 5.07
C TYR A 65 -0.17 2.87 4.07
N CYS A 66 -1.23 3.65 4.31
CA CYS A 66 -2.59 3.33 3.89
C CYS A 66 -2.78 3.48 2.37
N LEU A 67 -3.46 2.50 1.80
CA LEU A 67 -3.40 2.17 0.37
C LEU A 67 -4.60 2.68 -0.44
N PHE A 68 -5.64 3.17 0.23
CA PHE A 68 -6.73 3.89 -0.42
C PHE A 68 -6.36 5.40 -0.48
N ARG A 69 -6.81 6.11 -1.53
CA ARG A 69 -6.46 7.52 -1.76
C ARG A 69 -7.07 8.43 -0.67
N HIS A 70 -6.34 9.48 -0.31
CA HIS A 70 -6.73 10.46 0.72
C HIS A 70 -6.93 11.86 0.11
N PRO A 71 -7.84 12.71 0.65
CA PRO A 71 -8.01 14.09 0.19
C PRO A 71 -6.78 14.98 0.45
N PRO A 72 -6.61 16.09 -0.28
CA PRO A 72 -5.55 17.07 -0.07
C PRO A 72 -5.54 17.68 1.33
N GLY A 73 -4.34 18.02 1.83
CA GLY A 73 -4.15 18.74 3.10
C GLY A 73 -4.37 17.91 4.38
N ARG A 74 -4.45 16.58 4.28
CA ARG A 74 -4.51 15.66 5.43
C ARG A 74 -3.14 15.52 6.08
N VAL A 75 -3.11 15.45 7.41
CA VAL A 75 -1.86 15.48 8.20
C VAL A 75 -1.52 14.09 8.75
N LEU A 76 -0.25 13.74 8.62
CA LEU A 76 0.40 12.54 9.14
C LEU A 76 1.73 12.90 9.85
N PRO A 77 2.10 12.21 10.95
CA PRO A 77 3.40 12.41 11.61
C PRO A 77 4.55 11.80 10.80
N GLU A 78 5.78 12.28 11.05
CA GLU A 78 6.99 11.70 10.45
C GLU A 78 7.38 10.36 11.10
N LYS A 79 7.94 9.45 10.29
CA LYS A 79 8.35 8.08 10.69
C LYS A 79 9.64 7.67 9.98
N LYS A 80 10.46 6.82 10.63
CA LYS A 80 11.73 6.27 10.14
C LYS A 80 11.77 4.75 10.27
N GLY A 1 13.13 -10.97 -1.21
CA GLY A 1 12.30 -11.95 -1.94
C GLY A 1 10.83 -11.80 -1.59
N PRO A 2 9.92 -11.74 -2.58
CA PRO A 2 8.48 -11.67 -2.35
C PRO A 2 7.91 -13.01 -1.83
N LEU A 3 6.68 -12.96 -1.30
CA LEU A 3 5.94 -14.09 -0.71
C LEU A 3 4.61 -14.34 -1.45
N GLY A 4 3.93 -15.45 -1.16
CA GLY A 4 2.60 -15.76 -1.72
C GLY A 4 2.58 -15.84 -3.24
N SER A 5 1.67 -15.11 -3.89
CA SER A 5 1.54 -15.02 -5.35
C SER A 5 1.28 -13.57 -5.83
N GLU A 6 1.87 -12.58 -5.15
CA GLU A 6 1.57 -11.15 -5.28
C GLU A 6 2.24 -10.47 -6.48
N LYS A 7 2.20 -11.14 -7.62
CA LYS A 7 2.83 -10.77 -8.90
C LYS A 7 2.05 -9.71 -9.67
N SER A 8 0.98 -9.19 -9.07
CA SER A 8 0.25 -8.03 -9.54
C SER A 8 0.91 -6.73 -9.06
N LEU A 9 0.91 -5.69 -9.90
CA LEU A 9 1.40 -4.36 -9.54
C LEU A 9 0.41 -3.55 -8.67
N GLU A 10 -0.83 -4.01 -8.52
CA GLU A 10 -1.78 -3.43 -7.55
C GLU A 10 -1.57 -3.98 -6.13
N GLN A 11 -1.99 -3.21 -5.14
CA GLN A 11 -1.91 -3.55 -3.71
C GLN A 11 -3.24 -4.10 -3.17
N CYS A 12 -3.10 -5.04 -2.23
CA CYS A 12 -4.18 -5.54 -1.38
C CYS A 12 -4.77 -4.44 -0.46
N LYS A 13 -5.86 -4.80 0.23
CA LYS A 13 -6.58 -3.92 1.16
C LYS A 13 -6.04 -3.95 2.60
N PHE A 14 -5.29 -4.99 2.98
CA PHE A 14 -4.98 -5.29 4.39
C PHE A 14 -3.49 -5.47 4.72
N GLY A 15 -2.58 -5.57 3.73
CA GLY A 15 -1.13 -5.65 3.98
C GLY A 15 -0.73 -6.85 4.85
N THR A 16 0.00 -6.60 5.95
CA THR A 16 0.34 -7.61 6.97
C THR A 16 -0.85 -8.20 7.73
N HIS A 17 -2.03 -7.57 7.66
CA HIS A 17 -3.28 -8.08 8.24
C HIS A 17 -4.08 -8.98 7.27
N CYS A 18 -3.61 -9.14 6.01
CA CYS A 18 -4.25 -10.00 5.02
C CYS A 18 -4.22 -11.49 5.46
N THR A 19 -5.35 -12.18 5.29
CA THR A 19 -5.63 -13.47 5.93
C THR A 19 -5.28 -14.71 5.10
N ASN A 20 -4.92 -14.55 3.81
CA ASN A 20 -4.58 -15.64 2.90
C ASN A 20 -3.08 -15.63 2.53
N LYS A 21 -2.37 -16.73 2.77
CA LYS A 21 -0.92 -16.91 2.51
C LYS A 21 -0.55 -17.03 1.02
N ARG A 22 -1.53 -17.11 0.11
CA ARG A 22 -1.36 -17.29 -1.36
C ARG A 22 -1.82 -16.07 -2.17
N CYS A 23 -2.08 -14.94 -1.50
CA CYS A 23 -2.81 -13.80 -2.05
C CYS A 23 -2.05 -13.03 -3.14
N LYS A 24 -2.82 -12.43 -4.06
CA LYS A 24 -2.41 -12.12 -5.45
C LYS A 24 -2.03 -10.67 -5.73
N TYR A 25 -2.05 -9.82 -4.71
CA TYR A 25 -1.83 -8.37 -4.79
C TYR A 25 -0.68 -8.00 -3.86
N ARG A 26 0.13 -6.99 -4.21
CA ARG A 26 1.23 -6.51 -3.36
C ARG A 26 0.70 -6.26 -1.94
N HIS A 27 1.44 -6.67 -0.92
CA HIS A 27 1.10 -6.43 0.49
C HIS A 27 2.17 -5.52 1.13
N ALA A 28 1.78 -4.37 1.67
CA ALA A 28 2.69 -3.48 2.40
C ALA A 28 3.14 -4.13 3.72
N ARG A 29 4.45 -4.07 4.00
CA ARG A 29 5.11 -4.66 5.20
C ARG A 29 6.10 -3.68 5.85
N SER A 30 6.62 -2.71 5.09
CA SER A 30 7.39 -1.55 5.56
C SER A 30 6.47 -0.33 5.72
N HIS A 31 6.87 0.62 6.58
CA HIS A 31 6.03 1.74 7.01
C HIS A 31 6.05 2.97 6.08
N ILE A 32 6.79 2.93 4.97
CA ILE A 32 6.97 4.08 4.06
C ILE A 32 6.16 3.87 2.76
N MET A 33 5.73 4.95 2.12
CA MET A 33 5.20 4.95 0.75
C MET A 33 6.35 5.02 -0.26
N CYS A 34 6.15 4.43 -1.43
CA CYS A 34 7.23 4.19 -2.39
C CYS A 34 7.67 5.44 -3.16
N ARG A 35 8.96 5.46 -3.56
CA ARG A 35 9.57 6.51 -4.39
C ARG A 35 9.04 6.53 -5.83
N GLU A 36 8.68 5.37 -6.37
CA GLU A 36 8.12 5.25 -7.71
C GLU A 36 6.60 5.00 -7.71
N GLY A 37 6.00 4.81 -6.52
CA GLY A 37 4.56 4.73 -6.30
C GLY A 37 3.90 3.61 -7.11
N ALA A 38 2.94 3.97 -7.96
CA ALA A 38 2.26 3.05 -8.87
C ALA A 38 3.01 2.83 -10.22
N ASN A 39 4.04 3.62 -10.51
CA ASN A 39 4.94 3.42 -11.65
C ASN A 39 6.08 2.43 -11.30
N CYS A 40 6.30 2.19 -10.00
CA CYS A 40 7.21 1.18 -9.46
C CYS A 40 6.84 -0.22 -10.02
N THR A 41 7.76 -0.87 -10.73
CA THR A 41 7.54 -2.20 -11.35
C THR A 41 7.95 -3.38 -10.45
N ARG A 42 8.34 -3.12 -9.20
CA ARG A 42 8.98 -4.09 -8.30
C ARG A 42 7.96 -4.89 -7.47
N ILE A 43 7.85 -6.20 -7.70
CA ILE A 43 7.03 -7.11 -6.89
C ILE A 43 7.67 -7.37 -5.50
N ASP A 44 8.99 -7.28 -5.43
CA ASP A 44 9.80 -7.40 -4.21
C ASP A 44 9.73 -6.17 -3.26
N CYS A 45 8.94 -5.13 -3.58
CA CYS A 45 9.01 -3.84 -2.91
C CYS A 45 7.90 -3.71 -1.86
N LEU A 46 8.33 -3.58 -0.61
CA LEU A 46 7.50 -3.86 0.59
C LEU A 46 6.92 -2.58 1.22
N PHE A 47 7.15 -1.45 0.57
CA PHE A 47 6.53 -0.16 0.88
C PHE A 47 5.03 -0.20 0.60
N GLY A 48 4.34 0.85 1.05
CA GLY A 48 3.08 1.27 0.46
C GLY A 48 3.25 1.49 -1.05
N HIS A 49 2.44 0.80 -1.84
CA HIS A 49 2.17 1.13 -3.25
C HIS A 49 0.66 1.51 -3.35
N PRO A 50 0.19 2.28 -4.36
CA PRO A 50 -1.19 2.81 -4.36
C PRO A 50 -2.30 1.84 -4.79
N ILE A 51 -3.55 2.15 -4.40
CA ILE A 51 -4.78 1.42 -4.71
C ILE A 51 -5.78 2.40 -5.35
N ASN A 52 -6.61 1.95 -6.31
CA ASN A 52 -7.74 2.72 -6.84
C ASN A 52 -8.95 2.67 -5.88
N GLU A 53 -8.83 3.33 -4.72
CA GLU A 53 -9.84 3.32 -3.64
C GLU A 53 -9.81 4.64 -2.84
N ASP A 54 -10.92 4.99 -2.18
CA ASP A 54 -11.06 6.20 -1.34
C ASP A 54 -11.14 5.86 0.16
N CYS A 55 -10.21 6.41 0.94
CA CYS A 55 -10.04 6.14 2.37
C CYS A 55 -11.26 6.47 3.25
N ARG A 56 -11.42 5.67 4.31
CA ARG A 56 -12.43 5.80 5.37
C ARG A 56 -12.30 7.08 6.19
N PHE A 57 -11.12 7.74 6.17
CA PHE A 57 -10.84 8.97 6.91
C PHE A 57 -10.50 10.16 5.99
N GLY A 58 -10.08 9.92 4.75
CA GLY A 58 -9.72 10.95 3.78
C GLY A 58 -8.56 11.83 4.28
N VAL A 59 -8.84 13.11 4.48
CA VAL A 59 -7.87 14.11 4.97
C VAL A 59 -7.57 14.02 6.48
N ASN A 60 -8.32 13.19 7.22
CA ASN A 60 -8.17 12.99 8.67
C ASN A 60 -7.19 11.86 9.02
N CYS A 61 -6.83 11.01 8.04
CA CYS A 61 -5.96 9.85 8.17
C CYS A 61 -4.51 10.23 8.53
N LYS A 62 -3.91 9.51 9.49
CA LYS A 62 -2.52 9.69 9.95
C LYS A 62 -1.55 8.58 9.50
N ASN A 63 -2.05 7.52 8.86
CA ASN A 63 -1.24 6.37 8.44
C ASN A 63 -0.48 6.64 7.12
N ILE A 64 0.85 6.66 7.19
CA ILE A 64 1.76 6.99 6.07
C ILE A 64 1.63 6.03 4.86
N TYR A 65 1.36 4.76 5.14
CA TYR A 65 1.44 3.62 4.22
C TYR A 65 0.08 2.91 4.07
N CYS A 66 -1.00 3.69 4.19
CA CYS A 66 -2.38 3.27 4.17
C CYS A 66 -2.80 2.79 2.77
N LEU A 67 -3.70 1.80 2.72
CA LEU A 67 -4.02 1.01 1.53
C LEU A 67 -5.28 1.52 0.78
N PHE A 68 -5.54 2.81 0.96
CA PHE A 68 -6.54 3.63 0.25
C PHE A 68 -5.95 5.00 -0.11
N ARG A 69 -6.43 5.62 -1.20
CA ARG A 69 -6.05 6.99 -1.59
C ARG A 69 -6.75 8.05 -0.73
N HIS A 70 -6.22 9.28 -0.71
CA HIS A 70 -6.67 10.37 0.16
C HIS A 70 -6.87 11.68 -0.64
N PRO A 71 -7.86 12.53 -0.31
CA PRO A 71 -8.08 13.81 -1.00
C PRO A 71 -6.91 14.80 -0.85
N PRO A 72 -6.84 15.84 -1.70
CA PRO A 72 -5.88 16.95 -1.55
C PRO A 72 -6.06 17.72 -0.23
N GLY A 73 -4.98 18.37 0.23
CA GLY A 73 -4.99 19.21 1.43
C GLY A 73 -4.98 18.42 2.76
N ARG A 74 -4.58 17.14 2.73
CA ARG A 74 -4.38 16.28 3.90
C ARG A 74 -3.13 16.71 4.68
N VAL A 75 -2.99 16.20 5.90
CA VAL A 75 -1.75 16.30 6.69
C VAL A 75 -1.40 14.94 7.29
N LEU A 76 -0.13 14.53 7.14
CA LEU A 76 0.44 13.30 7.69
C LEU A 76 1.59 13.62 8.67
N PRO A 77 1.78 12.83 9.75
CA PRO A 77 2.89 13.01 10.69
C PRO A 77 4.26 12.71 10.05
N GLU A 78 5.30 13.39 10.54
CA GLU A 78 6.69 13.25 10.07
C GLU A 78 7.69 13.53 11.21
N LYS A 79 8.79 12.76 11.27
CA LYS A 79 9.91 12.98 12.21
C LYS A 79 10.95 13.92 11.61
N LYS A 80 11.49 14.82 12.45
CA LYS A 80 12.47 15.86 12.08
C LYS A 80 13.87 15.54 12.63
N GLY A 1 6.32 -25.13 2.82
CA GLY A 1 6.48 -23.66 2.99
C GLY A 1 5.52 -22.86 2.10
N PRO A 2 5.57 -21.52 2.16
CA PRO A 2 4.73 -20.64 1.35
C PRO A 2 5.11 -20.65 -0.14
N LEU A 3 4.20 -20.17 -0.99
CA LEU A 3 4.35 -20.07 -2.45
C LEU A 3 4.38 -18.60 -2.91
N GLY A 4 5.21 -18.30 -3.92
CA GLY A 4 5.34 -16.97 -4.52
C GLY A 4 4.20 -16.60 -5.46
N SER A 5 2.96 -16.50 -4.95
CA SER A 5 1.73 -16.32 -5.72
C SER A 5 1.42 -14.88 -6.17
N GLU A 6 2.27 -13.92 -5.81
CA GLU A 6 2.06 -12.47 -6.02
C GLU A 6 2.92 -11.88 -7.16
N LYS A 7 2.96 -12.57 -8.30
CA LYS A 7 3.71 -12.15 -9.51
C LYS A 7 3.02 -11.03 -10.28
N SER A 8 1.94 -10.51 -9.73
CA SER A 8 1.19 -9.37 -10.26
C SER A 8 1.81 -8.04 -9.83
N LEU A 9 1.78 -7.04 -10.73
CA LEU A 9 2.13 -5.65 -10.40
C LEU A 9 0.98 -4.88 -9.71
N GLU A 10 -0.14 -5.55 -9.44
CA GLU A 10 -1.18 -5.08 -8.52
C GLU A 10 -0.77 -5.19 -7.04
N GLN A 11 -1.53 -4.53 -6.17
CA GLN A 11 -1.31 -4.46 -4.73
C GLN A 11 -2.63 -4.63 -3.97
N CYS A 12 -2.59 -5.40 -2.88
CA CYS A 12 -3.72 -5.61 -1.97
C CYS A 12 -4.13 -4.32 -1.24
N LYS A 13 -5.40 -4.18 -0.83
CA LYS A 13 -5.88 -2.95 -0.15
C LYS A 13 -5.63 -2.92 1.36
N PHE A 14 -5.52 -4.07 2.03
CA PHE A 14 -5.47 -4.15 3.49
C PHE A 14 -4.04 -4.06 4.08
N GLY A 15 -2.99 -4.10 3.26
CA GLY A 15 -1.60 -3.88 3.68
C GLY A 15 -1.15 -4.79 4.84
N THR A 16 -0.83 -4.19 5.99
CA THR A 16 -0.45 -4.87 7.24
C THR A 16 -1.58 -5.71 7.84
N HIS A 17 -2.84 -5.36 7.54
CA HIS A 17 -4.06 -6.02 8.03
C HIS A 17 -4.58 -7.13 7.09
N CYS A 18 -3.93 -7.37 5.94
CA CYS A 18 -4.30 -8.51 5.08
C CYS A 18 -4.00 -9.85 5.80
N THR A 19 -4.99 -10.74 5.86
CA THR A 19 -4.92 -12.01 6.60
C THR A 19 -4.63 -13.24 5.72
N ASN A 20 -4.55 -13.10 4.40
CA ASN A 20 -4.42 -14.22 3.47
C ASN A 20 -2.94 -14.59 3.21
N LYS A 21 -2.63 -15.90 3.17
CA LYS A 21 -1.31 -16.45 2.83
C LYS A 21 -1.11 -16.68 1.32
N ARG A 22 -2.21 -16.78 0.57
CA ARG A 22 -2.28 -17.14 -0.86
C ARG A 22 -2.76 -15.98 -1.76
N CYS A 23 -2.42 -14.75 -1.38
CA CYS A 23 -2.82 -13.55 -2.11
C CYS A 23 -2.09 -13.38 -3.45
N LYS A 24 -2.82 -12.83 -4.42
CA LYS A 24 -2.35 -12.55 -5.78
C LYS A 24 -1.52 -11.26 -5.91
N TYR A 25 -1.40 -10.44 -4.84
CA TYR A 25 -0.93 -9.07 -4.93
C TYR A 25 0.19 -8.81 -3.93
N ARG A 26 0.95 -7.73 -4.11
CA ARG A 26 1.88 -7.28 -3.07
C ARG A 26 1.13 -6.69 -1.87
N HIS A 27 1.81 -6.57 -0.74
CA HIS A 27 1.26 -6.04 0.51
C HIS A 27 2.24 -5.04 1.16
N ALA A 28 1.74 -3.90 1.64
CA ALA A 28 2.54 -2.96 2.45
C ALA A 28 2.84 -3.58 3.83
N ARG A 29 4.11 -3.90 4.08
CA ARG A 29 4.63 -4.47 5.35
C ARG A 29 5.82 -3.68 5.90
N SER A 30 6.40 -2.79 5.11
CA SER A 30 7.36 -1.75 5.50
C SER A 30 6.67 -0.39 5.63
N HIS A 31 7.21 0.49 6.48
CA HIS A 31 6.60 1.76 6.93
C HIS A 31 6.77 2.93 5.93
N ILE A 32 6.86 2.63 4.63
CA ILE A 32 7.32 3.55 3.58
C ILE A 32 6.53 3.34 2.29
N MET A 33 6.20 4.44 1.60
CA MET A 33 5.64 4.48 0.24
C MET A 33 6.77 4.52 -0.79
N CYS A 34 6.61 3.75 -1.87
CA CYS A 34 7.68 3.47 -2.82
C CYS A 34 7.99 4.64 -3.76
N ARG A 35 9.24 4.71 -4.25
CA ARG A 35 9.73 5.81 -5.12
C ARG A 35 9.05 5.90 -6.48
N GLU A 36 8.60 4.76 -7.00
CA GLU A 36 7.85 4.69 -8.26
C GLU A 36 6.32 4.69 -8.06
N GLY A 37 5.87 4.53 -6.82
CA GLY A 37 4.45 4.39 -6.46
C GLY A 37 3.83 3.16 -7.11
N ALA A 38 2.70 3.35 -7.78
CA ALA A 38 2.00 2.29 -8.52
C ALA A 38 2.61 2.00 -9.92
N ASN A 39 3.64 2.77 -10.34
CA ASN A 39 4.40 2.51 -11.56
C ASN A 39 5.53 1.48 -11.33
N CYS A 40 5.79 1.12 -10.06
CA CYS A 40 6.84 0.20 -9.66
C CYS A 40 6.70 -1.19 -10.32
N THR A 41 7.77 -1.67 -10.93
CA THR A 41 7.86 -2.99 -11.59
C THR A 41 8.40 -4.10 -10.67
N ARG A 42 8.57 -3.82 -9.37
CA ARG A 42 9.17 -4.74 -8.40
C ARG A 42 8.11 -5.64 -7.75
N ILE A 43 8.28 -6.96 -7.89
CA ILE A 43 7.51 -7.97 -7.15
C ILE A 43 8.02 -8.13 -5.71
N ASP A 44 9.30 -7.86 -5.49
CA ASP A 44 9.99 -8.02 -4.21
C ASP A 44 9.74 -6.87 -3.21
N CYS A 45 8.94 -5.85 -3.55
CA CYS A 45 8.68 -4.73 -2.67
C CYS A 45 7.73 -5.08 -1.52
N LEU A 46 8.04 -4.49 -0.37
CA LEU A 46 7.24 -4.52 0.86
C LEU A 46 6.69 -3.13 1.21
N PHE A 47 6.88 -2.15 0.32
CA PHE A 47 6.46 -0.77 0.53
C PHE A 47 4.99 -0.59 0.14
N GLY A 48 4.41 0.54 0.52
CA GLY A 48 3.18 1.01 -0.08
C GLY A 48 3.36 1.24 -1.59
N HIS A 49 2.54 0.57 -2.39
CA HIS A 49 2.23 0.89 -3.76
C HIS A 49 0.70 1.17 -3.82
N PRO A 50 0.25 2.41 -4.10
CA PRO A 50 -1.14 2.83 -3.87
C PRO A 50 -2.16 2.17 -4.81
N ILE A 51 -3.45 2.30 -4.46
CA ILE A 51 -4.60 1.74 -5.17
C ILE A 51 -5.61 2.87 -5.41
N ASN A 52 -6.29 2.89 -6.56
CA ASN A 52 -7.33 3.88 -6.87
C ASN A 52 -8.64 3.55 -6.11
N GLU A 53 -8.71 3.98 -4.85
CA GLU A 53 -9.82 3.71 -3.92
C GLU A 53 -9.93 4.83 -2.87
N ASP A 54 -11.12 5.07 -2.32
CA ASP A 54 -11.36 6.15 -1.35
C ASP A 54 -11.19 5.68 0.10
N CYS A 55 -10.29 6.33 0.87
CA CYS A 55 -9.97 5.95 2.25
C CYS A 55 -11.17 5.99 3.21
N ARG A 56 -11.13 5.09 4.21
CA ARG A 56 -12.10 4.97 5.30
C ARG A 56 -12.02 6.13 6.31
N PHE A 57 -10.95 6.94 6.26
CA PHE A 57 -10.70 8.07 7.16
C PHE A 57 -10.51 9.41 6.43
N GLY A 58 -10.04 9.41 5.19
CA GLY A 58 -9.89 10.59 4.34
C GLY A 58 -8.94 11.62 4.96
N VAL A 59 -9.48 12.77 5.36
CA VAL A 59 -8.73 13.87 6.00
C VAL A 59 -8.35 13.60 7.47
N ASN A 60 -8.93 12.59 8.08
CA ASN A 60 -8.70 12.22 9.50
C ASN A 60 -7.53 11.24 9.67
N CYS A 61 -7.17 10.51 8.60
CA CYS A 61 -6.19 9.43 8.56
C CYS A 61 -4.80 9.83 9.08
N LYS A 62 -4.15 8.93 9.84
CA LYS A 62 -2.82 9.14 10.44
C LYS A 62 -1.73 8.14 9.98
N ASN A 63 -2.08 7.16 9.15
CA ASN A 63 -1.11 6.29 8.50
C ASN A 63 -0.39 7.05 7.35
N ILE A 64 0.93 6.89 7.23
CA ILE A 64 1.79 7.63 6.29
C ILE A 64 1.89 6.90 4.93
N TYR A 65 1.73 5.58 4.96
CA TYR A 65 1.92 4.63 3.86
C TYR A 65 0.60 3.87 3.55
N CYS A 66 -0.52 4.58 3.67
CA CYS A 66 -1.87 4.09 3.52
C CYS A 66 -2.21 3.90 2.02
N LEU A 67 -3.00 2.87 1.74
CA LEU A 67 -3.15 2.27 0.41
C LEU A 67 -4.35 2.82 -0.38
N PHE A 68 -5.23 3.53 0.30
CA PHE A 68 -6.35 4.27 -0.27
C PHE A 68 -5.97 5.74 -0.49
N ARG A 69 -6.59 6.40 -1.46
CA ARG A 69 -6.41 7.84 -1.74
C ARG A 69 -7.13 8.70 -0.70
N HIS A 70 -6.61 9.93 -0.51
CA HIS A 70 -7.08 10.90 0.50
C HIS A 70 -7.42 12.26 -0.15
N PRO A 71 -8.38 13.02 0.40
CA PRO A 71 -8.65 14.39 -0.05
C PRO A 71 -7.49 15.37 0.24
N PRO A 72 -7.49 16.58 -0.34
CA PRO A 72 -6.54 17.64 -0.01
C PRO A 72 -6.61 18.06 1.48
N GLY A 73 -5.47 18.47 2.03
CA GLY A 73 -5.39 19.02 3.40
C GLY A 73 -5.50 18.00 4.54
N ARG A 74 -5.35 16.69 4.26
CA ARG A 74 -5.31 15.61 5.25
C ARG A 74 -4.12 15.78 6.18
N VAL A 75 -4.37 15.75 7.49
CA VAL A 75 -3.36 16.14 8.49
C VAL A 75 -2.50 14.95 8.87
N LEU A 76 -1.19 15.08 8.62
CA LEU A 76 -0.16 14.05 8.81
C LEU A 76 1.13 14.69 9.41
N PRO A 77 1.89 13.94 10.22
CA PRO A 77 3.21 14.38 10.72
C PRO A 77 4.28 14.38 9.61
N GLU A 78 5.37 15.11 9.84
CA GLU A 78 6.52 15.20 8.92
C GLU A 78 7.74 14.41 9.43
N LYS A 79 8.61 13.96 8.51
CA LYS A 79 9.84 13.21 8.78
C LYS A 79 10.98 13.57 7.79
N LYS A 80 12.18 13.01 8.02
CA LYS A 80 13.33 13.07 7.10
C LYS A 80 13.09 12.22 5.84
N GLY A 1 5.72 -25.36 5.54
CA GLY A 1 4.53 -25.05 4.71
C GLY A 1 4.83 -24.02 3.64
N PRO A 2 3.98 -23.92 2.59
CA PRO A 2 4.19 -23.01 1.45
C PRO A 2 3.96 -21.54 1.82
N LEU A 3 4.58 -20.63 1.05
CA LEU A 3 4.48 -19.17 1.22
C LEU A 3 3.59 -18.48 0.17
N GLY A 4 3.17 -19.21 -0.86
CA GLY A 4 2.38 -18.72 -2.00
C GLY A 4 3.18 -17.86 -2.99
N SER A 5 2.48 -17.32 -4.00
CA SER A 5 3.02 -16.48 -5.08
C SER A 5 2.14 -15.25 -5.32
N GLU A 6 2.73 -14.06 -5.42
CA GLU A 6 2.03 -12.78 -5.36
C GLU A 6 2.40 -11.86 -6.54
N LYS A 7 2.36 -12.42 -7.76
CA LYS A 7 3.11 -11.94 -8.93
C LYS A 7 2.36 -10.91 -9.77
N SER A 8 1.18 -10.49 -9.32
CA SER A 8 0.51 -9.32 -9.85
C SER A 8 1.20 -8.04 -9.38
N LEU A 9 1.27 -7.02 -10.24
CA LEU A 9 1.74 -5.68 -9.86
C LEU A 9 0.66 -4.83 -9.17
N GLU A 10 -0.60 -5.29 -9.15
CA GLU A 10 -1.65 -4.74 -8.29
C GLU A 10 -1.36 -5.04 -6.81
N GLN A 11 -2.04 -4.33 -5.91
CA GLN A 11 -1.90 -4.43 -4.46
C GLN A 11 -3.16 -4.93 -3.75
N CYS A 12 -2.93 -5.74 -2.72
CA CYS A 12 -3.91 -6.11 -1.71
C CYS A 12 -4.41 -4.89 -0.92
N LYS A 13 -5.68 -4.92 -0.52
CA LYS A 13 -6.37 -3.79 0.14
C LYS A 13 -6.00 -3.66 1.62
N PHE A 14 -5.60 -4.75 2.29
CA PHE A 14 -5.42 -4.78 3.74
C PHE A 14 -3.97 -4.50 4.20
N GLY A 15 -3.01 -4.33 3.28
CA GLY A 15 -1.64 -3.88 3.59
C GLY A 15 -0.96 -4.59 4.78
N THR A 16 -0.66 -3.84 5.84
CA THR A 16 -0.03 -4.32 7.08
C THR A 16 -0.92 -5.26 7.92
N HIS A 17 -2.24 -5.20 7.73
CA HIS A 17 -3.23 -6.06 8.39
C HIS A 17 -3.82 -7.15 7.48
N CYS A 18 -3.23 -7.40 6.29
CA CYS A 18 -3.49 -8.63 5.55
C CYS A 18 -2.96 -9.85 6.33
N THR A 19 -3.62 -11.00 6.21
CA THR A 19 -3.34 -12.25 6.93
C THR A 19 -3.36 -13.50 6.05
N ASN A 20 -3.43 -13.36 4.72
CA ASN A 20 -3.64 -14.46 3.78
C ASN A 20 -2.41 -14.68 2.86
N LYS A 21 -2.10 -15.95 2.53
CA LYS A 21 -0.98 -16.35 1.64
C LYS A 21 -1.42 -16.70 0.21
N ARG A 22 -2.73 -16.78 -0.04
CA ARG A 22 -3.35 -17.06 -1.35
C ARG A 22 -3.59 -15.79 -2.19
N CYS A 23 -3.23 -14.62 -1.64
CA CYS A 23 -3.27 -13.34 -2.28
C CYS A 23 -2.30 -13.27 -3.46
N LYS A 24 -2.78 -12.89 -4.65
CA LYS A 24 -1.97 -12.74 -5.86
C LYS A 24 -1.24 -11.39 -5.96
N TYR A 25 -1.32 -10.55 -4.91
CA TYR A 25 -1.12 -9.11 -5.03
C TYR A 25 -0.01 -8.65 -4.10
N ARG A 26 0.63 -7.52 -4.43
CA ARG A 26 1.66 -6.95 -3.56
C ARG A 26 1.04 -6.43 -2.25
N HIS A 27 1.80 -6.52 -1.16
CA HIS A 27 1.38 -6.18 0.19
C HIS A 27 2.35 -5.15 0.80
N ALA A 28 1.84 -3.99 1.25
CA ALA A 28 2.64 -3.00 1.98
C ALA A 28 2.85 -3.45 3.44
N ARG A 29 4.08 -3.84 3.79
CA ARG A 29 4.48 -4.31 5.14
C ARG A 29 5.54 -3.40 5.80
N SER A 30 6.04 -2.40 5.08
CA SER A 30 6.92 -1.32 5.54
C SER A 30 6.17 0.02 5.54
N HIS A 31 6.63 0.98 6.35
CA HIS A 31 5.90 2.23 6.64
C HIS A 31 6.10 3.37 5.63
N ILE A 32 6.92 3.17 4.60
CA ILE A 32 7.25 4.20 3.59
C ILE A 32 6.52 3.91 2.28
N MET A 33 6.15 4.94 1.52
CA MET A 33 5.56 4.80 0.17
C MET A 33 6.63 4.88 -0.93
N CYS A 34 6.43 4.13 -2.01
CA CYS A 34 7.49 3.83 -2.96
C CYS A 34 7.82 4.98 -3.92
N ARG A 35 9.08 5.06 -4.36
CA ARG A 35 9.58 6.11 -5.28
C ARG A 35 9.03 6.01 -6.69
N GLU A 36 8.74 4.80 -7.14
CA GLU A 36 8.12 4.58 -8.46
C GLU A 36 6.58 4.47 -8.38
N GLY A 37 6.03 4.43 -7.15
CA GLY A 37 4.61 4.29 -6.88
C GLY A 37 4.04 2.99 -7.44
N ALA A 38 2.88 3.09 -8.10
CA ALA A 38 2.25 1.96 -8.80
C ALA A 38 2.99 1.54 -10.09
N ASN A 39 3.94 2.35 -10.57
CA ASN A 39 4.76 2.04 -11.75
C ASN A 39 5.98 1.18 -11.38
N CYS A 40 6.24 0.99 -10.08
CA CYS A 40 7.24 0.08 -9.55
C CYS A 40 7.02 -1.34 -10.08
N THR A 41 8.04 -1.98 -10.65
CA THR A 41 7.97 -3.31 -11.27
C THR A 41 8.35 -4.45 -10.32
N ARG A 42 8.58 -4.17 -9.03
CA ARG A 42 9.12 -5.12 -8.05
C ARG A 42 8.03 -5.84 -7.25
N ILE A 43 8.02 -7.18 -7.31
CA ILE A 43 7.10 -8.04 -6.55
C ILE A 43 7.48 -8.14 -5.06
N ASP A 44 8.78 -8.08 -4.77
CA ASP A 44 9.33 -8.20 -3.40
C ASP A 44 9.44 -6.85 -2.66
N CYS A 45 8.78 -5.77 -3.13
CA CYS A 45 8.92 -4.43 -2.61
C CYS A 45 7.76 -4.11 -1.67
N LEU A 46 8.09 -3.78 -0.42
CA LEU A 46 7.19 -3.86 0.74
C LEU A 46 6.70 -2.49 1.22
N PHE A 47 7.08 -1.44 0.49
CA PHE A 47 6.57 -0.08 0.66
C PHE A 47 5.08 0.01 0.26
N GLY A 48 4.45 1.13 0.59
CA GLY A 48 3.16 1.52 0.03
C GLY A 48 3.25 1.74 -1.48
N HIS A 49 2.76 0.75 -2.25
CA HIS A 49 2.43 0.90 -3.66
C HIS A 49 0.90 1.21 -3.75
N PRO A 50 0.47 2.36 -4.29
CA PRO A 50 -0.91 2.86 -4.16
C PRO A 50 -1.96 2.07 -4.95
N ILE A 51 -3.24 2.30 -4.62
CA ILE A 51 -4.44 1.68 -5.20
C ILE A 51 -5.42 2.78 -5.63
N ASN A 52 -6.09 2.61 -6.78
CA ASN A 52 -7.21 3.47 -7.20
C ASN A 52 -8.49 3.15 -6.38
N GLU A 53 -8.57 3.71 -5.17
CA GLU A 53 -9.65 3.54 -4.20
C GLU A 53 -9.78 4.82 -3.34
N ASP A 54 -10.96 5.07 -2.77
CA ASP A 54 -11.19 6.18 -1.83
C ASP A 54 -11.18 5.69 -0.38
N CYS A 55 -10.31 6.28 0.46
CA CYS A 55 -10.14 5.89 1.86
C CYS A 55 -11.41 6.05 2.71
N ARG A 56 -11.57 5.16 3.70
CA ARG A 56 -12.65 5.14 4.69
C ARG A 56 -12.57 6.28 5.71
N PHE A 57 -11.40 6.91 5.86
CA PHE A 57 -11.13 7.99 6.83
C PHE A 57 -10.85 9.35 6.19
N GLY A 58 -10.36 9.40 4.95
CA GLY A 58 -10.08 10.63 4.21
C GLY A 58 -9.06 11.51 4.93
N VAL A 59 -9.51 12.69 5.38
CA VAL A 59 -8.70 13.67 6.11
C VAL A 59 -8.48 13.33 7.60
N ASN A 60 -9.17 12.32 8.12
CA ASN A 60 -9.05 11.85 9.51
C ASN A 60 -7.94 10.79 9.69
N CYS A 61 -7.47 10.21 8.57
CA CYS A 61 -6.53 9.10 8.48
C CYS A 61 -5.09 9.50 8.88
N LYS A 62 -4.45 8.67 9.72
CA LYS A 62 -3.17 8.99 10.39
C LYS A 62 -1.98 8.11 9.97
N ASN A 63 -2.20 7.09 9.14
CA ASN A 63 -1.12 6.26 8.59
C ASN A 63 -0.38 6.99 7.45
N ILE A 64 0.92 6.69 7.28
CA ILE A 64 1.78 7.31 6.26
C ILE A 64 1.77 6.51 4.94
N TYR A 65 1.42 5.23 5.02
CA TYR A 65 1.57 4.16 4.04
C TYR A 65 0.22 3.53 3.61
N CYS A 66 -0.86 4.29 3.78
CA CYS A 66 -2.22 3.85 3.54
C CYS A 66 -2.52 3.86 2.03
N LEU A 67 -3.12 2.79 1.55
CA LEU A 67 -3.10 2.41 0.14
C LEU A 67 -4.23 3.03 -0.67
N PHE A 68 -5.25 3.55 -0.01
CA PHE A 68 -6.37 4.26 -0.64
C PHE A 68 -6.08 5.77 -0.68
N ARG A 69 -6.65 6.50 -1.65
CA ARG A 69 -6.42 7.94 -1.85
C ARG A 69 -7.14 8.78 -0.78
N HIS A 70 -6.58 9.96 -0.50
CA HIS A 70 -7.03 10.89 0.54
C HIS A 70 -7.24 12.32 -0.01
N PRO A 71 -8.18 13.12 0.53
CA PRO A 71 -8.34 14.53 0.15
C PRO A 71 -7.16 15.41 0.59
N PRO A 72 -6.97 16.59 -0.03
CA PRO A 72 -5.97 17.58 0.38
C PRO A 72 -6.36 18.30 1.68
N GLY A 73 -5.37 18.93 2.34
CA GLY A 73 -5.55 19.69 3.58
C GLY A 73 -5.60 18.84 4.86
N ARG A 74 -5.25 17.56 4.78
CA ARG A 74 -5.05 16.64 5.91
C ARG A 74 -3.71 16.91 6.62
N VAL A 75 -3.47 16.21 7.73
CA VAL A 75 -2.20 16.29 8.49
C VAL A 75 -1.67 14.90 8.83
N LEU A 76 -0.37 14.71 8.62
CA LEU A 76 0.42 13.51 8.92
C LEU A 76 1.75 13.90 9.59
N PRO A 77 2.32 13.06 10.49
CA PRO A 77 3.61 13.32 11.14
C PRO A 77 4.81 13.03 10.22
N GLU A 78 4.93 13.83 9.17
CA GLU A 78 6.04 13.85 8.22
C GLU A 78 7.21 14.70 8.75
N LYS A 79 8.45 14.34 8.38
CA LYS A 79 9.70 14.98 8.87
C LYS A 79 9.78 15.04 10.40
N LYS A 80 9.63 13.87 11.04
CA LYS A 80 9.69 13.66 12.51
C LYS A 80 10.63 12.50 12.87
N GLY A 1 11.39 -21.19 1.14
CA GLY A 1 11.68 -20.57 -0.18
C GLY A 1 10.67 -19.49 -0.54
N PRO A 2 10.93 -18.69 -1.61
CA PRO A 2 10.04 -17.62 -2.06
C PRO A 2 8.74 -18.15 -2.71
N LEU A 3 7.69 -17.33 -2.70
CA LEU A 3 6.37 -17.65 -3.27
C LEU A 3 6.18 -16.91 -4.60
N GLY A 4 6.31 -17.63 -5.72
CA GLY A 4 6.33 -17.05 -7.08
C GLY A 4 4.98 -16.51 -7.59
N SER A 5 3.87 -16.89 -6.96
CA SER A 5 2.50 -16.58 -7.44
C SER A 5 2.00 -15.17 -7.09
N GLU A 6 2.79 -14.37 -6.36
CA GLU A 6 2.45 -12.99 -5.97
C GLU A 6 2.84 -11.95 -7.03
N LYS A 7 2.66 -12.31 -8.30
CA LYS A 7 3.32 -11.76 -9.48
C LYS A 7 2.63 -10.52 -10.03
N SER A 8 1.64 -10.02 -9.31
CA SER A 8 0.99 -8.75 -9.59
C SER A 8 1.74 -7.58 -8.94
N LEU A 9 1.83 -6.46 -9.65
CA LEU A 9 2.33 -5.17 -9.15
C LEU A 9 1.23 -4.34 -8.45
N GLU A 10 -0.04 -4.74 -8.62
CA GLU A 10 -1.17 -4.20 -7.83
C GLU A 10 -1.09 -4.68 -6.37
N GLN A 11 -1.76 -3.97 -5.48
CA GLN A 11 -1.67 -4.15 -4.03
C GLN A 11 -3.00 -4.56 -3.39
N CYS A 12 -2.91 -5.52 -2.46
CA CYS A 12 -3.97 -5.98 -1.58
C CYS A 12 -4.55 -4.89 -0.67
N LYS A 13 -5.83 -5.07 -0.32
CA LYS A 13 -6.66 -4.09 0.39
C LYS A 13 -6.43 -4.06 1.91
N PHE A 14 -5.69 -5.01 2.48
CA PHE A 14 -5.55 -5.19 3.93
C PHE A 14 -4.09 -5.14 4.45
N GLY A 15 -3.06 -5.08 3.61
CA GLY A 15 -1.66 -4.89 4.02
C GLY A 15 -1.18 -5.90 5.08
N THR A 16 -0.63 -5.40 6.20
CA THR A 16 -0.23 -6.22 7.37
C THR A 16 -1.39 -7.00 8.01
N HIS A 17 -2.63 -6.52 7.86
CA HIS A 17 -3.85 -7.15 8.38
C HIS A 17 -4.45 -8.19 7.41
N CYS A 18 -3.84 -8.42 6.25
CA CYS A 18 -4.27 -9.47 5.33
C CYS A 18 -4.12 -10.87 5.98
N THR A 19 -5.09 -11.75 5.73
CA THR A 19 -5.21 -13.09 6.33
C THR A 19 -4.97 -14.24 5.34
N ASN A 20 -4.64 -13.96 4.07
CA ASN A 20 -4.55 -14.96 3.01
C ASN A 20 -3.10 -15.12 2.50
N LYS A 21 -2.63 -16.37 2.34
CA LYS A 21 -1.30 -16.71 1.80
C LYS A 21 -1.27 -16.93 0.28
N ARG A 22 -2.45 -17.01 -0.34
CA ARG A 22 -2.67 -17.25 -1.78
C ARG A 22 -2.80 -15.96 -2.61
N CYS A 23 -2.66 -14.80 -1.96
CA CYS A 23 -2.83 -13.49 -2.57
C CYS A 23 -1.81 -13.25 -3.68
N LYS A 24 -2.29 -12.81 -4.85
CA LYS A 24 -1.46 -12.52 -6.02
C LYS A 24 -0.73 -11.17 -5.94
N TYR A 25 -0.93 -10.38 -4.87
CA TYR A 25 -0.73 -8.95 -4.89
C TYR A 25 0.40 -8.55 -3.96
N ARG A 26 0.87 -7.31 -4.13
CA ARG A 26 1.72 -6.65 -3.14
C ARG A 26 0.95 -6.47 -1.84
N HIS A 27 1.64 -6.49 -0.71
CA HIS A 27 1.08 -6.20 0.62
C HIS A 27 1.98 -5.17 1.32
N ALA A 28 1.44 -4.02 1.75
CA ALA A 28 2.20 -3.01 2.49
C ALA A 28 2.55 -3.54 3.89
N ARG A 29 3.83 -3.84 4.11
CA ARG A 29 4.39 -4.42 5.35
C ARG A 29 5.54 -3.59 5.93
N SER A 30 6.16 -2.73 5.13
CA SER A 30 7.11 -1.68 5.55
C SER A 30 6.41 -0.33 5.68
N HIS A 31 6.98 0.58 6.48
CA HIS A 31 6.44 1.91 6.80
C HIS A 31 6.67 2.96 5.69
N ILE A 32 6.76 2.51 4.43
CA ILE A 32 7.28 3.30 3.29
C ILE A 32 6.31 3.21 2.12
N MET A 33 5.77 4.35 1.65
CA MET A 33 5.17 4.47 0.32
C MET A 33 6.28 4.65 -0.73
N CYS A 34 6.15 3.90 -1.84
CA CYS A 34 7.29 3.56 -2.69
C CYS A 34 7.86 4.72 -3.54
N ARG A 35 9.13 4.54 -3.94
CA ARG A 35 9.99 5.43 -4.75
C ARG A 35 9.36 5.88 -6.07
N GLU A 36 8.61 4.97 -6.69
CA GLU A 36 7.97 5.16 -8.00
C GLU A 36 6.43 5.17 -7.93
N GLY A 37 5.88 4.90 -6.74
CA GLY A 37 4.46 4.64 -6.54
C GLY A 37 3.99 3.45 -7.36
N ALA A 38 2.96 3.64 -8.17
CA ALA A 38 2.38 2.61 -9.04
C ALA A 38 3.16 2.41 -10.37
N ASN A 39 4.23 3.18 -10.62
CA ASN A 39 5.13 3.01 -11.77
C ASN A 39 6.22 1.96 -11.48
N CYS A 40 6.39 1.59 -10.21
CA CYS A 40 7.37 0.63 -9.72
C CYS A 40 7.13 -0.77 -10.32
N THR A 41 8.21 -1.46 -10.70
CA THR A 41 8.20 -2.79 -11.31
C THR A 41 8.68 -3.92 -10.39
N ARG A 42 8.85 -3.67 -9.08
CA ARG A 42 9.37 -4.66 -8.13
C ARG A 42 8.26 -5.54 -7.54
N ILE A 43 8.30 -6.84 -7.82
CA ILE A 43 7.49 -7.86 -7.11
C ILE A 43 8.04 -8.11 -5.69
N ASP A 44 9.33 -7.85 -5.46
CA ASP A 44 9.95 -7.94 -4.13
C ASP A 44 9.62 -6.75 -3.21
N CYS A 45 8.87 -5.72 -3.63
CA CYS A 45 8.51 -4.61 -2.78
C CYS A 45 7.44 -5.04 -1.77
N LEU A 46 7.73 -4.73 -0.50
CA LEU A 46 6.82 -4.87 0.63
C LEU A 46 6.34 -3.48 1.09
N PHE A 47 6.43 -2.47 0.21
CA PHE A 47 6.15 -1.07 0.48
C PHE A 47 4.68 -0.78 0.13
N GLY A 48 4.17 0.37 0.54
CA GLY A 48 2.95 0.92 -0.03
C GLY A 48 3.12 1.13 -1.54
N HIS A 49 2.26 0.51 -2.33
CA HIS A 49 2.06 0.80 -3.75
C HIS A 49 0.57 1.21 -3.93
N PRO A 50 0.25 2.30 -4.63
CA PRO A 50 -1.11 2.86 -4.68
C PRO A 50 -2.22 1.89 -5.12
N ILE A 51 -3.42 2.11 -4.57
CA ILE A 51 -4.68 1.44 -4.95
C ILE A 51 -5.70 2.53 -5.29
N ASN A 52 -6.45 2.36 -6.38
CA ASN A 52 -7.59 3.23 -6.73
C ASN A 52 -8.79 2.94 -5.80
N GLU A 53 -8.73 3.47 -4.58
CA GLU A 53 -9.70 3.28 -3.49
C GLU A 53 -9.78 4.55 -2.64
N ASP A 54 -10.95 4.84 -2.09
CA ASP A 54 -11.19 6.00 -1.21
C ASP A 54 -11.07 5.61 0.28
N CYS A 55 -10.19 6.30 1.02
CA CYS A 55 -9.89 5.98 2.42
C CYS A 55 -11.09 6.09 3.37
N ARG A 56 -11.05 5.25 4.42
CA ARG A 56 -12.05 5.16 5.51
C ARG A 56 -12.01 6.35 6.47
N PHE A 57 -10.94 7.14 6.42
CA PHE A 57 -10.71 8.33 7.28
C PHE A 57 -10.52 9.64 6.49
N GLY A 58 -10.10 9.58 5.23
CA GLY A 58 -9.93 10.75 4.35
C GLY A 58 -8.93 11.76 4.92
N VAL A 59 -9.42 12.94 5.27
CA VAL A 59 -8.62 14.04 5.85
C VAL A 59 -8.28 13.85 7.34
N ASN A 60 -8.87 12.84 7.98
CA ASN A 60 -8.64 12.50 9.40
C ASN A 60 -7.51 11.45 9.58
N CYS A 61 -7.09 10.81 8.48
CA CYS A 61 -6.11 9.73 8.43
C CYS A 61 -4.69 10.20 8.75
N LYS A 62 -3.94 9.37 9.50
CA LYS A 62 -2.62 9.70 10.07
C LYS A 62 -1.50 8.75 9.60
N ASN A 63 -1.81 7.74 8.79
CA ASN A 63 -0.85 6.77 8.26
C ASN A 63 -0.20 7.30 6.96
N ILE A 64 1.12 7.45 6.98
CA ILE A 64 1.93 8.03 5.87
C ILE A 64 1.93 7.15 4.61
N TYR A 65 1.82 5.84 4.78
CA TYR A 65 2.02 4.79 3.78
C TYR A 65 0.73 3.97 3.51
N CYS A 66 -0.43 4.62 3.70
CA CYS A 66 -1.76 4.04 3.70
C CYS A 66 -2.19 3.57 2.29
N LEU A 67 -2.99 2.50 2.28
CA LEU A 67 -3.38 1.75 1.09
C LEU A 67 -4.31 2.53 0.15
N PHE A 68 -5.07 3.47 0.71
CA PHE A 68 -6.17 4.17 0.01
C PHE A 68 -5.82 5.64 -0.23
N ARG A 69 -6.43 6.26 -1.25
CA ARG A 69 -6.22 7.68 -1.59
C ARG A 69 -7.03 8.60 -0.66
N HIS A 70 -6.58 9.85 -0.52
CA HIS A 70 -7.06 10.83 0.45
C HIS A 70 -7.39 12.19 -0.22
N PRO A 71 -8.37 12.97 0.31
CA PRO A 71 -8.65 14.31 -0.18
C PRO A 71 -7.52 15.33 0.11
N PRO A 72 -7.48 16.47 -0.61
CA PRO A 72 -6.59 17.59 -0.30
C PRO A 72 -6.99 18.32 0.98
N GLY A 73 -6.06 19.09 1.56
CA GLY A 73 -6.27 19.85 2.80
C GLY A 73 -6.19 19.02 4.10
N ARG A 74 -5.65 17.79 4.01
CA ARG A 74 -5.34 16.91 5.15
C ARG A 74 -4.06 17.35 5.86
N VAL A 75 -3.73 16.68 6.97
CA VAL A 75 -2.50 16.92 7.74
C VAL A 75 -1.80 15.60 8.10
N LEU A 76 -0.49 15.56 7.90
CA LEU A 76 0.43 14.46 8.24
C LEU A 76 1.75 15.03 8.80
N PRO A 77 2.43 14.32 9.71
CA PRO A 77 3.73 14.76 10.24
C PRO A 77 4.85 14.66 9.20
N GLU A 78 5.87 15.51 9.31
CA GLU A 78 7.03 15.52 8.41
C GLU A 78 8.02 14.37 8.72
N LYS A 79 8.67 13.85 7.67
CA LYS A 79 9.65 12.74 7.73
C LYS A 79 11.00 13.12 7.09
N LYS A 80 11.41 14.38 7.29
CA LYS A 80 12.64 15.01 6.77
C LYS A 80 13.66 15.28 7.87
N GLY A 1 3.77 -18.26 -3.99
CA GLY A 1 3.48 -18.36 -2.54
C GLY A 1 3.12 -19.78 -2.14
N PRO A 2 2.56 -19.99 -0.93
CA PRO A 2 2.21 -21.33 -0.42
C PRO A 2 1.13 -22.06 -1.24
N LEU A 3 0.27 -21.25 -1.86
CA LEU A 3 -0.69 -21.60 -2.91
C LEU A 3 -0.96 -20.35 -3.78
N GLY A 4 -0.92 -20.50 -5.11
CA GLY A 4 -0.99 -19.38 -6.05
C GLY A 4 0.31 -18.57 -6.15
N SER A 5 0.29 -17.51 -6.97
CA SER A 5 1.47 -16.71 -7.36
C SER A 5 1.24 -15.21 -7.18
N GLU A 6 2.18 -14.53 -6.53
CA GLU A 6 2.09 -13.11 -6.11
C GLU A 6 2.68 -12.12 -7.14
N LYS A 7 2.51 -12.40 -8.42
CA LYS A 7 3.20 -11.74 -9.53
C LYS A 7 2.34 -10.75 -10.30
N SER A 8 1.12 -10.50 -9.82
CA SER A 8 0.31 -9.38 -10.27
C SER A 8 0.86 -8.06 -9.68
N LEU A 9 0.92 -7.02 -10.52
CA LEU A 9 1.59 -5.76 -10.18
C LEU A 9 0.71 -4.76 -9.40
N GLU A 10 -0.52 -5.14 -9.09
CA GLU A 10 -1.34 -4.48 -8.07
C GLU A 10 -0.75 -4.65 -6.64
N GLN A 11 -1.33 -3.94 -5.68
CA GLN A 11 -1.08 -4.12 -4.24
C GLN A 11 -2.40 -4.45 -3.52
N CYS A 12 -2.30 -5.36 -2.56
CA CYS A 12 -3.37 -5.78 -1.68
C CYS A 12 -3.91 -4.66 -0.76
N LYS A 13 -5.24 -4.54 -0.65
CA LYS A 13 -5.88 -3.43 0.06
C LYS A 13 -5.85 -3.52 1.59
N PHE A 14 -5.50 -4.67 2.17
CA PHE A 14 -5.35 -4.84 3.61
C PHE A 14 -3.92 -4.52 4.09
N GLY A 15 -2.97 -4.27 3.17
CA GLY A 15 -1.64 -3.73 3.49
C GLY A 15 -0.88 -4.49 4.58
N THR A 16 -0.45 -3.77 5.62
CA THR A 16 0.23 -4.33 6.80
C THR A 16 -0.65 -5.27 7.64
N HIS A 17 -1.99 -5.19 7.48
CA HIS A 17 -2.99 -6.01 8.16
C HIS A 17 -3.44 -7.22 7.32
N CYS A 18 -2.97 -7.39 6.07
CA CYS A 18 -3.26 -8.60 5.29
C CYS A 18 -2.64 -9.84 5.97
N THR A 19 -3.34 -10.98 5.94
CA THR A 19 -2.95 -12.27 6.55
C THR A 19 -3.19 -13.48 5.63
N ASN A 20 -3.51 -13.29 4.35
CA ASN A 20 -3.84 -14.37 3.41
C ASN A 20 -2.60 -14.91 2.67
N LYS A 21 -2.58 -16.22 2.40
CA LYS A 21 -1.50 -16.92 1.65
C LYS A 21 -1.70 -16.94 0.13
N ARG A 22 -2.94 -16.73 -0.32
CA ARG A 22 -3.41 -16.89 -1.72
C ARG A 22 -3.47 -15.58 -2.54
N CYS A 23 -3.01 -14.46 -1.98
CA CYS A 23 -3.04 -13.16 -2.60
C CYS A 23 -2.10 -13.06 -3.82
N LYS A 24 -2.56 -12.40 -4.88
CA LYS A 24 -1.80 -12.23 -6.13
C LYS A 24 -0.81 -11.05 -6.13
N TYR A 25 -0.69 -10.28 -5.03
CA TYR A 25 -0.29 -8.88 -5.11
C TYR A 25 0.99 -8.57 -4.33
N ARG A 26 1.47 -7.33 -4.47
CA ARG A 26 2.34 -6.74 -3.45
C ARG A 26 1.56 -6.58 -2.14
N HIS A 27 2.27 -6.58 -1.02
CA HIS A 27 1.74 -6.28 0.32
C HIS A 27 2.62 -5.25 1.04
N ALA A 28 2.03 -4.17 1.57
CA ALA A 28 2.75 -3.22 2.44
C ALA A 28 3.17 -3.93 3.74
N ARG A 29 4.42 -3.70 4.19
CA ARG A 29 5.02 -4.26 5.41
C ARG A 29 5.93 -3.25 6.13
N SER A 30 6.40 -2.23 5.41
CA SER A 30 7.17 -1.06 5.90
C SER A 30 6.34 0.22 5.77
N HIS A 31 6.78 1.30 6.44
CA HIS A 31 6.09 2.60 6.50
C HIS A 31 6.25 3.46 5.24
N ILE A 32 7.19 3.12 4.35
CA ILE A 32 7.55 4.00 3.24
C ILE A 32 6.53 3.84 2.12
N MET A 33 6.09 4.95 1.53
CA MET A 33 5.30 4.95 0.29
C MET A 33 6.21 5.25 -0.91
N CYS A 34 6.05 4.45 -1.96
CA CYS A 34 7.14 4.10 -2.87
C CYS A 34 7.57 5.23 -3.84
N ARG A 35 8.84 5.18 -4.25
CA ARG A 35 9.48 6.12 -5.18
C ARG A 35 8.87 6.13 -6.58
N GLU A 36 8.40 4.97 -7.01
CA GLU A 36 7.80 4.77 -8.34
C GLU A 36 6.28 4.57 -8.27
N GLY A 37 5.72 4.52 -7.06
CA GLY A 37 4.29 4.38 -6.80
C GLY A 37 3.71 3.14 -7.47
N ALA A 38 2.68 3.33 -8.30
CA ALA A 38 2.02 2.26 -9.03
C ALA A 38 2.71 1.89 -10.37
N ASN A 39 3.74 2.64 -10.78
CA ASN A 39 4.60 2.31 -11.92
C ASN A 39 5.80 1.42 -11.50
N CYS A 40 6.01 1.27 -10.19
CA CYS A 40 7.02 0.39 -9.59
C CYS A 40 6.82 -1.06 -10.03
N THR A 41 7.88 -1.68 -10.60
CA THR A 41 7.87 -3.04 -11.13
C THR A 41 8.22 -4.12 -10.10
N ARG A 42 8.43 -3.74 -8.83
CA ARG A 42 8.97 -4.63 -7.80
C ARG A 42 7.87 -5.45 -7.11
N ILE A 43 7.81 -6.75 -7.38
CA ILE A 43 6.98 -7.72 -6.60
C ILE A 43 7.52 -7.85 -5.16
N ASP A 44 8.82 -7.63 -4.97
CA ASP A 44 9.53 -7.69 -3.70
C ASP A 44 9.33 -6.45 -2.79
N CYS A 45 8.56 -5.42 -3.18
CA CYS A 45 8.50 -4.19 -2.43
C CYS A 45 7.68 -4.35 -1.15
N LEU A 46 8.25 -3.86 -0.06
CA LEU A 46 7.63 -3.83 1.27
C LEU A 46 6.89 -2.51 1.50
N PHE A 47 6.88 -1.62 0.51
CA PHE A 47 6.42 -0.23 0.64
C PHE A 47 4.93 -0.16 0.30
N GLY A 48 4.29 0.92 0.74
CA GLY A 48 2.99 1.32 0.21
C GLY A 48 3.08 1.63 -1.29
N HIS A 49 2.19 1.02 -2.07
CA HIS A 49 1.94 1.28 -3.48
C HIS A 49 0.46 1.71 -3.65
N PRO A 50 0.13 2.69 -4.50
CA PRO A 50 -1.25 3.18 -4.66
C PRO A 50 -2.28 2.12 -5.09
N ILE A 51 -3.52 2.29 -4.63
CA ILE A 51 -4.68 1.46 -4.96
C ILE A 51 -5.85 2.37 -5.33
N ASN A 52 -6.60 2.04 -6.39
CA ASN A 52 -7.83 2.74 -6.78
C ASN A 52 -8.98 2.43 -5.80
N GLU A 53 -8.96 3.09 -4.65
CA GLU A 53 -9.91 2.94 -3.53
C GLU A 53 -10.01 4.27 -2.77
N ASP A 54 -11.15 4.55 -2.13
CA ASP A 54 -11.40 5.81 -1.42
C ASP A 54 -11.43 5.61 0.11
N CYS A 55 -10.56 6.33 0.84
CA CYS A 55 -10.44 6.19 2.30
C CYS A 55 -11.72 6.54 3.07
N ARG A 56 -11.97 5.78 4.15
CA ARG A 56 -13.07 5.97 5.10
C ARG A 56 -12.96 7.23 5.96
N PHE A 57 -11.79 7.88 6.01
CA PHE A 57 -11.52 9.07 6.83
C PHE A 57 -11.03 10.28 6.02
N GLY A 58 -10.41 10.07 4.84
CA GLY A 58 -9.93 11.13 3.96
C GLY A 58 -8.83 11.97 4.63
N VAL A 59 -9.13 13.24 4.89
CA VAL A 59 -8.21 14.18 5.57
C VAL A 59 -8.18 14.04 7.10
N ASN A 60 -9.05 13.21 7.68
CA ASN A 60 -9.08 12.90 9.11
C ASN A 60 -8.13 11.75 9.49
N CYS A 61 -7.71 10.95 8.48
CA CYS A 61 -6.82 9.81 8.60
C CYS A 61 -5.41 10.20 9.07
N LYS A 62 -4.86 9.44 10.04
CA LYS A 62 -3.50 9.60 10.59
C LYS A 62 -2.59 8.37 10.36
N ASN A 63 -3.09 7.32 9.73
CA ASN A 63 -2.35 6.06 9.56
C ASN A 63 -1.36 6.13 8.37
N ILE A 64 -0.08 5.89 8.66
CA ILE A 64 1.03 6.03 7.70
C ILE A 64 0.92 5.05 6.52
N TYR A 65 0.36 3.87 6.74
CA TYR A 65 0.41 2.70 5.85
C TYR A 65 -0.86 2.55 4.99
N CYS A 66 -1.69 3.59 4.90
CA CYS A 66 -3.05 3.48 4.45
C CYS A 66 -3.11 3.62 2.92
N LEU A 67 -3.61 2.56 2.28
CA LEU A 67 -3.45 2.32 0.84
C LEU A 67 -4.62 2.84 0.00
N PHE A 68 -5.69 3.28 0.64
CA PHE A 68 -6.78 3.99 -0.03
C PHE A 68 -6.36 5.44 -0.28
N ARG A 69 -6.83 6.06 -1.37
CA ARG A 69 -6.53 7.47 -1.68
C ARG A 69 -7.13 8.41 -0.64
N HIS A 70 -6.44 9.54 -0.42
CA HIS A 70 -6.79 10.61 0.51
C HIS A 70 -6.89 11.95 -0.24
N PRO A 71 -7.82 12.86 0.11
CA PRO A 71 -7.93 14.17 -0.52
C PRO A 71 -6.71 15.08 -0.22
N PRO A 72 -6.51 16.16 -1.00
CA PRO A 72 -5.49 17.19 -0.73
C PRO A 72 -5.63 17.81 0.67
N GLY A 73 -4.50 18.22 1.27
CA GLY A 73 -4.46 18.89 2.58
C GLY A 73 -4.59 17.96 3.79
N ARG A 74 -4.33 16.65 3.63
CA ARG A 74 -4.15 15.70 4.74
C ARG A 74 -2.82 15.95 5.47
N VAL A 75 -2.64 15.34 6.64
CA VAL A 75 -1.39 15.41 7.41
C VAL A 75 -1.00 14.05 7.97
N LEU A 76 0.28 13.70 7.83
CA LEU A 76 0.93 12.50 8.35
C LEU A 76 2.32 12.88 8.89
N PRO A 77 2.74 12.40 10.09
CA PRO A 77 4.02 12.76 10.69
C PRO A 77 5.21 12.07 9.99
N GLU A 78 6.27 12.83 9.74
CA GLU A 78 7.48 12.38 9.02
C GLU A 78 8.50 11.74 9.97
N LYS A 79 8.08 10.68 10.68
CA LYS A 79 8.88 9.96 11.68
C LYS A 79 10.11 9.27 11.06
N LYS A 80 11.18 9.20 11.86
CA LYS A 80 12.51 8.66 11.50
C LYS A 80 12.75 7.26 12.08
N GLY A 1 2.10 -27.02 -13.61
CA GLY A 1 2.27 -26.48 -12.25
C GLY A 1 1.32 -25.30 -11.98
N PRO A 2 1.14 -24.90 -10.70
CA PRO A 2 0.26 -23.79 -10.31
C PRO A 2 0.79 -22.42 -10.78
N LEU A 3 -0.13 -21.47 -10.97
CA LEU A 3 0.12 -20.12 -11.49
C LEU A 3 -0.20 -18.99 -10.49
N GLY A 4 -0.42 -19.32 -9.22
CA GLY A 4 -0.78 -18.39 -8.12
C GLY A 4 0.35 -17.49 -7.60
N SER A 5 1.29 -17.11 -8.47
CA SER A 5 2.47 -16.28 -8.14
C SER A 5 2.09 -14.85 -7.76
N GLU A 6 2.90 -14.20 -6.94
CA GLU A 6 2.70 -12.84 -6.40
C GLU A 6 3.06 -11.71 -7.37
N LYS A 7 2.91 -11.97 -8.67
CA LYS A 7 3.59 -11.27 -9.76
C LYS A 7 2.74 -10.16 -10.41
N SER A 8 1.57 -9.89 -9.84
CA SER A 8 0.75 -8.75 -10.22
C SER A 8 1.32 -7.45 -9.65
N LEU A 9 1.20 -6.36 -10.41
CA LEU A 9 1.56 -5.01 -9.97
C LEU A 9 0.43 -4.27 -9.23
N GLU A 10 -0.69 -4.94 -8.97
CA GLU A 10 -1.65 -4.50 -7.95
C GLU A 10 -1.07 -4.72 -6.52
N GLN A 11 -1.82 -4.31 -5.50
CA GLN A 11 -1.50 -4.53 -4.09
C GLN A 11 -2.74 -5.03 -3.34
N CYS A 12 -2.51 -5.93 -2.39
CA CYS A 12 -3.51 -6.56 -1.55
C CYS A 12 -4.33 -5.58 -0.68
N LYS A 13 -5.49 -6.05 -0.23
CA LYS A 13 -6.50 -5.28 0.50
C LYS A 13 -6.14 -4.99 1.96
N PHE A 14 -5.32 -5.85 2.59
CA PHE A 14 -5.17 -5.87 4.05
C PHE A 14 -3.75 -5.58 4.58
N GLY A 15 -2.75 -5.39 3.70
CA GLY A 15 -1.39 -5.00 4.10
C GLY A 15 -0.75 -5.90 5.17
N THR A 16 -0.41 -5.32 6.32
CA THR A 16 0.10 -6.01 7.53
C THR A 16 -0.87 -7.05 8.09
N HIS A 17 -2.18 -6.86 7.87
CA HIS A 17 -3.25 -7.73 8.34
C HIS A 17 -3.58 -8.88 7.36
N CYS A 18 -2.97 -8.91 6.17
CA CYS A 18 -3.11 -10.08 5.29
C CYS A 18 -2.42 -11.32 5.92
N THR A 19 -2.95 -12.52 5.63
CA THR A 19 -2.49 -13.80 6.18
C THR A 19 -2.38 -14.93 5.14
N ASN A 20 -2.69 -14.69 3.85
CA ASN A 20 -2.77 -15.72 2.82
C ASN A 20 -1.39 -16.02 2.18
N LYS A 21 -1.09 -17.31 1.98
CA LYS A 21 0.17 -17.80 1.36
C LYS A 21 0.17 -17.76 -0.17
N ARG A 22 -0.99 -17.53 -0.80
CA ARG A 22 -1.23 -17.63 -2.27
C ARG A 22 -1.73 -16.35 -2.93
N CYS A 23 -1.55 -15.19 -2.28
CA CYS A 23 -1.91 -13.90 -2.84
C CYS A 23 -1.10 -13.54 -4.09
N LYS A 24 -1.76 -12.89 -5.05
CA LYS A 24 -1.17 -12.53 -6.34
C LYS A 24 -0.45 -11.17 -6.35
N TYR A 25 -0.41 -10.43 -5.23
CA TYR A 25 -0.17 -8.99 -5.24
C TYR A 25 1.04 -8.60 -4.37
N ARG A 26 1.41 -7.30 -4.42
CA ARG A 26 2.25 -6.71 -3.35
C ARG A 26 1.45 -6.63 -2.06
N HIS A 27 2.14 -6.54 -0.92
CA HIS A 27 1.54 -6.34 0.40
C HIS A 27 2.24 -5.20 1.17
N ALA A 28 1.50 -4.19 1.64
CA ALA A 28 2.05 -3.10 2.47
C ALA A 28 2.28 -3.59 3.90
N ARG A 29 3.48 -4.14 4.15
CA ARG A 29 3.92 -4.73 5.42
C ARG A 29 5.07 -3.97 6.09
N SER A 30 5.70 -3.04 5.37
CA SER A 30 6.53 -1.96 5.90
C SER A 30 5.72 -0.65 5.94
N HIS A 31 6.07 0.27 6.84
CA HIS A 31 5.27 1.47 7.12
C HIS A 31 5.44 2.62 6.10
N ILE A 32 6.20 2.41 5.03
CA ILE A 32 6.64 3.48 4.11
C ILE A 32 5.83 3.44 2.81
N MET A 33 5.46 4.62 2.29
CA MET A 33 4.83 4.79 0.97
C MET A 33 5.89 4.96 -0.12
N CYS A 34 5.67 4.30 -1.26
CA CYS A 34 6.67 4.16 -2.30
C CYS A 34 6.81 5.39 -3.21
N ARG A 35 8.01 5.58 -3.78
CA ARG A 35 8.36 6.75 -4.61
C ARG A 35 7.69 6.77 -5.99
N GLU A 36 7.44 5.59 -6.54
CA GLU A 36 6.72 5.46 -7.81
C GLU A 36 5.21 5.22 -7.58
N GLY A 37 4.80 4.97 -6.35
CA GLY A 37 3.42 4.65 -5.96
C GLY A 37 2.90 3.41 -6.68
N ALA A 38 1.73 3.52 -7.27
CA ALA A 38 1.10 2.45 -8.06
C ALA A 38 1.71 2.25 -9.46
N ASN A 39 2.70 3.05 -9.86
CA ASN A 39 3.48 2.87 -11.10
C ASN A 39 4.69 1.93 -10.89
N CYS A 40 5.07 1.68 -9.63
CA CYS A 40 6.22 0.89 -9.22
C CYS A 40 6.15 -0.55 -9.76
N THR A 41 7.23 -1.03 -10.40
CA THR A 41 7.29 -2.36 -11.02
C THR A 41 7.87 -3.45 -10.11
N ARG A 42 8.18 -3.13 -8.85
CA ARG A 42 8.85 -4.05 -7.91
C ARG A 42 7.85 -4.97 -7.20
N ILE A 43 7.95 -6.28 -7.42
CA ILE A 43 7.18 -7.29 -6.66
C ILE A 43 7.70 -7.42 -5.21
N ASP A 44 8.99 -7.18 -5.01
CA ASP A 44 9.68 -7.27 -3.72
C ASP A 44 9.42 -6.06 -2.78
N CYS A 45 8.65 -5.03 -3.21
CA CYS A 45 8.37 -3.88 -2.40
C CYS A 45 7.24 -4.22 -1.40
N LEU A 46 7.60 -4.21 -0.12
CA LEU A 46 6.63 -4.40 0.97
C LEU A 46 6.07 -3.04 1.44
N PHE A 47 6.21 -1.99 0.62
CA PHE A 47 5.81 -0.62 0.90
C PHE A 47 4.34 -0.43 0.50
N GLY A 48 3.75 0.68 0.96
CA GLY A 48 2.52 1.22 0.40
C GLY A 48 2.65 1.48 -1.11
N HIS A 49 1.82 0.80 -1.88
CA HIS A 49 1.52 1.04 -3.30
C HIS A 49 -0.01 1.19 -3.43
N PRO A 50 -0.54 2.42 -3.62
CA PRO A 50 -1.94 2.75 -3.36
C PRO A 50 -2.97 2.02 -4.25
N ILE A 51 -4.22 1.97 -3.77
CA ILE A 51 -5.35 1.21 -4.29
C ILE A 51 -6.38 2.18 -4.87
N ASN A 52 -7.05 1.84 -5.97
CA ASN A 52 -8.07 2.68 -6.60
C ASN A 52 -9.38 2.69 -5.77
N GLU A 53 -9.38 3.42 -4.66
CA GLU A 53 -10.46 3.50 -3.66
C GLU A 53 -10.39 4.82 -2.89
N ASP A 54 -11.48 5.22 -2.25
CA ASP A 54 -11.59 6.51 -1.54
C ASP A 54 -11.57 6.34 0.00
N CYS A 55 -10.56 6.92 0.66
CA CYS A 55 -10.45 6.87 2.12
C CYS A 55 -11.54 7.73 2.83
N ARG A 56 -12.18 7.16 3.85
CA ARG A 56 -13.31 7.75 4.57
C ARG A 56 -12.96 9.10 5.23
N PHE A 57 -11.75 9.22 5.76
CA PHE A 57 -11.28 10.39 6.52
C PHE A 57 -10.55 11.46 5.68
N GLY A 58 -10.15 11.14 4.44
CA GLY A 58 -9.53 12.08 3.50
C GLY A 58 -8.27 12.73 4.06
N VAL A 59 -8.34 14.04 4.28
CA VAL A 59 -7.22 14.86 4.81
C VAL A 59 -6.98 14.74 6.33
N ASN A 60 -7.92 14.11 7.04
CA ASN A 60 -7.87 13.92 8.51
C ASN A 60 -7.13 12.62 8.90
N CYS A 61 -7.02 11.67 7.98
CA CYS A 61 -6.36 10.37 8.12
C CYS A 61 -4.84 10.52 8.33
N LYS A 62 -4.31 9.98 9.43
CA LYS A 62 -2.90 10.16 9.85
C LYS A 62 -1.98 8.97 9.53
N ASN A 63 -2.49 7.88 8.96
CA ASN A 63 -1.72 6.66 8.67
C ASN A 63 -0.84 6.84 7.41
N ILE A 64 0.48 6.70 7.57
CA ILE A 64 1.49 6.95 6.52
C ILE A 64 1.32 6.07 5.27
N TYR A 65 0.90 4.82 5.47
CA TYR A 65 0.89 3.73 4.48
C TYR A 65 -0.51 3.17 4.23
N CYS A 66 -1.51 4.04 4.38
CA CYS A 66 -2.92 3.74 4.20
C CYS A 66 -3.22 3.50 2.71
N LEU A 67 -3.97 2.44 2.43
CA LEU A 67 -4.05 1.83 1.10
C LEU A 67 -4.94 2.58 0.12
N PHE A 68 -5.94 3.30 0.60
CA PHE A 68 -6.89 4.05 -0.22
C PHE A 68 -6.35 5.44 -0.59
N ARG A 69 -6.89 6.05 -1.66
CA ARG A 69 -6.53 7.40 -2.12
C ARG A 69 -7.02 8.47 -1.13
N HIS A 70 -6.33 9.61 -1.10
CA HIS A 70 -6.61 10.76 -0.23
C HIS A 70 -6.51 12.07 -1.03
N PRO A 71 -7.21 13.16 -0.62
CA PRO A 71 -6.99 14.50 -1.16
C PRO A 71 -5.61 15.07 -0.77
N PRO A 72 -5.10 16.09 -1.46
CA PRO A 72 -3.87 16.81 -1.08
C PRO A 72 -4.05 17.58 0.26
N GLY A 73 -2.93 17.89 0.92
CA GLY A 73 -2.94 18.59 2.21
C GLY A 73 -3.33 17.72 3.42
N ARG A 74 -3.15 16.39 3.33
CA ARG A 74 -3.42 15.42 4.40
C ARG A 74 -2.40 15.58 5.52
N VAL A 75 -2.87 15.63 6.75
CA VAL A 75 -2.01 15.94 7.91
C VAL A 75 -1.24 14.69 8.37
N LEU A 76 0.08 14.78 8.28
CA LEU A 76 1.06 13.72 8.58
C LEU A 76 2.25 14.24 9.41
N PRO A 77 2.91 13.39 10.22
CA PRO A 77 4.09 13.78 11.00
C PRO A 77 5.31 14.07 10.12
N GLU A 78 6.19 14.95 10.60
CA GLU A 78 7.43 15.39 9.92
C GLU A 78 8.65 15.33 10.87
N LYS A 79 8.79 14.18 11.54
CA LYS A 79 9.83 13.91 12.56
C LYS A 79 10.39 12.48 12.47
N LYS A 80 11.58 12.27 13.05
CA LYS A 80 12.28 10.98 13.14
C LYS A 80 11.64 10.03 14.18
N GLY A 1 5.32 -28.54 -3.91
CA GLY A 1 5.72 -27.32 -3.18
C GLY A 1 4.62 -26.28 -3.15
N PRO A 2 4.95 -24.99 -2.90
CA PRO A 2 3.98 -23.89 -2.83
C PRO A 2 3.20 -23.66 -4.14
N LEU A 3 2.02 -23.03 -4.02
CA LEU A 3 1.13 -22.65 -5.14
C LEU A 3 0.76 -21.15 -5.06
N GLY A 4 0.47 -20.55 -6.21
CA GLY A 4 0.18 -19.11 -6.35
C GLY A 4 1.41 -18.20 -6.24
N SER A 5 1.28 -16.95 -6.68
CA SER A 5 2.33 -15.91 -6.59
C SER A 5 1.75 -14.49 -6.63
N GLU A 6 2.53 -13.52 -6.15
CA GLU A 6 2.16 -12.10 -5.95
C GLU A 6 2.57 -11.19 -7.11
N LYS A 7 2.51 -11.70 -8.34
CA LYS A 7 3.13 -11.10 -9.53
C LYS A 7 2.29 -10.02 -10.19
N SER A 8 1.15 -9.70 -9.59
CA SER A 8 0.36 -8.55 -9.99
C SER A 8 1.03 -7.25 -9.53
N LEU A 9 1.06 -6.23 -10.40
CA LEU A 9 1.66 -4.92 -10.11
C LEU A 9 0.73 -3.94 -9.39
N GLU A 10 -0.45 -4.43 -8.97
CA GLU A 10 -1.33 -3.79 -8.00
C GLU A 10 -0.91 -4.09 -6.54
N GLN A 11 -1.56 -3.43 -5.59
CA GLN A 11 -1.45 -3.70 -4.15
C GLN A 11 -2.80 -4.12 -3.55
N CYS A 12 -2.77 -5.08 -2.64
CA CYS A 12 -3.87 -5.43 -1.74
C CYS A 12 -4.21 -4.29 -0.77
N LYS A 13 -5.43 -4.30 -0.21
CA LYS A 13 -5.89 -3.27 0.75
C LYS A 13 -5.83 -3.66 2.24
N PHE A 14 -5.45 -4.88 2.58
CA PHE A 14 -5.34 -5.33 3.98
C PHE A 14 -3.89 -5.44 4.51
N GLY A 15 -2.87 -5.43 3.63
CA GLY A 15 -1.46 -5.43 4.04
C GLY A 15 -1.09 -6.65 4.89
N THR A 16 -0.43 -6.43 6.03
CA THR A 16 -0.10 -7.48 7.03
C THR A 16 -1.33 -8.13 7.68
N HIS A 17 -2.52 -7.55 7.54
CA HIS A 17 -3.80 -8.11 8.02
C HIS A 17 -4.50 -8.99 6.98
N CYS A 18 -3.98 -9.09 5.74
CA CYS A 18 -4.56 -9.93 4.69
C CYS A 18 -4.54 -11.42 5.07
N THR A 19 -5.64 -12.12 4.83
CA THR A 19 -5.91 -13.44 5.42
C THR A 19 -5.50 -14.65 4.57
N ASN A 20 -5.15 -14.45 3.29
CA ASN A 20 -4.73 -15.51 2.36
C ASN A 20 -3.20 -15.54 2.19
N LYS A 21 -2.57 -16.69 2.48
CA LYS A 21 -1.11 -16.91 2.47
C LYS A 21 -0.45 -16.86 1.07
N ARG A 22 -1.25 -16.98 -0.01
CA ARG A 22 -0.80 -16.98 -1.42
C ARG A 22 -1.46 -15.88 -2.29
N CYS A 23 -1.87 -14.78 -1.64
CA CYS A 23 -2.62 -13.69 -2.23
C CYS A 23 -1.84 -12.93 -3.34
N LYS A 24 -2.56 -12.54 -4.39
CA LYS A 24 -1.99 -12.31 -5.74
C LYS A 24 -1.34 -10.94 -5.99
N TYR A 25 -1.36 -10.07 -5.00
CA TYR A 25 -0.95 -8.66 -5.08
C TYR A 25 0.19 -8.39 -4.09
N ARG A 26 0.81 -7.20 -4.16
CA ARG A 26 1.69 -6.79 -3.07
C ARG A 26 0.90 -6.51 -1.79
N HIS A 27 1.57 -6.60 -0.65
CA HIS A 27 1.05 -6.28 0.67
C HIS A 27 2.06 -5.36 1.39
N ALA A 28 1.64 -4.19 1.88
CA ALA A 28 2.53 -3.27 2.61
C ALA A 28 3.04 -3.91 3.91
N ARG A 29 4.32 -3.68 4.24
CA ARG A 29 5.02 -4.26 5.41
C ARG A 29 5.95 -3.24 6.11
N SER A 30 6.54 -2.34 5.33
CA SER A 30 7.22 -1.12 5.80
C SER A 30 6.20 0.00 6.03
N HIS A 31 6.57 1.00 6.84
CA HIS A 31 5.74 2.17 7.15
C HIS A 31 5.83 3.30 6.11
N ILE A 32 6.59 3.09 5.03
CA ILE A 32 6.89 4.13 4.02
C ILE A 32 6.20 3.82 2.70
N MET A 33 5.78 4.86 1.97
CA MET A 33 5.22 4.74 0.62
C MET A 33 6.33 4.90 -0.44
N CYS A 34 6.16 4.22 -1.56
CA CYS A 34 7.27 3.93 -2.46
C CYS A 34 7.81 5.14 -3.23
N ARG A 35 9.10 5.09 -3.56
CA ARG A 35 9.80 6.11 -4.36
C ARG A 35 9.26 6.26 -5.78
N GLU A 36 8.75 5.17 -6.34
CA GLU A 36 8.19 5.11 -7.69
C GLU A 36 6.66 4.93 -7.70
N GLY A 37 6.05 4.82 -6.51
CA GLY A 37 4.60 4.74 -6.31
C GLY A 37 3.95 3.59 -7.10
N ALA A 38 2.98 3.94 -7.95
CA ALA A 38 2.31 2.99 -8.85
C ALA A 38 3.03 2.77 -10.20
N ASN A 39 4.08 3.53 -10.50
CA ASN A 39 4.97 3.31 -11.66
C ASN A 39 6.11 2.32 -11.32
N CYS A 40 6.31 2.04 -10.03
CA CYS A 40 7.24 1.04 -9.51
C CYS A 40 6.99 -0.34 -10.13
N THR A 41 8.00 -0.94 -10.75
CA THR A 41 7.94 -2.28 -11.37
C THR A 41 8.30 -3.42 -10.41
N ARG A 42 8.55 -3.11 -9.13
CA ARG A 42 9.03 -4.09 -8.14
C ARG A 42 7.88 -4.89 -7.51
N ILE A 43 7.98 -6.22 -7.58
CA ILE A 43 7.12 -7.17 -6.84
C ILE A 43 7.65 -7.39 -5.41
N ASP A 44 8.97 -7.29 -5.24
CA ASP A 44 9.71 -7.50 -3.98
C ASP A 44 9.58 -6.34 -2.95
N CYS A 45 8.84 -5.26 -3.26
CA CYS A 45 8.75 -4.08 -2.42
C CYS A 45 7.90 -4.32 -1.16
N LEU A 46 8.33 -3.68 -0.07
CA LEU A 46 7.67 -3.68 1.24
C LEU A 46 6.90 -2.38 1.52
N PHE A 47 7.00 -1.40 0.61
CA PHE A 47 6.44 -0.07 0.81
C PHE A 47 4.95 -0.05 0.46
N GLY A 48 4.25 0.99 0.90
CA GLY A 48 2.94 1.36 0.37
C GLY A 48 3.02 1.69 -1.13
N HIS A 49 2.35 0.89 -1.95
CA HIS A 49 2.05 1.17 -3.35
C HIS A 49 0.55 1.51 -3.50
N PRO A 50 0.12 2.47 -4.34
CA PRO A 50 -1.27 2.93 -4.43
C PRO A 50 -2.31 1.85 -4.83
N ILE A 51 -3.55 2.07 -4.41
CA ILE A 51 -4.74 1.23 -4.66
C ILE A 51 -5.88 2.15 -5.12
N ASN A 52 -6.70 1.73 -6.08
CA ASN A 52 -7.87 2.50 -6.53
C ASN A 52 -9.05 2.34 -5.54
N GLU A 53 -8.91 2.94 -4.36
CA GLU A 53 -9.82 2.82 -3.21
C GLU A 53 -9.89 4.13 -2.42
N ASP A 54 -10.92 4.28 -1.59
CA ASP A 54 -11.28 5.55 -0.91
C ASP A 54 -11.31 5.44 0.62
N CYS A 55 -10.52 6.27 1.30
CA CYS A 55 -10.29 6.15 2.75
C CYS A 55 -11.54 6.44 3.61
N ARG A 56 -11.67 5.65 4.69
CA ARG A 56 -12.68 5.79 5.75
C ARG A 56 -12.50 7.05 6.60
N PHE A 57 -11.36 7.74 6.51
CA PHE A 57 -11.02 8.93 7.30
C PHE A 57 -10.61 10.15 6.46
N GLY A 58 -10.11 9.95 5.23
CA GLY A 58 -9.79 11.03 4.29
C GLY A 58 -8.67 11.94 4.82
N VAL A 59 -9.01 13.20 5.07
CA VAL A 59 -8.08 14.22 5.62
C VAL A 59 -7.94 14.19 7.14
N ASN A 60 -8.76 13.38 7.84
CA ASN A 60 -8.65 13.14 9.29
C ASN A 60 -7.60 12.05 9.61
N CYS A 61 -7.30 11.19 8.63
CA CYS A 61 -6.38 10.07 8.68
C CYS A 61 -4.93 10.48 8.99
N LYS A 62 -4.27 9.75 9.89
CA LYS A 62 -2.86 9.96 10.30
C LYS A 62 -1.92 8.80 9.93
N ASN A 63 -2.42 7.73 9.30
CA ASN A 63 -1.62 6.57 8.91
C ASN A 63 -0.86 6.82 7.58
N ILE A 64 0.47 6.86 7.67
CA ILE A 64 1.36 7.23 6.55
C ILE A 64 1.28 6.26 5.36
N TYR A 65 1.02 4.98 5.63
CA TYR A 65 1.10 3.84 4.70
C TYR A 65 -0.27 3.14 4.53
N CYS A 66 -1.33 3.94 4.60
CA CYS A 66 -2.72 3.55 4.55
C CYS A 66 -3.13 3.12 3.13
N LEU A 67 -3.93 2.05 3.03
CA LEU A 67 -4.16 1.31 1.79
C LEU A 67 -5.45 1.75 1.08
N PHE A 68 -5.64 3.06 1.09
CA PHE A 68 -6.73 3.81 0.46
C PHE A 68 -6.22 5.22 0.09
N ARG A 69 -6.81 5.84 -0.94
CA ARG A 69 -6.49 7.22 -1.36
C ARG A 69 -7.21 8.26 -0.49
N HIS A 70 -6.68 9.49 -0.47
CA HIS A 70 -7.08 10.56 0.44
C HIS A 70 -7.31 11.88 -0.33
N PRO A 71 -8.25 12.75 0.09
CA PRO A 71 -8.49 14.04 -0.58
C PRO A 71 -7.27 14.99 -0.54
N PRO A 72 -7.25 16.05 -1.38
CA PRO A 72 -6.22 17.09 -1.37
C PRO A 72 -6.16 17.87 -0.04
N GLY A 73 -5.02 18.51 0.22
CA GLY A 73 -4.80 19.35 1.41
C GLY A 73 -4.59 18.57 2.73
N ARG A 74 -4.23 17.29 2.64
CA ARG A 74 -3.90 16.40 3.77
C ARG A 74 -2.53 16.73 4.36
N VAL A 75 -2.23 16.13 5.51
CA VAL A 75 -0.86 16.07 6.07
C VAL A 75 -0.55 14.66 6.58
N LEU A 76 0.60 14.13 6.17
CA LEU A 76 1.15 12.83 6.57
C LEU A 76 2.70 12.92 6.64
N PRO A 77 3.31 12.92 7.84
CA PRO A 77 4.75 13.09 7.99
C PRO A 77 5.55 11.85 7.57
N GLU A 78 6.49 12.01 6.64
CA GLU A 78 7.36 10.93 6.12
C GLU A 78 8.75 11.46 5.73
N LYS A 79 9.79 10.64 5.96
CA LYS A 79 11.13 10.78 5.35
C LYS A 79 11.55 9.43 4.76
N LYS A 80 11.96 9.41 3.48
CA LYS A 80 12.39 8.19 2.76
C LYS A 80 13.86 7.84 3.03
N GLY A 1 3.11 -19.44 2.02
CA GLY A 1 2.65 -19.02 0.67
C GLY A 1 3.26 -17.68 0.24
N PRO A 2 2.95 -17.17 -0.96
CA PRO A 2 3.53 -15.95 -1.51
C PRO A 2 3.18 -14.70 -0.69
N LEU A 3 4.20 -13.92 -0.36
CA LEU A 3 4.15 -12.66 0.40
C LEU A 3 5.44 -11.87 0.11
N GLY A 4 5.32 -10.67 -0.47
CA GLY A 4 6.45 -9.97 -1.09
C GLY A 4 7.03 -10.74 -2.30
N SER A 5 6.16 -11.40 -3.07
CA SER A 5 6.48 -12.33 -4.16
C SER A 5 5.27 -12.68 -5.05
N GLU A 6 4.20 -11.87 -5.06
CA GLU A 6 2.84 -12.36 -5.34
C GLU A 6 2.41 -12.49 -6.81
N LYS A 7 3.31 -12.10 -7.69
CA LYS A 7 3.31 -12.27 -9.16
C LYS A 7 2.11 -11.65 -9.87
N SER A 8 1.42 -10.75 -9.18
CA SER A 8 0.68 -9.68 -9.82
C SER A 8 1.08 -8.28 -9.33
N LEU A 9 1.04 -7.31 -10.25
CA LEU A 9 1.61 -5.96 -10.06
C LEU A 9 0.68 -5.01 -9.28
N GLU A 10 -0.60 -5.34 -9.15
CA GLU A 10 -1.55 -4.63 -8.29
C GLU A 10 -1.25 -4.89 -6.79
N GLN A 11 -1.68 -3.96 -5.93
CA GLN A 11 -1.51 -4.05 -4.47
C GLN A 11 -2.81 -4.39 -3.73
N CYS A 12 -2.69 -5.20 -2.67
CA CYS A 12 -3.72 -5.44 -1.67
C CYS A 12 -4.06 -4.18 -0.85
N LYS A 13 -5.17 -4.26 -0.11
CA LYS A 13 -5.71 -3.18 0.75
C LYS A 13 -5.53 -3.40 2.26
N PHE A 14 -4.96 -4.53 2.68
CA PHE A 14 -4.76 -4.86 4.10
C PHE A 14 -3.28 -4.97 4.54
N GLY A 15 -2.32 -5.05 3.61
CA GLY A 15 -0.89 -5.08 3.94
C GLY A 15 -0.49 -6.23 4.87
N THR A 16 0.23 -5.94 5.96
CA THR A 16 0.57 -6.90 7.02
C THR A 16 -0.64 -7.45 7.79
N HIS A 17 -1.80 -6.79 7.74
CA HIS A 17 -3.06 -7.24 8.34
C HIS A 17 -3.88 -8.16 7.42
N CYS A 18 -3.39 -8.47 6.21
CA CYS A 18 -4.06 -9.36 5.26
C CYS A 18 -4.23 -10.78 5.82
N THR A 19 -5.41 -11.37 5.63
CA THR A 19 -5.84 -12.61 6.28
C THR A 19 -5.67 -13.87 5.43
N ASN A 20 -5.21 -13.73 4.17
CA ASN A 20 -4.94 -14.85 3.24
C ASN A 20 -3.42 -15.01 3.01
N LYS A 21 -2.91 -16.24 3.18
CA LYS A 21 -1.47 -16.58 3.04
C LYS A 21 -1.03 -16.90 1.60
N ARG A 22 -1.97 -16.93 0.64
CA ARG A 22 -1.76 -17.16 -0.80
C ARG A 22 -2.27 -15.99 -1.66
N CYS A 23 -2.29 -14.78 -1.08
CA CYS A 23 -2.95 -13.62 -1.63
C CYS A 23 -2.26 -13.06 -2.89
N LYS A 24 -3.07 -12.67 -3.89
CA LYS A 24 -2.65 -12.53 -5.30
C LYS A 24 -1.93 -11.21 -5.64
N TYR A 25 -1.86 -10.28 -4.68
CA TYR A 25 -1.42 -8.89 -4.88
C TYR A 25 -0.22 -8.58 -4.00
N ARG A 26 0.51 -7.50 -4.30
CA ARG A 26 1.58 -6.99 -3.42
C ARG A 26 0.98 -6.59 -2.05
N HIS A 27 1.80 -6.53 -1.00
CA HIS A 27 1.38 -6.15 0.36
C HIS A 27 2.37 -5.15 0.98
N ALA A 28 1.89 -4.01 1.50
CA ALA A 28 2.73 -3.00 2.16
C ALA A 28 3.18 -3.45 3.57
N ARG A 29 4.49 -3.38 3.83
CA ARG A 29 5.14 -3.78 5.09
C ARG A 29 6.05 -2.71 5.69
N SER A 30 6.59 -1.80 4.88
CA SER A 30 7.54 -0.77 5.34
C SER A 30 6.85 0.49 5.90
N HIS A 31 7.66 1.41 6.44
CA HIS A 31 7.23 2.71 6.97
C HIS A 31 7.29 3.87 5.93
N ILE A 32 7.41 3.54 4.64
CA ILE A 32 7.64 4.52 3.54
C ILE A 32 6.93 4.00 2.28
N MET A 33 6.27 4.87 1.52
CA MET A 33 5.64 4.54 0.22
C MET A 33 6.61 4.78 -0.94
N CYS A 34 6.40 4.06 -2.04
CA CYS A 34 7.45 3.84 -3.04
C CYS A 34 7.70 5.05 -3.96
N ARG A 35 8.96 5.22 -4.38
CA ARG A 35 9.42 6.34 -5.22
C ARG A 35 8.82 6.40 -6.61
N GLU A 36 8.47 5.23 -7.18
CA GLU A 36 7.84 5.16 -8.49
C GLU A 36 6.30 5.11 -8.40
N GLY A 37 5.76 4.99 -7.18
CA GLY A 37 4.35 4.77 -6.91
C GLY A 37 3.85 3.48 -7.54
N ALA A 38 2.72 3.55 -8.24
CA ALA A 38 2.14 2.42 -8.98
C ALA A 38 2.83 2.15 -10.33
N ASN A 39 3.85 2.95 -10.71
CA ASN A 39 4.70 2.70 -11.87
C ASN A 39 5.87 1.75 -11.51
N CYS A 40 6.07 1.46 -10.22
CA CYS A 40 7.05 0.52 -9.73
C CYS A 40 6.79 -0.89 -10.28
N THR A 41 7.74 -1.47 -11.01
CA THR A 41 7.64 -2.78 -11.66
C THR A 41 7.98 -3.97 -10.75
N ARG A 42 8.27 -3.72 -9.48
CA ARG A 42 8.90 -4.68 -8.56
C ARG A 42 7.90 -5.49 -7.73
N ILE A 43 7.79 -6.79 -8.01
CA ILE A 43 6.90 -7.72 -7.28
C ILE A 43 7.36 -7.96 -5.83
N ASP A 44 8.66 -7.90 -5.56
CA ASP A 44 9.25 -8.10 -4.23
C ASP A 44 9.43 -6.81 -3.40
N CYS A 45 8.69 -5.74 -3.72
CA CYS A 45 8.87 -4.42 -3.14
C CYS A 45 7.75 -4.10 -2.13
N LEU A 46 8.15 -3.60 -0.97
CA LEU A 46 7.41 -3.76 0.29
C LEU A 46 6.97 -2.42 0.92
N PHE A 47 7.33 -1.32 0.25
CA PHE A 47 7.15 0.06 0.72
C PHE A 47 5.68 0.41 1.01
N GLY A 48 4.92 0.43 -0.08
CA GLY A 48 3.58 0.99 -0.20
C GLY A 48 3.39 1.48 -1.63
N HIS A 49 2.71 0.67 -2.43
CA HIS A 49 2.39 0.94 -3.83
C HIS A 49 0.88 1.28 -3.92
N PRO A 50 0.48 2.50 -4.36
CA PRO A 50 -0.89 2.99 -4.23
C PRO A 50 -1.93 2.20 -5.04
N ILE A 51 -3.20 2.35 -4.65
CA ILE A 51 -4.35 1.55 -5.11
C ILE A 51 -5.43 2.51 -5.60
N ASN A 52 -6.19 2.13 -6.63
CA ASN A 52 -7.27 2.95 -7.18
C ASN A 52 -8.54 2.80 -6.32
N GLU A 53 -8.47 3.28 -5.07
CA GLU A 53 -9.50 3.20 -4.03
C GLU A 53 -9.50 4.48 -3.18
N ASP A 54 -10.66 4.85 -2.63
CA ASP A 54 -10.88 6.08 -1.84
C ASP A 54 -11.01 5.78 -0.33
N CYS A 55 -10.23 6.49 0.51
CA CYS A 55 -10.12 6.18 1.94
C CYS A 55 -11.43 6.34 2.72
N ARG A 56 -11.58 5.49 3.74
CA ARG A 56 -12.70 5.46 4.69
C ARG A 56 -12.77 6.69 5.59
N PHE A 57 -11.70 7.48 5.67
CA PHE A 57 -11.56 8.64 6.56
C PHE A 57 -11.09 9.94 5.86
N GLY A 58 -10.47 9.86 4.67
CA GLY A 58 -10.12 11.01 3.85
C GLY A 58 -9.12 11.95 4.53
N VAL A 59 -9.58 13.15 4.90
CA VAL A 59 -8.78 14.15 5.64
C VAL A 59 -8.79 13.98 7.16
N ASN A 60 -9.62 13.06 7.69
CA ASN A 60 -9.59 12.66 9.10
C ASN A 60 -8.49 11.61 9.36
N CYS A 61 -8.14 10.85 8.32
CA CYS A 61 -7.08 9.83 8.29
C CYS A 61 -5.70 10.44 8.57
N LYS A 62 -4.97 9.81 9.51
CA LYS A 62 -3.61 10.20 9.94
C LYS A 62 -2.57 9.12 9.65
N ASN A 63 -2.96 8.03 9.00
CA ASN A 63 -2.04 6.98 8.54
C ASN A 63 -1.28 7.45 7.28
N ILE A 64 -0.04 6.99 7.17
CA ILE A 64 1.06 7.59 6.42
C ILE A 64 1.55 6.67 5.27
N TYR A 65 1.25 5.38 5.35
CA TYR A 65 1.43 4.35 4.32
C TYR A 65 0.14 3.53 4.14
N CYS A 66 -0.98 4.26 4.09
CA CYS A 66 -2.36 3.77 4.04
C CYS A 66 -2.74 3.30 2.62
N LEU A 67 -3.60 2.29 2.54
CA LEU A 67 -3.84 1.51 1.32
C LEU A 67 -5.12 1.93 0.57
N PHE A 68 -5.26 3.26 0.51
CA PHE A 68 -6.30 4.03 -0.15
C PHE A 68 -5.73 5.42 -0.49
N ARG A 69 -6.32 6.10 -1.49
CA ARG A 69 -6.02 7.50 -1.85
C ARG A 69 -6.84 8.48 -1.00
N HIS A 70 -6.35 9.71 -0.88
CA HIS A 70 -6.85 10.74 0.05
C HIS A 70 -6.99 12.12 -0.61
N PRO A 71 -7.88 13.00 -0.11
CA PRO A 71 -7.86 14.42 -0.45
C PRO A 71 -6.61 15.14 0.14
N PRO A 72 -6.22 16.31 -0.39
CA PRO A 72 -5.11 17.12 0.13
C PRO A 72 -5.45 17.79 1.47
N GLY A 73 -4.43 18.35 2.15
CA GLY A 73 -4.60 19.16 3.36
C GLY A 73 -4.88 18.39 4.65
N ARG A 74 -4.47 17.10 4.73
CA ARG A 74 -4.60 16.25 5.92
C ARG A 74 -3.32 16.22 6.76
N VAL A 75 -3.47 15.96 8.06
CA VAL A 75 -2.38 16.00 9.05
C VAL A 75 -1.77 14.62 9.29
N LEU A 76 -0.44 14.57 9.24
CA LEU A 76 0.35 13.33 9.27
C LEU A 76 1.51 13.34 10.31
N PRO A 77 1.84 12.19 10.93
CA PRO A 77 3.05 12.01 11.74
C PRO A 77 4.35 12.24 10.94
N GLU A 78 5.40 12.71 11.63
CA GLU A 78 6.70 13.06 11.02
C GLU A 78 7.68 11.87 11.02
N LYS A 79 7.25 10.74 10.46
CA LYS A 79 8.00 9.47 10.39
C LYS A 79 8.99 9.41 9.22
N LYS A 80 9.73 10.51 8.99
CA LYS A 80 10.69 10.71 7.89
C LYS A 80 11.99 11.39 8.31
#